data_8PXU
#
_entry.id   8PXU
#
_cell.length_a   96.707
_cell.length_b   170.738
_cell.length_c   172.368
_cell.angle_alpha   90.000
_cell.angle_beta   90.000
_cell.angle_gamma   90.000
#
_symmetry.space_group_name_H-M   'P 21 21 21'
#
loop_
_entity.id
_entity.type
_entity.pdbx_description
1 polymer Beta-N-acetylhexosaminidase
2 non-polymer 'CACODYLATE ION'
3 water water
#
_entity_poly.entity_id   1
_entity_poly.type   'polypeptide(L)'
_entity_poly.pdbx_seq_one_letter_code
;MQEQIIPKPAEITLFTGSPARLTPDSLIITETQDKAFLDQAGQLQQMLSAGTGLPLPLKPAGQASKKAACIVIKKDPALA
ARGEEAYSIQSSPSGIILSAADARGIFYAGQSLVQMMPSVFHDRTGDKSAVRWNISETPFRITDYPRFSWRALMIDEARH
FFGEKTIKQIIDQMALLKMNILHWHLTDDTGWRIEIKKYPRLTSIGSKRRESEIGTWNSGKSDGTPHEGFYTQEQIRDIV
QYAARRNITIVPEIEMPGHASAAAVAYPFLSLKTPGEVPTTFIVNTAFDPTSEKTYAFLSDVLDEVTAIFPGRIIHIGGD
EVRYDKQWKGVPEIEEFMKKNGMKSYADVQMHFTNRMSGIIAQKGRRMMGWNEIYGHDVNGDGGGKAGAKLDTNAVIQFW
KGNTSLAKNAIRDGHDVINSLHTSTYLDYSYGSIPLQKAYGFEPVFPGLEKQYHSRVKGLGAQVWTEWISTPERLHYQAF
PRACAFAEVGWTPAGKKDFPDFKKRLKAYSERMDLMGIKFARNVISQIDKSDFFNTPRIGTWTPATLTREEHSFDVTKLV
KASGKHTVTLLYDKGAHAIEIESVALYENSREVSRDAHAGRSGAHKENIQYILNAPAPRQGATYTVKANFKGAGGRDSHG
TVYFETPLEHHHHHH
;
_entity_poly.pdbx_strand_id   A,B,C
#
# COMPACT_ATOMS: atom_id res chain seq x y z
N GLN A 2 19.04 8.87 -10.03
CA GLN A 2 18.26 8.14 -9.03
C GLN A 2 17.42 7.07 -9.72
N GLU A 3 17.73 6.82 -10.99
CA GLU A 3 16.97 5.85 -11.77
C GLU A 3 17.69 4.51 -11.79
N GLN A 4 17.03 3.55 -12.41
CA GLN A 4 17.33 2.15 -12.21
C GLN A 4 17.56 1.46 -13.53
N ILE A 5 18.21 2.14 -14.48
CA ILE A 5 18.49 1.51 -15.75
C ILE A 5 19.38 0.27 -15.55
N ILE A 6 19.01 -0.81 -16.21
CA ILE A 6 19.89 -1.96 -16.40
C ILE A 6 20.16 -2.07 -17.89
N PRO A 7 21.42 -2.08 -18.33
CA PRO A 7 22.66 -2.00 -17.54
C PRO A 7 22.96 -0.61 -17.01
N LYS A 8 23.65 -0.54 -15.87
CA LYS A 8 24.07 0.76 -15.35
C LYS A 8 24.91 1.50 -16.39
N PRO A 9 24.56 2.73 -16.75
CA PRO A 9 25.34 3.46 -17.76
C PRO A 9 26.73 3.83 -17.27
N ALA A 10 27.58 4.19 -18.23
CA ALA A 10 28.98 4.51 -17.95
C ALA A 10 29.12 5.77 -17.10
N GLU A 11 28.47 6.86 -17.51
CA GLU A 11 28.66 8.16 -16.88
C GLU A 11 27.31 8.83 -16.67
N ILE A 12 27.05 9.22 -15.44
CA ILE A 12 25.82 9.94 -15.11
C ILE A 12 26.16 11.08 -14.17
N THR A 13 25.58 12.25 -14.43
CA THR A 13 25.72 13.42 -13.59
C THR A 13 24.32 13.94 -13.28
N LEU A 14 24.02 14.12 -12.00
CA LEU A 14 22.70 14.57 -11.56
C LEU A 14 22.73 16.05 -11.18
N PHE A 15 21.66 16.75 -11.52
CA PHE A 15 21.46 18.15 -11.17
C PHE A 15 20.21 18.29 -10.33
N THR A 16 20.14 19.36 -9.55
CA THR A 16 18.96 19.59 -8.74
C THR A 16 17.87 20.25 -9.57
N GLY A 17 16.64 20.09 -9.11
CA GLY A 17 15.48 20.64 -9.78
C GLY A 17 14.47 19.57 -10.15
N SER A 18 13.44 20.02 -10.86
CA SER A 18 12.37 19.17 -11.35
C SER A 18 12.80 18.44 -12.62
N PRO A 19 12.29 17.24 -12.85
CA PRO A 19 12.71 16.47 -14.02
C PRO A 19 11.91 16.83 -15.26
N ALA A 20 12.45 16.47 -16.42
CA ALA A 20 11.70 16.56 -17.66
C ALA A 20 10.46 15.67 -17.57
N ARG A 21 9.35 16.13 -18.15
CA ARG A 21 8.13 15.34 -18.20
C ARG A 21 7.53 15.39 -19.60
N LEU A 22 7.23 14.24 -20.17
CA LEU A 22 6.50 14.18 -21.43
C LEU A 22 5.00 14.36 -21.18
N THR A 23 4.37 15.24 -21.98
CA THR A 23 2.93 15.52 -21.88
C THR A 23 2.28 15.34 -23.26
N PRO A 24 0.96 15.51 -23.38
CA PRO A 24 0.35 15.51 -24.72
C PRO A 24 0.89 16.59 -25.65
N ASP A 25 1.53 17.63 -25.12
CA ASP A 25 2.08 18.70 -25.95
C ASP A 25 3.53 18.46 -26.37
N SER A 26 4.17 17.40 -25.88
CA SER A 26 5.58 17.15 -26.20
C SER A 26 5.75 16.75 -27.67
N LEU A 27 6.88 17.17 -28.23
CA LEU A 27 7.21 16.89 -29.61
C LEU A 27 8.49 16.06 -29.67
N ILE A 28 8.69 15.37 -30.80
CA ILE A 28 9.95 14.72 -31.11
C ILE A 28 10.52 15.44 -32.32
N ILE A 29 11.67 16.07 -32.13
CA ILE A 29 12.29 16.95 -33.11
C ILE A 29 13.67 16.40 -33.44
N THR A 30 13.98 16.30 -34.73
CA THR A 30 15.27 15.82 -35.18
C THR A 30 16.04 16.99 -35.80
N GLU A 31 17.10 17.42 -35.13
CA GLU A 31 17.97 18.48 -35.65
C GLU A 31 19.08 17.92 -36.52
N THR A 32 18.74 16.95 -37.36
CA THR A 32 19.60 16.45 -38.41
C THR A 32 18.72 15.80 -39.46
N GLN A 33 19.21 15.78 -40.70
CA GLN A 33 18.48 15.17 -41.80
C GLN A 33 19.13 13.86 -42.26
N ASP A 34 20.10 13.35 -41.51
CA ASP A 34 20.64 12.02 -41.76
C ASP A 34 19.51 10.99 -41.75
N LYS A 35 19.40 10.22 -42.84
CA LYS A 35 18.28 9.30 -42.98
C LYS A 35 18.25 8.26 -41.86
N ALA A 36 19.43 7.80 -41.43
CA ALA A 36 19.48 6.81 -40.35
C ALA A 36 18.93 7.40 -39.05
N PHE A 37 19.28 8.65 -38.76
CA PHE A 37 18.73 9.29 -37.57
C PHE A 37 17.24 9.56 -37.72
N LEU A 38 16.80 9.98 -38.91
CA LEU A 38 15.38 10.22 -39.14
C LEU A 38 14.58 8.93 -38.97
N ASP A 39 15.15 7.80 -39.38
CA ASP A 39 14.47 6.52 -39.17
C ASP A 39 14.31 6.20 -37.69
N GLN A 40 15.38 6.39 -36.92
CA GLN A 40 15.28 6.13 -35.49
C GLN A 40 14.23 7.01 -34.81
N ALA A 41 14.03 8.23 -35.32
CA ALA A 41 12.97 9.08 -34.78
C ALA A 41 11.60 8.46 -35.08
N GLY A 42 11.46 7.83 -36.24
CA GLY A 42 10.25 7.15 -36.60
C GLY A 42 9.84 6.09 -35.59
N GLN A 43 10.69 5.07 -35.39
CA GLN A 43 10.29 4.00 -34.49
C GLN A 43 10.34 4.44 -33.03
N LEU A 44 11.22 5.39 -32.69
CA LEU A 44 11.16 5.95 -31.33
C LEU A 44 9.81 6.56 -31.05
N GLN A 45 9.28 7.33 -32.01
CA GLN A 45 7.94 7.89 -31.87
C GLN A 45 6.89 6.79 -31.73
N GLN A 46 6.93 5.82 -32.64
CA GLN A 46 5.98 4.71 -32.59
C GLN A 46 6.04 4.00 -31.25
N MET A 47 7.25 3.64 -30.82
CA MET A 47 7.42 2.88 -29.57
C MET A 47 6.98 3.70 -28.36
N LEU A 48 7.42 4.96 -28.28
CA LEU A 48 7.10 5.79 -27.11
C LEU A 48 5.61 6.11 -27.03
N SER A 49 4.98 6.36 -28.17
CA SER A 49 3.57 6.74 -28.15
C SER A 49 2.68 5.55 -27.83
N ALA A 50 3.03 4.36 -28.33
CA ALA A 50 2.28 3.17 -27.99
C ALA A 50 2.36 2.89 -26.50
N GLY A 51 3.53 3.10 -25.90
CA GLY A 51 3.68 2.80 -24.48
C GLY A 51 2.99 3.81 -23.58
N THR A 52 3.05 5.10 -23.94
CA THR A 52 2.57 6.16 -23.08
C THR A 52 1.17 6.65 -23.40
N GLY A 53 0.68 6.43 -24.62
CA GLY A 53 -0.56 7.01 -25.07
C GLY A 53 -0.44 8.44 -25.51
N LEU A 54 0.74 9.07 -25.36
CA LEU A 54 0.94 10.45 -25.77
C LEU A 54 1.11 10.55 -27.29
N PRO A 55 0.63 11.64 -27.90
CA PRO A 55 0.79 11.77 -29.36
C PRO A 55 2.23 11.84 -29.81
N LEU A 56 3.04 12.68 -29.19
CA LEU A 56 4.45 12.83 -29.51
C LEU A 56 4.69 13.02 -31.01
N PRO A 57 4.13 14.07 -31.62
CA PRO A 57 4.29 14.24 -33.08
C PRO A 57 5.72 14.51 -33.46
N LEU A 58 6.10 13.99 -34.63
CA LEU A 58 7.35 14.38 -35.28
C LEU A 58 7.17 15.76 -35.89
N LYS A 59 7.91 16.75 -35.38
CA LYS A 59 7.76 18.14 -35.78
C LYS A 59 9.07 18.69 -36.34
N PRO A 60 9.01 19.68 -37.23
CA PRO A 60 10.23 20.14 -37.91
C PRO A 60 11.24 20.73 -36.93
N ALA A 61 12.52 20.55 -37.27
CA ALA A 61 13.62 21.13 -36.51
C ALA A 61 13.37 22.61 -36.28
N GLY A 62 13.06 22.97 -35.05
CA GLY A 62 12.77 24.36 -34.76
C GLY A 62 11.86 24.56 -33.56
N GLN A 63 10.73 25.24 -33.79
CA GLN A 63 9.97 25.81 -32.69
C GLN A 63 9.25 24.72 -31.91
N ALA A 64 9.78 24.42 -30.72
CA ALA A 64 9.10 23.70 -29.68
C ALA A 64 8.32 24.67 -28.80
N SER A 65 7.31 24.13 -28.13
CA SER A 65 6.44 24.95 -27.29
C SER A 65 7.03 25.09 -25.89
N LYS A 66 6.89 26.29 -25.31
CA LYS A 66 7.21 26.51 -23.91
C LYS A 66 6.25 25.77 -22.97
N LYS A 67 5.23 25.12 -23.51
CA LYS A 67 4.24 24.43 -22.70
C LYS A 67 4.67 23.02 -22.29
N ALA A 68 5.73 22.48 -22.89
CA ALA A 68 6.10 21.09 -22.62
C ALA A 68 7.48 20.78 -23.17
N ALA A 69 8.24 19.98 -22.42
CA ALA A 69 9.55 19.53 -22.86
C ALA A 69 9.43 18.66 -24.10
N CYS A 70 10.35 18.84 -25.04
CA CYS A 70 10.40 18.04 -26.25
C CYS A 70 11.62 17.12 -26.23
N ILE A 71 11.57 16.09 -27.07
CA ILE A 71 12.70 15.20 -27.31
C ILE A 71 13.40 15.67 -28.58
N VAL A 72 14.68 16.04 -28.44
CA VAL A 72 15.47 16.55 -29.56
C VAL A 72 16.58 15.54 -29.87
N ILE A 73 16.64 15.09 -31.11
CA ILE A 73 17.59 14.09 -31.58
C ILE A 73 18.70 14.79 -32.35
N LYS A 74 19.94 14.67 -31.88
CA LYS A 74 21.10 15.28 -32.52
C LYS A 74 22.10 14.21 -32.95
N LYS A 75 22.74 14.43 -34.09
CA LYS A 75 23.91 13.66 -34.50
C LYS A 75 25.15 14.43 -34.05
N ASP A 76 25.89 13.84 -33.12
CA ASP A 76 27.03 14.52 -32.50
C ASP A 76 28.25 13.60 -32.62
N PRO A 77 29.28 14.00 -33.39
CA PRO A 77 30.44 13.13 -33.58
C PRO A 77 31.35 13.04 -32.35
N ALA A 78 31.07 13.79 -31.29
CA ALA A 78 31.97 13.83 -30.14
C ALA A 78 32.12 12.48 -29.46
N LEU A 79 31.16 11.58 -29.63
CA LEU A 79 31.20 10.26 -29.03
C LEU A 79 31.69 9.19 -30.00
N ALA A 80 32.31 9.60 -31.11
CA ALA A 80 32.77 8.64 -32.11
C ALA A 80 33.77 7.64 -31.52
N ALA A 81 34.70 8.13 -30.70
CA ALA A 81 35.72 7.25 -30.13
C ALA A 81 35.12 6.19 -29.22
N ARG A 82 33.92 6.41 -28.71
CA ARG A 82 33.28 5.42 -27.85
C ARG A 82 32.54 4.34 -28.64
N GLY A 83 32.49 4.43 -29.97
CA GLY A 83 31.92 3.39 -30.79
C GLY A 83 30.50 3.70 -31.24
N GLU A 84 29.99 2.85 -32.12
CA GLU A 84 28.72 3.12 -32.78
C GLU A 84 27.51 2.90 -31.89
N GLU A 85 27.67 2.34 -30.69
CA GLU A 85 26.55 2.17 -29.78
C GLU A 85 26.46 3.26 -28.72
N ALA A 86 27.39 4.21 -28.72
CA ALA A 86 27.44 5.22 -27.68
C ALA A 86 26.37 6.30 -27.89
N TYR A 87 25.95 6.92 -26.79
CA TYR A 87 24.96 7.97 -26.87
C TYR A 87 25.07 8.86 -25.65
N SER A 88 24.32 9.95 -25.68
CA SER A 88 24.26 10.92 -24.60
C SER A 88 22.80 11.33 -24.38
N ILE A 89 22.46 11.59 -23.13
CA ILE A 89 21.13 12.13 -22.81
C ILE A 89 21.29 13.34 -21.91
N GLN A 90 20.66 14.44 -22.29
CA GLN A 90 20.56 15.63 -21.46
C GLN A 90 19.09 15.89 -21.22
N SER A 91 18.67 15.80 -19.96
CA SER A 91 17.26 15.85 -19.62
C SER A 91 16.98 16.95 -18.60
N SER A 92 16.03 17.83 -18.93
CA SER A 92 15.55 18.87 -18.05
C SER A 92 14.20 19.32 -18.56
N PRO A 93 13.44 20.10 -17.78
CA PRO A 93 12.18 20.62 -18.30
C PRO A 93 12.33 21.41 -19.60
N SER A 94 13.51 21.98 -19.87
CA SER A 94 13.74 22.64 -21.15
C SER A 94 13.63 21.67 -22.32
N GLY A 95 14.12 20.44 -22.14
CA GLY A 95 14.14 19.49 -23.24
C GLY A 95 14.89 18.21 -22.92
N ILE A 96 14.65 17.17 -23.72
CA ILE A 96 15.30 15.88 -23.57
C ILE A 96 16.12 15.66 -24.84
N ILE A 97 17.42 15.91 -24.77
CA ILE A 97 18.30 15.84 -25.93
C ILE A 97 18.95 14.46 -25.99
N LEU A 98 18.71 13.74 -27.09
CA LEU A 98 19.33 12.44 -27.33
C LEU A 98 20.37 12.61 -28.44
N SER A 99 21.64 12.35 -28.13
CA SER A 99 22.74 12.54 -29.06
C SER A 99 23.52 11.25 -29.25
N ALA A 100 24.06 11.08 -30.45
CA ALA A 100 24.88 9.92 -30.79
C ALA A 100 25.62 10.20 -32.09
N ALA A 101 26.80 9.59 -32.23
CA ALA A 101 27.53 9.70 -33.49
C ALA A 101 26.89 8.85 -34.57
N ASP A 102 26.29 7.73 -34.20
CA ASP A 102 25.69 6.77 -35.11
C ASP A 102 24.24 6.58 -34.71
N ALA A 103 23.39 6.26 -35.69
CA ALA A 103 21.95 6.13 -35.41
C ALA A 103 21.68 5.07 -34.35
N ARG A 104 22.51 4.03 -34.28
CA ARG A 104 22.25 2.95 -33.34
C ARG A 104 22.26 3.44 -31.90
N GLY A 105 23.06 4.47 -31.60
CA GLY A 105 23.08 5.02 -30.26
C GLY A 105 21.76 5.66 -29.86
N ILE A 106 21.03 6.21 -30.84
CA ILE A 106 19.74 6.81 -30.55
C ILE A 106 18.75 5.76 -30.05
N PHE A 107 18.76 4.57 -30.66
CA PHE A 107 17.88 3.49 -30.21
C PHE A 107 18.16 3.11 -28.76
N TYR A 108 19.45 3.03 -28.40
CA TYR A 108 19.79 2.73 -27.01
C TYR A 108 19.41 3.87 -26.09
N ALA A 109 19.55 5.12 -26.56
CA ALA A 109 19.08 6.24 -25.76
C ALA A 109 17.59 6.11 -25.45
N GLY A 110 16.80 5.63 -26.42
CA GLY A 110 15.38 5.43 -26.17
C GLY A 110 15.07 4.31 -25.20
N GLN A 111 15.86 3.23 -25.24
CA GLN A 111 15.67 2.17 -24.25
C GLN A 111 15.97 2.69 -22.86
N SER A 112 17.01 3.51 -22.72
CA SER A 112 17.29 4.12 -21.42
C SER A 112 16.15 5.03 -20.98
N LEU A 113 15.62 5.83 -21.91
CA LEU A 113 14.48 6.70 -21.62
C LEU A 113 13.30 5.92 -21.03
N VAL A 114 12.96 4.79 -21.67
CA VAL A 114 11.90 3.93 -21.15
C VAL A 114 12.18 3.52 -19.69
N GLN A 115 13.42 3.12 -19.41
CA GLN A 115 13.67 2.61 -18.07
C GLN A 115 13.71 3.72 -17.02
N MET A 116 13.69 4.98 -17.43
CA MET A 116 13.57 6.08 -16.49
C MET A 116 12.14 6.57 -16.32
N MET A 117 11.17 5.97 -16.99
CA MET A 117 9.76 6.32 -16.88
C MET A 117 9.01 5.26 -16.06
N PRO A 118 7.78 5.55 -15.62
CA PRO A 118 7.00 4.54 -14.88
C PRO A 118 6.88 3.23 -15.64
N SER A 119 6.99 2.11 -14.91
CA SER A 119 6.92 0.80 -15.54
C SER A 119 5.55 0.51 -16.16
N VAL A 120 4.51 1.24 -15.76
CA VAL A 120 3.19 1.05 -16.36
C VAL A 120 3.23 1.31 -17.87
N PHE A 121 4.28 1.95 -18.36
CA PHE A 121 4.55 2.06 -19.80
C PHE A 121 4.28 0.76 -20.55
N HIS A 122 4.71 -0.37 -19.99
CA HIS A 122 4.59 -1.67 -20.65
C HIS A 122 3.20 -2.30 -20.50
N ASP A 123 2.29 -1.67 -19.77
CA ASP A 123 0.99 -2.28 -19.53
C ASP A 123 0.14 -2.25 -20.79
N ARG A 124 -0.36 -3.43 -21.19
CA ARG A 124 -1.22 -3.52 -22.36
C ARG A 124 -2.65 -3.05 -22.12
N THR A 125 -3.05 -2.82 -20.87
CA THR A 125 -4.41 -2.37 -20.56
C THR A 125 -4.34 -1.15 -19.65
N GLY A 126 -5.51 -0.61 -19.32
CA GLY A 126 -5.63 0.41 -18.31
C GLY A 126 -5.58 1.83 -18.86
N ASP A 127 -6.09 2.76 -18.06
CA ASP A 127 -6.10 4.18 -18.38
C ASP A 127 -4.78 4.79 -17.94
N LYS A 128 -4.06 5.40 -18.88
CA LYS A 128 -2.78 6.02 -18.57
C LYS A 128 -2.86 7.54 -18.56
N SER A 129 -4.04 8.12 -18.80
CA SER A 129 -4.18 9.56 -18.94
C SER A 129 -3.78 10.35 -17.69
N ALA A 130 -3.64 9.69 -16.53
CA ALA A 130 -3.21 10.36 -15.32
C ALA A 130 -1.76 10.05 -14.95
N VAL A 131 -1.08 9.20 -15.72
CA VAL A 131 0.33 8.93 -15.44
C VAL A 131 1.16 10.18 -15.71
N ARG A 132 2.10 10.46 -14.80
CA ARG A 132 3.08 11.51 -14.97
C ARG A 132 4.32 10.90 -15.61
N TRP A 133 4.59 11.25 -16.86
CA TRP A 133 5.68 10.63 -17.62
C TRP A 133 6.98 11.38 -17.38
N ASN A 134 7.44 11.33 -16.13
CA ASN A 134 8.68 11.99 -15.76
C ASN A 134 9.87 11.17 -16.22
N ILE A 135 10.91 11.85 -16.70
CA ILE A 135 12.16 11.19 -17.06
C ILE A 135 13.03 11.24 -15.81
N SER A 136 12.98 10.17 -15.03
CA SER A 136 13.69 10.10 -13.76
C SER A 136 13.10 11.14 -12.81
N GLU A 137 13.83 11.51 -11.76
CA GLU A 137 13.33 12.43 -10.75
C GLU A 137 13.98 13.80 -10.75
N THR A 138 15.13 13.96 -11.42
CA THR A 138 15.78 15.27 -11.48
C THR A 138 16.29 15.53 -12.90
N PRO A 139 16.84 16.71 -13.18
CA PRO A 139 17.64 16.84 -14.40
C PRO A 139 18.90 16.00 -14.29
N PHE A 140 19.44 15.61 -15.43
CA PHE A 140 20.63 14.78 -15.45
C PHE A 140 21.30 14.87 -16.81
N ARG A 141 22.53 14.37 -16.85
CA ARG A 141 23.23 14.12 -18.09
C ARG A 141 23.83 12.73 -18.01
N ILE A 142 23.56 11.92 -19.04
CA ILE A 142 24.13 10.58 -19.17
C ILE A 142 25.02 10.57 -20.41
N THR A 143 26.22 10.04 -20.25
CA THR A 143 27.07 9.64 -21.38
C THR A 143 27.31 8.15 -21.24
N ASP A 144 26.96 7.40 -22.28
CA ASP A 144 26.87 5.96 -22.14
C ASP A 144 27.42 5.29 -23.39
N TYR A 145 28.00 4.11 -23.18
CA TYR A 145 28.69 3.32 -24.19
C TYR A 145 28.98 1.94 -23.58
N PRO A 146 29.10 0.90 -24.40
CA PRO A 146 29.30 -0.46 -23.86
C PRO A 146 30.77 -0.75 -23.56
N ARG A 147 31.00 -1.56 -22.52
CA ARG A 147 32.35 -2.00 -22.24
C ARG A 147 32.83 -3.03 -23.27
N PHE A 148 31.97 -3.96 -23.64
CA PHE A 148 32.30 -5.01 -24.62
C PHE A 148 31.43 -4.83 -25.86
N SER A 149 32.00 -5.11 -27.03
CA SER A 149 31.25 -5.01 -28.28
C SER A 149 30.36 -6.22 -28.54
N TRP A 150 30.58 -7.34 -27.86
CA TRP A 150 29.87 -8.59 -28.12
C TRP A 150 29.12 -8.96 -26.84
N ARG A 151 27.80 -8.77 -26.84
CA ARG A 151 26.96 -9.01 -25.66
C ARG A 151 25.84 -9.94 -26.09
N ALA A 152 26.08 -11.25 -26.00
CA ALA A 152 25.31 -12.23 -26.72
C ALA A 152 24.42 -13.06 -25.80
N LEU A 153 23.26 -13.41 -26.32
CA LEU A 153 22.37 -14.39 -25.71
C LEU A 153 22.14 -15.47 -26.75
N MET A 154 22.33 -16.72 -26.36
CA MET A 154 22.11 -17.85 -27.26
C MET A 154 20.80 -18.54 -26.92
N ILE A 155 19.99 -18.80 -27.93
CA ILE A 155 18.75 -19.55 -27.78
C ILE A 155 18.90 -20.82 -28.60
N ASP A 156 18.79 -21.97 -27.93
CA ASP A 156 18.80 -23.28 -28.57
C ASP A 156 17.37 -23.59 -29.00
N GLU A 157 17.12 -23.59 -30.32
CA GLU A 157 15.85 -24.06 -30.84
C GLU A 157 15.98 -25.43 -31.49
N ALA A 158 17.19 -25.98 -31.60
CA ALA A 158 17.35 -27.32 -32.12
C ALA A 158 16.77 -28.38 -31.18
N ARG A 159 17.00 -28.24 -29.88
CA ARG A 159 16.51 -29.25 -28.93
C ARG A 159 15.00 -29.18 -28.77
N HIS A 160 14.47 -27.97 -28.57
CA HIS A 160 13.03 -27.74 -28.66
C HIS A 160 12.81 -26.49 -29.51
N PHE A 161 11.86 -26.56 -30.44
CA PHE A 161 11.53 -25.43 -31.30
C PHE A 161 10.49 -24.56 -30.60
N PHE A 162 10.71 -23.25 -30.63
CA PHE A 162 9.81 -22.29 -30.00
C PHE A 162 9.10 -21.37 -30.98
N GLY A 163 9.80 -20.86 -32.00
CA GLY A 163 9.13 -20.17 -33.09
C GLY A 163 9.20 -18.66 -32.99
N GLU A 164 8.58 -18.03 -33.99
CA GLU A 164 8.79 -16.61 -34.23
C GLU A 164 8.27 -15.74 -33.09
N LYS A 165 7.06 -16.03 -32.59
CA LYS A 165 6.52 -15.20 -31.53
C LYS A 165 7.42 -15.23 -30.30
N THR A 166 7.88 -16.42 -29.89
CA THR A 166 8.71 -16.51 -28.69
C THR A 166 10.06 -15.82 -28.90
N ILE A 167 10.68 -16.02 -30.06
CA ILE A 167 12.00 -15.46 -30.27
C ILE A 167 11.94 -13.93 -30.30
N LYS A 168 10.85 -13.37 -30.87
CA LYS A 168 10.69 -11.91 -30.87
C LYS A 168 10.47 -11.37 -29.47
N GLN A 169 9.79 -12.13 -28.61
CA GLN A 169 9.65 -11.73 -27.21
C GLN A 169 11.00 -11.73 -26.50
N ILE A 170 11.85 -12.73 -26.80
CA ILE A 170 13.22 -12.75 -26.29
C ILE A 170 14.00 -11.55 -26.83
N ILE A 171 13.92 -11.31 -28.14
CA ILE A 171 14.61 -10.16 -28.75
C ILE A 171 14.20 -8.86 -28.04
N ASP A 172 12.91 -8.74 -27.72
CA ASP A 172 12.42 -7.55 -27.01
C ASP A 172 13.15 -7.37 -25.69
N GLN A 173 13.30 -8.45 -24.92
CA GLN A 173 14.03 -8.38 -23.67
C GLN A 173 15.49 -7.99 -23.90
N MET A 174 16.13 -8.63 -24.89
CA MET A 174 17.53 -8.32 -25.17
C MET A 174 17.71 -6.83 -25.49
N ALA A 175 16.88 -6.31 -26.39
CA ALA A 175 16.92 -4.90 -26.77
C ALA A 175 16.78 -3.99 -25.56
N LEU A 176 15.83 -4.30 -24.68
CA LEU A 176 15.61 -3.47 -23.50
C LEU A 176 16.82 -3.49 -22.56
N LEU A 177 17.59 -4.58 -22.59
CA LEU A 177 18.83 -4.74 -21.81
C LEU A 177 20.09 -4.40 -22.61
N LYS A 178 19.95 -3.91 -23.83
CA LYS A 178 21.07 -3.51 -24.70
C LYS A 178 22.00 -4.67 -25.06
N MET A 179 21.52 -5.91 -25.03
CA MET A 179 22.30 -7.03 -25.55
C MET A 179 22.18 -7.03 -27.07
N ASN A 180 23.31 -7.23 -27.76
CA ASN A 180 23.35 -6.93 -29.19
C ASN A 180 23.67 -8.13 -30.10
N ILE A 181 23.80 -9.33 -29.57
CA ILE A 181 24.04 -10.50 -30.41
C ILE A 181 23.03 -11.58 -30.04
N LEU A 182 22.25 -12.02 -31.03
CA LEU A 182 21.41 -13.21 -30.86
C LEU A 182 22.16 -14.37 -31.50
N HIS A 183 22.67 -15.26 -30.66
CA HIS A 183 23.34 -16.47 -31.12
C HIS A 183 22.27 -17.55 -31.25
N TRP A 184 22.01 -17.98 -32.45
CA TRP A 184 20.84 -18.80 -32.76
C TRP A 184 21.31 -20.23 -33.03
N HIS A 185 21.18 -21.11 -32.03
CA HIS A 185 21.59 -22.49 -32.16
C HIS A 185 20.46 -23.26 -32.82
N LEU A 186 20.51 -23.35 -34.15
CA LEU A 186 19.38 -23.84 -34.96
C LEU A 186 19.54 -25.27 -35.45
N THR A 187 20.69 -25.91 -35.25
CA THR A 187 20.84 -27.30 -35.65
C THR A 187 21.58 -28.09 -34.58
N ASP A 188 21.25 -29.37 -34.48
CA ASP A 188 21.86 -30.27 -33.50
C ASP A 188 21.37 -31.67 -33.81
N ASP A 189 21.67 -32.63 -32.92
CA ASP A 189 21.32 -34.02 -33.17
C ASP A 189 19.82 -34.24 -33.22
N THR A 190 19.05 -33.47 -32.47
CA THR A 190 17.63 -33.73 -32.29
C THR A 190 16.76 -32.79 -33.10
N GLY A 191 17.35 -31.97 -33.97
CA GLY A 191 16.56 -31.02 -34.72
C GLY A 191 17.34 -30.15 -35.67
N TRP A 192 16.75 -29.91 -36.84
CA TRP A 192 17.27 -29.00 -37.85
C TRP A 192 16.14 -28.01 -38.17
N ARG A 193 16.37 -26.72 -37.89
CA ARG A 193 15.30 -25.73 -37.83
C ARG A 193 15.34 -24.69 -38.96
N ILE A 194 16.23 -24.81 -39.94
CA ILE A 194 16.34 -23.86 -41.04
C ILE A 194 15.99 -24.57 -42.33
N GLU A 195 15.04 -24.04 -43.09
CA GLU A 195 14.77 -24.66 -44.37
C GLU A 195 15.89 -24.34 -45.36
N ILE A 196 16.34 -25.37 -46.06
CA ILE A 196 17.34 -25.26 -47.11
C ILE A 196 16.68 -25.72 -48.39
N LYS A 197 16.57 -24.81 -49.38
CA LYS A 197 15.80 -25.11 -50.58
C LYS A 197 16.42 -26.26 -51.37
N LYS A 198 17.75 -26.29 -51.50
CA LYS A 198 18.41 -27.36 -52.25
C LYS A 198 18.23 -28.72 -51.58
N TYR A 199 18.08 -28.75 -50.26
CA TYR A 199 17.97 -30.00 -49.50
C TYR A 199 16.71 -29.97 -48.64
N PRO A 200 15.56 -30.31 -49.23
CA PRO A 200 14.29 -30.21 -48.49
C PRO A 200 14.18 -31.19 -47.34
N ARG A 201 14.94 -32.28 -47.35
CA ARG A 201 14.84 -33.27 -46.28
C ARG A 201 15.43 -32.78 -44.97
N LEU A 202 16.26 -31.74 -44.99
CA LEU A 202 16.79 -31.19 -43.74
C LEU A 202 15.64 -30.77 -42.82
N THR A 203 14.57 -30.22 -43.39
CA THR A 203 13.39 -29.86 -42.61
C THR A 203 12.27 -30.89 -42.70
N SER A 204 12.04 -31.50 -43.88
CA SER A 204 10.97 -32.49 -43.99
C SER A 204 11.26 -33.72 -43.14
N ILE A 205 12.53 -34.02 -42.89
CA ILE A 205 12.94 -35.11 -42.02
C ILE A 205 13.54 -34.59 -40.72
N GLY A 206 14.56 -33.73 -40.83
CA GLY A 206 15.35 -33.35 -39.68
C GLY A 206 14.61 -32.52 -38.65
N SER A 207 13.48 -31.93 -39.01
CA SER A 207 12.71 -31.10 -38.10
C SER A 207 11.60 -31.87 -37.41
N LYS A 208 11.61 -33.20 -37.51
CA LYS A 208 10.61 -34.04 -36.89
C LYS A 208 11.29 -35.11 -36.05
N ARG A 209 10.72 -35.39 -34.89
CA ARG A 209 11.13 -36.54 -34.10
C ARG A 209 9.92 -37.08 -33.36
N ARG A 210 10.02 -38.36 -32.98
CA ARG A 210 8.88 -39.13 -32.51
C ARG A 210 8.51 -38.80 -31.06
N GLU A 211 9.49 -38.51 -30.22
CA GLU A 211 9.26 -38.24 -28.80
C GLU A 211 10.52 -37.56 -28.25
N SER A 212 10.45 -37.14 -26.99
CA SER A 212 11.58 -36.49 -26.33
C SER A 212 11.82 -37.09 -24.95
N GLU A 213 13.07 -37.46 -24.68
CA GLU A 213 13.52 -37.72 -23.32
C GLU A 213 13.19 -36.52 -22.44
N ILE A 214 12.78 -36.76 -21.19
CA ILE A 214 12.44 -35.66 -20.30
C ILE A 214 13.15 -35.81 -18.95
N GLY A 215 13.16 -34.71 -18.19
CA GLY A 215 13.66 -34.75 -16.83
C GLY A 215 15.13 -34.44 -16.72
N THR A 216 15.97 -35.34 -17.23
CA THR A 216 17.42 -35.17 -17.25
C THR A 216 18.02 -36.25 -18.15
N TRP A 217 19.32 -36.13 -18.42
CA TRP A 217 20.03 -37.12 -19.22
C TRP A 217 19.97 -38.50 -18.54
N ASN A 218 19.68 -39.53 -19.33
CA ASN A 218 19.60 -40.91 -18.83
C ASN A 218 18.47 -41.08 -17.83
N SER A 219 17.40 -40.30 -17.95
CA SER A 219 16.35 -40.38 -16.95
C SER A 219 15.58 -41.68 -17.03
N GLY A 220 15.51 -42.31 -18.21
CA GLY A 220 14.59 -43.40 -18.44
C GLY A 220 13.17 -42.97 -18.68
N LYS A 221 12.91 -41.67 -18.77
CA LYS A 221 11.57 -41.12 -18.97
C LYS A 221 11.48 -40.47 -20.34
N SER A 222 10.34 -40.66 -20.99
CA SER A 222 10.04 -40.02 -22.26
C SER A 222 8.65 -39.40 -22.19
N ASP A 223 8.38 -38.45 -23.08
CA ASP A 223 7.05 -37.84 -23.14
C ASP A 223 6.13 -38.51 -24.16
N GLY A 224 6.67 -39.38 -25.01
CA GLY A 224 5.87 -40.06 -26.03
C GLY A 224 5.14 -39.12 -26.97
N THR A 225 5.54 -37.85 -27.03
CA THR A 225 4.85 -36.87 -27.87
C THR A 225 5.73 -36.46 -29.03
N PRO A 226 5.25 -36.54 -30.26
CA PRO A 226 6.02 -36.00 -31.39
C PRO A 226 6.36 -34.53 -31.17
N HIS A 227 7.51 -34.12 -31.69
CA HIS A 227 7.90 -32.72 -31.67
C HIS A 227 8.45 -32.32 -33.03
N GLU A 228 7.96 -31.21 -33.57
CA GLU A 228 8.41 -30.77 -34.88
C GLU A 228 8.33 -29.25 -34.96
N GLY A 229 9.00 -28.71 -35.97
CA GLY A 229 8.93 -27.29 -36.29
C GLY A 229 10.23 -26.82 -36.93
N PHE A 230 10.10 -25.74 -37.70
CA PHE A 230 11.27 -25.12 -38.32
C PHE A 230 10.87 -23.73 -38.79
N TYR A 231 11.88 -22.94 -39.15
CA TYR A 231 11.69 -21.62 -39.70
C TYR A 231 11.84 -21.67 -41.21
N THR A 232 10.96 -20.96 -41.92
CA THR A 232 11.15 -20.73 -43.35
C THR A 232 12.13 -19.57 -43.54
N GLN A 233 12.68 -19.49 -44.77
CA GLN A 233 13.61 -18.43 -45.08
C GLN A 233 12.95 -17.06 -45.03
N GLU A 234 11.65 -17.00 -45.32
CA GLU A 234 10.92 -15.74 -45.16
C GLU A 234 10.84 -15.34 -43.70
N GLN A 235 10.54 -16.29 -42.82
CA GLN A 235 10.47 -15.97 -41.40
C GLN A 235 11.82 -15.50 -40.87
N ILE A 236 12.90 -16.15 -41.30
CA ILE A 236 14.24 -15.73 -40.87
C ILE A 236 14.53 -14.31 -41.34
N ARG A 237 14.21 -13.99 -42.60
CA ARG A 237 14.41 -12.62 -43.07
C ARG A 237 13.63 -11.62 -42.23
N ASP A 238 12.39 -11.98 -41.85
CA ASP A 238 11.60 -11.12 -40.99
C ASP A 238 12.27 -10.93 -39.63
N ILE A 239 12.66 -12.02 -38.97
CA ILE A 239 13.26 -11.93 -37.64
C ILE A 239 14.59 -11.17 -37.71
N VAL A 240 15.37 -11.40 -38.76
CA VAL A 240 16.61 -10.66 -38.93
C VAL A 240 16.33 -9.15 -38.92
N GLN A 241 15.30 -8.72 -39.66
CA GLN A 241 14.97 -7.30 -39.70
C GLN A 241 14.44 -6.81 -38.36
N TYR A 242 13.53 -7.58 -37.75
CA TYR A 242 13.01 -7.25 -36.43
C TYR A 242 14.16 -7.05 -35.42
N ALA A 243 15.14 -7.96 -35.41
CA ALA A 243 16.24 -7.84 -34.47
C ALA A 243 17.17 -6.68 -34.84
N ALA A 244 17.41 -6.46 -36.14
CA ALA A 244 18.33 -5.40 -36.54
C ALA A 244 17.79 -4.01 -36.20
N ARG A 245 16.46 -3.83 -36.29
CA ARG A 245 15.87 -2.56 -35.91
C ARG A 245 16.05 -2.29 -34.43
N ARG A 246 16.38 -3.33 -33.65
CA ARG A 246 16.57 -3.22 -32.21
C ARG A 246 18.04 -3.44 -31.84
N ASN A 247 18.95 -3.10 -32.75
CA ASN A 247 20.38 -3.09 -32.50
C ASN A 247 20.97 -4.48 -32.28
N ILE A 248 20.36 -5.53 -32.83
CA ILE A 248 20.80 -6.90 -32.61
C ILE A 248 21.20 -7.54 -33.94
N THR A 249 22.41 -8.11 -33.98
CA THR A 249 22.89 -8.91 -35.11
C THR A 249 22.69 -10.38 -34.78
N ILE A 250 22.14 -11.15 -35.71
CA ILE A 250 21.96 -12.57 -35.47
C ILE A 250 23.20 -13.31 -35.93
N VAL A 251 23.70 -14.20 -35.06
CA VAL A 251 24.78 -15.12 -35.42
C VAL A 251 24.17 -16.52 -35.51
N PRO A 252 23.94 -17.04 -36.71
CA PRO A 252 23.42 -18.40 -36.82
C PRO A 252 24.53 -19.42 -36.56
N GLU A 253 24.16 -20.53 -35.92
CA GLU A 253 25.09 -21.64 -35.70
C GLU A 253 24.58 -22.87 -36.45
N ILE A 254 25.39 -23.37 -37.38
CA ILE A 254 25.18 -24.65 -38.04
C ILE A 254 26.18 -25.64 -37.46
N GLU A 255 25.72 -26.57 -36.63
CA GLU A 255 26.63 -27.46 -35.93
C GLU A 255 27.36 -28.39 -36.89
N MET A 256 28.67 -28.50 -36.71
CA MET A 256 29.53 -29.41 -37.46
C MET A 256 30.89 -29.46 -36.76
N PRO A 257 31.62 -30.58 -36.87
CA PRO A 257 31.14 -31.81 -37.50
C PRO A 257 30.36 -32.69 -36.53
N GLY A 258 30.41 -32.39 -35.24
CA GLY A 258 29.57 -33.08 -34.28
C GLY A 258 28.14 -32.55 -34.31
N HIS A 259 27.34 -33.06 -33.38
CA HIS A 259 25.95 -32.62 -33.19
C HIS A 259 25.17 -32.58 -34.50
N ALA A 260 25.29 -33.65 -35.28
CA ALA A 260 24.81 -33.63 -36.65
C ALA A 260 23.86 -34.78 -36.99
N SER A 261 23.22 -35.41 -35.99
CA SER A 261 22.34 -36.54 -36.25
C SER A 261 21.21 -36.19 -37.22
N ALA A 262 20.53 -35.06 -37.00
CA ALA A 262 19.37 -34.73 -37.83
C ALA A 262 19.76 -34.56 -39.29
N ALA A 263 20.86 -33.86 -39.54
CA ALA A 263 21.33 -33.68 -40.91
C ALA A 263 21.66 -35.01 -41.57
N ALA A 264 22.27 -35.93 -40.80
CA ALA A 264 22.64 -37.23 -41.36
C ALA A 264 21.41 -38.07 -41.67
N VAL A 265 20.44 -38.13 -40.75
CA VAL A 265 19.22 -38.89 -41.06
C VAL A 265 18.57 -38.35 -42.33
N ALA A 266 18.65 -37.04 -42.55
CA ALA A 266 18.09 -36.46 -43.77
C ALA A 266 18.86 -36.91 -45.00
N TYR A 267 20.19 -36.92 -44.93
CA TYR A 267 21.05 -37.32 -46.04
C TYR A 267 22.17 -38.20 -45.48
N PRO A 268 21.98 -39.52 -45.49
CA PRO A 268 22.85 -40.41 -44.68
C PRO A 268 24.29 -40.48 -45.14
N PHE A 269 24.62 -40.09 -46.38
CA PHE A 269 26.02 -40.12 -46.80
C PHE A 269 26.90 -39.15 -46.00
N LEU A 270 26.29 -38.23 -45.26
CA LEU A 270 27.05 -37.22 -44.53
C LEU A 270 27.78 -37.79 -43.33
N SER A 271 27.40 -38.97 -42.86
CA SER A 271 28.02 -39.54 -41.67
C SER A 271 28.32 -41.02 -41.89
N LEU A 272 29.44 -41.45 -41.33
CA LEU A 272 29.82 -42.86 -41.37
C LEU A 272 29.00 -43.72 -40.42
N LYS A 273 28.21 -43.12 -39.52
CA LYS A 273 27.40 -43.85 -38.55
C LYS A 273 26.05 -43.15 -38.38
N THR A 274 25.33 -43.00 -39.48
CA THR A 274 24.03 -42.32 -39.46
C THR A 274 23.01 -43.10 -38.65
N PRO A 275 22.30 -42.46 -37.72
CA PRO A 275 21.26 -43.17 -36.96
C PRO A 275 20.06 -43.54 -37.82
N GLY A 276 19.28 -44.50 -37.30
CA GLY A 276 18.12 -45.00 -38.04
C GLY A 276 16.99 -43.99 -38.14
N GLU A 277 16.82 -43.15 -37.13
CA GLU A 277 15.88 -42.04 -37.18
C GLU A 277 16.42 -40.91 -36.30
N VAL A 278 15.82 -39.73 -36.42
CA VAL A 278 16.20 -38.57 -35.64
C VAL A 278 16.16 -38.97 -34.16
N PRO A 279 17.26 -38.85 -33.41
CA PRO A 279 17.28 -39.33 -32.03
C PRO A 279 16.18 -38.72 -31.19
N THR A 280 15.71 -39.52 -30.23
CA THR A 280 14.69 -39.11 -29.29
C THR A 280 15.23 -38.90 -27.89
N THR A 281 16.53 -39.11 -27.70
CA THR A 281 17.22 -38.83 -26.45
C THR A 281 18.34 -37.83 -26.72
N PHE A 282 18.83 -37.22 -25.65
CA PHE A 282 19.80 -36.15 -25.79
C PHE A 282 21.23 -36.61 -25.51
N ILE A 283 21.50 -37.90 -25.73
CA ILE A 283 22.82 -38.48 -25.51
C ILE A 283 23.38 -39.10 -26.77
N VAL A 284 22.74 -38.91 -27.92
CA VAL A 284 23.23 -39.40 -29.20
C VAL A 284 23.87 -38.25 -29.96
N ASN A 285 25.16 -38.40 -30.30
CA ASN A 285 25.95 -37.32 -30.89
C ASN A 285 26.64 -37.89 -32.13
N THR A 286 26.08 -37.59 -33.30
CA THR A 286 26.60 -38.08 -34.58
C THR A 286 27.55 -37.05 -35.20
N ALA A 287 28.62 -37.55 -35.82
CA ALA A 287 29.62 -36.72 -36.47
C ALA A 287 29.58 -36.91 -37.98
N PHE A 288 29.68 -35.80 -38.71
CA PHE A 288 29.86 -35.83 -40.14
C PHE A 288 31.12 -36.60 -40.53
N ASP A 289 31.14 -37.10 -41.76
CA ASP A 289 32.28 -37.77 -42.35
C ASP A 289 33.26 -36.73 -42.89
N PRO A 290 34.41 -36.55 -42.23
CA PRO A 290 35.35 -35.51 -42.67
C PRO A 290 36.23 -35.94 -43.83
N THR A 291 36.18 -37.19 -44.24
CA THR A 291 37.03 -37.72 -45.30
C THR A 291 36.40 -37.66 -46.68
N SER A 292 35.12 -37.31 -46.79
CA SER A 292 34.40 -37.38 -48.05
C SER A 292 34.21 -35.99 -48.64
N GLU A 293 34.38 -35.89 -49.96
CA GLU A 293 34.16 -34.62 -50.65
C GLU A 293 32.69 -34.22 -50.62
N LYS A 294 31.78 -35.19 -50.61
CA LYS A 294 30.35 -34.85 -50.58
C LYS A 294 29.98 -34.10 -49.30
N THR A 295 30.71 -34.34 -48.21
CA THR A 295 30.46 -33.60 -46.97
C THR A 295 30.68 -32.10 -47.18
N TYR A 296 31.88 -31.73 -47.63
CA TYR A 296 32.21 -30.31 -47.73
C TYR A 296 31.35 -29.62 -48.78
N ALA A 297 31.05 -30.30 -49.89
CA ALA A 297 30.17 -29.70 -50.89
C ALA A 297 28.79 -29.45 -50.33
N PHE A 298 28.23 -30.42 -49.61
CA PHE A 298 26.92 -30.24 -48.99
C PHE A 298 26.92 -29.07 -48.02
N LEU A 299 27.92 -29.01 -47.13
CA LEU A 299 27.97 -27.94 -46.14
C LEU A 299 28.15 -26.59 -46.81
N SER A 300 29.00 -26.51 -47.84
CA SER A 300 29.18 -25.25 -48.54
C SER A 300 27.88 -24.78 -49.18
N ASP A 301 27.09 -25.72 -49.73
CA ASP A 301 25.78 -25.36 -50.26
C ASP A 301 24.88 -24.80 -49.17
N VAL A 302 24.80 -25.49 -48.04
CA VAL A 302 23.99 -25.01 -46.93
C VAL A 302 24.40 -23.59 -46.54
N LEU A 303 25.71 -23.34 -46.46
CA LEU A 303 26.19 -22.03 -46.03
C LEU A 303 25.92 -20.95 -47.07
N ASP A 304 25.78 -21.32 -48.34
CA ASP A 304 25.34 -20.35 -49.34
C ASP A 304 23.97 -19.79 -49.00
N GLU A 305 23.02 -20.67 -48.65
CA GLU A 305 21.67 -20.20 -48.35
C GLU A 305 21.64 -19.47 -47.00
N VAL A 306 22.45 -19.93 -46.04
CA VAL A 306 22.59 -19.22 -44.77
C VAL A 306 23.15 -17.82 -45.01
N THR A 307 24.20 -17.72 -45.83
CA THR A 307 24.76 -16.42 -46.19
C THR A 307 23.71 -15.49 -46.79
N ALA A 308 22.77 -16.04 -47.55
CA ALA A 308 21.82 -15.20 -48.28
C ALA A 308 20.75 -14.60 -47.37
N ILE A 309 20.41 -15.28 -46.27
CA ILE A 309 19.35 -14.82 -45.40
C ILE A 309 19.87 -14.25 -44.07
N PHE A 310 21.14 -14.48 -43.75
CA PHE A 310 21.75 -13.92 -42.55
C PHE A 310 22.84 -12.93 -42.93
N PRO A 311 22.59 -11.62 -42.81
CA PRO A 311 23.57 -10.63 -43.28
C PRO A 311 24.82 -10.51 -42.39
N GLY A 312 24.82 -11.05 -41.18
CA GLY A 312 25.92 -10.78 -40.26
C GLY A 312 27.24 -11.35 -40.74
N ARG A 313 28.32 -10.66 -40.38
CA ARG A 313 29.65 -11.09 -40.84
C ARG A 313 30.07 -12.43 -40.24
N ILE A 314 29.61 -12.78 -39.04
CA ILE A 314 30.06 -13.99 -38.34
C ILE A 314 29.08 -15.12 -38.61
N ILE A 315 29.61 -16.28 -39.02
CA ILE A 315 28.85 -17.53 -39.10
C ILE A 315 29.48 -18.53 -38.13
N HIS A 316 28.66 -19.02 -37.19
CA HIS A 316 29.10 -19.95 -36.15
C HIS A 316 28.91 -21.37 -36.66
N ILE A 317 29.94 -22.20 -36.57
CA ILE A 317 29.80 -23.58 -37.03
C ILE A 317 30.03 -24.60 -35.92
N GLY A 318 29.92 -24.17 -34.66
CA GLY A 318 29.99 -25.11 -33.56
C GLY A 318 31.36 -25.72 -33.40
N GLY A 319 31.46 -27.04 -33.58
CA GLY A 319 32.71 -27.75 -33.41
C GLY A 319 32.86 -28.47 -32.08
N ASP A 320 31.92 -28.29 -31.17
CA ASP A 320 32.07 -28.87 -29.84
C ASP A 320 31.82 -30.36 -29.84
N GLU A 321 32.50 -31.05 -28.93
CA GLU A 321 32.08 -32.38 -28.47
C GLU A 321 32.00 -33.41 -29.61
N VAL A 322 33.00 -33.42 -30.50
CA VAL A 322 33.07 -34.49 -31.48
C VAL A 322 33.48 -35.77 -30.75
N ARG A 323 32.58 -36.75 -30.71
CA ARG A 323 32.83 -37.98 -29.95
C ARG A 323 33.73 -38.89 -30.80
N TYR A 324 35.02 -38.58 -30.78
CA TYR A 324 35.99 -39.25 -31.63
C TYR A 324 35.96 -40.76 -31.43
N ASP A 325 35.97 -41.19 -30.17
CA ASP A 325 36.09 -42.61 -29.87
C ASP A 325 34.86 -43.39 -30.34
N LYS A 326 33.70 -42.74 -30.38
CA LYS A 326 32.45 -43.41 -30.75
C LYS A 326 32.09 -43.25 -32.23
N GLN A 327 32.67 -42.28 -32.93
CA GLN A 327 32.26 -41.97 -34.29
C GLN A 327 33.32 -42.26 -35.35
N TRP A 328 34.59 -42.09 -35.02
CA TRP A 328 35.65 -42.12 -36.03
C TRP A 328 36.68 -43.20 -35.78
N LYS A 329 37.07 -43.43 -34.52
CA LYS A 329 38.08 -44.42 -34.20
C LYS A 329 37.66 -45.81 -34.69
N GLY A 330 38.56 -46.48 -35.40
CA GLY A 330 38.29 -47.79 -35.94
C GLY A 330 37.56 -47.82 -37.26
N VAL A 331 36.95 -46.71 -37.67
CA VAL A 331 36.27 -46.68 -38.97
C VAL A 331 37.34 -46.70 -40.08
N PRO A 332 37.24 -47.59 -41.06
CA PRO A 332 38.31 -47.69 -42.08
C PRO A 332 38.49 -46.41 -42.89
N GLU A 333 37.41 -45.71 -43.23
CA GLU A 333 37.55 -44.43 -43.93
C GLU A 333 38.44 -43.47 -43.14
N ILE A 334 38.25 -43.41 -41.83
CA ILE A 334 39.03 -42.49 -41.00
C ILE A 334 40.49 -42.91 -40.98
N GLU A 335 40.77 -44.17 -40.61
CA GLU A 335 42.14 -44.60 -40.40
C GLU A 335 42.96 -44.51 -41.69
N GLU A 336 42.35 -44.82 -42.83
CA GLU A 336 43.04 -44.68 -44.10
C GLU A 336 43.29 -43.21 -44.44
N PHE A 337 42.32 -42.35 -44.15
CA PHE A 337 42.48 -40.92 -44.38
C PHE A 337 43.62 -40.35 -43.54
N MET A 338 43.72 -40.80 -42.28
CA MET A 338 44.80 -40.31 -41.42
C MET A 338 46.17 -40.79 -41.90
N LYS A 339 46.28 -42.07 -42.25
CA LYS A 339 47.53 -42.56 -42.84
C LYS A 339 47.85 -41.82 -44.12
N LYS A 340 46.85 -41.69 -45.01
CA LYS A 340 47.04 -40.99 -46.27
C LYS A 340 47.51 -39.55 -46.07
N ASN A 341 47.15 -38.92 -44.95
CA ASN A 341 47.45 -37.52 -44.72
C ASN A 341 48.47 -37.30 -43.60
N GLY A 342 49.07 -38.37 -43.07
CA GLY A 342 50.08 -38.24 -42.05
C GLY A 342 49.59 -37.74 -40.70
N MET A 343 48.30 -37.90 -40.42
CA MET A 343 47.73 -37.43 -39.17
C MET A 343 47.94 -38.46 -38.06
N LYS A 344 48.30 -37.97 -36.87
CA LYS A 344 48.58 -38.83 -35.73
C LYS A 344 47.44 -38.93 -34.72
N SER A 345 46.47 -38.02 -34.74
CA SER A 345 45.39 -38.05 -33.77
C SER A 345 44.09 -37.62 -34.42
N TYR A 346 42.98 -37.98 -33.78
CA TYR A 346 41.68 -37.58 -34.32
C TYR A 346 41.45 -36.07 -34.22
N ALA A 347 42.15 -35.38 -33.32
CA ALA A 347 42.07 -33.91 -33.33
C ALA A 347 42.67 -33.34 -34.60
N ASP A 348 43.64 -34.05 -35.21
CA ASP A 348 44.12 -33.64 -36.53
C ASP A 348 43.03 -33.74 -37.58
N VAL A 349 42.14 -34.74 -37.45
CA VAL A 349 41.05 -34.89 -38.41
C VAL A 349 40.12 -33.68 -38.31
N GLN A 350 39.66 -33.36 -37.10
CA GLN A 350 38.75 -32.23 -36.96
C GLN A 350 39.42 -30.93 -37.36
N MET A 351 40.72 -30.76 -37.03
CA MET A 351 41.42 -29.54 -37.43
C MET A 351 41.44 -29.40 -38.95
N HIS A 352 41.64 -30.51 -39.67
CA HIS A 352 41.54 -30.47 -41.12
C HIS A 352 40.15 -30.04 -41.56
N PHE A 353 39.11 -30.58 -40.92
CA PHE A 353 37.75 -30.17 -41.24
C PHE A 353 37.55 -28.69 -40.94
N THR A 354 37.94 -28.25 -39.74
CA THR A 354 37.74 -26.87 -39.33
C THR A 354 38.41 -25.90 -40.31
N ASN A 355 39.69 -26.13 -40.61
CA ASN A 355 40.40 -25.20 -41.47
C ASN A 355 39.85 -25.22 -42.89
N ARG A 356 39.30 -26.35 -43.33
CA ARG A 356 38.66 -26.34 -44.64
C ARG A 356 37.34 -25.57 -44.60
N MET A 357 36.56 -25.75 -43.53
CA MET A 357 35.32 -24.97 -43.39
C MET A 357 35.62 -23.48 -43.25
N SER A 358 36.73 -23.14 -42.59
CA SER A 358 37.09 -21.74 -42.42
C SER A 358 37.32 -21.08 -43.77
N GLY A 359 38.00 -21.76 -44.69
CA GLY A 359 38.21 -21.19 -46.01
C GLY A 359 36.95 -21.10 -46.83
N ILE A 360 36.09 -22.13 -46.77
CA ILE A 360 34.80 -22.08 -47.46
C ILE A 360 33.99 -20.89 -46.97
N ILE A 361 34.03 -20.61 -45.68
CA ILE A 361 33.28 -19.49 -45.13
C ILE A 361 33.88 -18.17 -45.59
N ALA A 362 35.22 -18.06 -45.61
CA ALA A 362 35.85 -16.81 -46.03
C ALA A 362 35.61 -16.52 -47.50
N GLN A 363 35.51 -17.56 -48.34
CA GLN A 363 35.22 -17.35 -49.75
C GLN A 363 33.82 -16.78 -49.98
N LYS A 364 32.92 -16.92 -49.02
CA LYS A 364 31.59 -16.33 -49.13
C LYS A 364 31.51 -14.96 -48.46
N GLY A 365 32.65 -14.36 -48.12
CA GLY A 365 32.66 -13.05 -47.50
C GLY A 365 32.26 -13.04 -46.05
N ARG A 366 32.47 -14.13 -45.33
CA ARG A 366 32.09 -14.26 -43.93
C ARG A 366 33.27 -14.72 -43.10
N ARG A 367 33.08 -14.74 -41.79
CA ARG A 367 34.12 -15.10 -40.85
C ARG A 367 33.58 -16.18 -39.93
N MET A 368 34.35 -17.25 -39.74
CA MET A 368 33.84 -18.36 -38.96
C MET A 368 34.11 -18.13 -37.48
N MET A 369 33.23 -18.70 -36.67
CA MET A 369 33.33 -18.75 -35.21
C MET A 369 32.97 -20.17 -34.79
N GLY A 370 33.51 -20.60 -33.65
CA GLY A 370 33.23 -21.94 -33.17
C GLY A 370 33.62 -22.08 -31.72
N TRP A 371 33.07 -23.13 -31.09
CA TRP A 371 33.41 -23.46 -29.72
C TRP A 371 34.90 -23.86 -29.64
N ASN A 372 35.48 -23.71 -28.45
CA ASN A 372 36.95 -23.69 -28.38
C ASN A 372 37.61 -25.02 -28.72
N GLU A 373 36.85 -26.13 -28.83
CA GLU A 373 37.43 -27.37 -29.37
C GLU A 373 38.09 -27.15 -30.71
N ILE A 374 37.61 -26.19 -31.50
CA ILE A 374 38.24 -25.98 -32.81
C ILE A 374 39.69 -25.53 -32.67
N TYR A 375 40.08 -25.02 -31.50
CA TYR A 375 41.47 -24.61 -31.30
C TYR A 375 42.43 -25.79 -31.30
N GLY A 376 41.94 -27.00 -31.10
CA GLY A 376 42.72 -28.20 -31.35
C GLY A 376 43.41 -28.83 -30.17
N HIS A 377 42.96 -28.55 -28.94
CA HIS A 377 43.45 -29.22 -27.74
C HIS A 377 42.37 -30.13 -27.18
N ASP A 378 42.81 -31.13 -26.41
CA ASP A 378 41.88 -32.11 -25.85
C ASP A 378 41.03 -31.44 -24.78
N VAL A 379 39.73 -31.30 -25.05
CA VAL A 379 38.81 -30.59 -24.17
C VAL A 379 37.89 -31.56 -23.43
N ASN A 380 37.46 -32.64 -24.08
CA ASN A 380 36.42 -33.50 -23.56
C ASN A 380 36.90 -34.90 -23.19
N GLY A 381 38.14 -35.26 -23.51
CA GLY A 381 38.66 -36.56 -23.16
C GLY A 381 37.97 -37.69 -23.90
N ASP A 382 37.82 -37.54 -25.22
CA ASP A 382 37.21 -38.54 -26.07
C ASP A 382 38.23 -39.21 -26.98
N GLY A 383 39.48 -39.28 -26.53
CA GLY A 383 40.54 -39.91 -27.31
C GLY A 383 41.02 -39.13 -28.50
N GLY A 384 40.83 -37.80 -28.50
CA GLY A 384 41.18 -37.01 -29.67
C GLY A 384 42.64 -36.61 -29.74
N GLY A 385 43.33 -36.53 -28.60
CA GLY A 385 44.70 -36.07 -28.63
C GLY A 385 44.80 -34.56 -28.83
N LYS A 386 45.88 -34.14 -29.48
CA LYS A 386 46.14 -32.73 -29.77
C LYS A 386 46.40 -32.57 -31.27
N ALA A 387 46.01 -31.42 -31.82
CA ALA A 387 46.17 -31.14 -33.24
C ALA A 387 47.55 -30.56 -33.51
N GLY A 388 48.23 -31.11 -34.53
CA GLY A 388 49.56 -30.61 -34.89
C GLY A 388 49.51 -29.34 -35.72
N ALA A 389 48.53 -29.24 -36.62
CA ALA A 389 48.38 -28.03 -37.41
C ALA A 389 47.61 -26.98 -36.62
N LYS A 390 47.94 -25.71 -36.87
CA LYS A 390 47.34 -24.61 -36.13
C LYS A 390 46.01 -24.19 -36.76
N LEU A 391 45.05 -23.86 -35.89
CA LEU A 391 43.78 -23.32 -36.37
C LEU A 391 43.97 -21.98 -37.08
N ASP A 392 43.26 -21.81 -38.20
CA ASP A 392 43.16 -20.54 -38.91
C ASP A 392 43.06 -19.36 -37.94
N THR A 393 44.03 -18.44 -38.05
CA THR A 393 44.12 -17.34 -37.08
C THR A 393 42.86 -16.48 -37.08
N ASN A 394 42.21 -16.31 -38.23
CA ASN A 394 41.04 -15.44 -38.31
C ASN A 394 39.81 -16.03 -37.62
N ALA A 395 39.83 -17.32 -37.28
CA ALA A 395 38.65 -17.95 -36.69
C ALA A 395 38.37 -17.36 -35.31
N VAL A 396 37.10 -17.05 -35.04
CA VAL A 396 36.65 -16.58 -33.74
C VAL A 396 36.37 -17.77 -32.83
N ILE A 397 36.91 -17.75 -31.61
CA ILE A 397 36.72 -18.82 -30.64
C ILE A 397 35.74 -18.38 -29.57
N GLN A 398 34.72 -19.19 -29.32
CA GLN A 398 33.84 -19.05 -28.16
C GLN A 398 34.32 -20.07 -27.12
N PHE A 399 34.89 -19.57 -26.03
CA PHE A 399 35.49 -20.43 -25.02
C PHE A 399 34.42 -20.81 -24.00
N TRP A 400 34.07 -22.11 -23.95
CA TRP A 400 33.09 -22.56 -22.99
C TRP A 400 33.64 -23.54 -21.98
N LYS A 401 34.74 -24.24 -22.28
CA LYS A 401 35.16 -25.35 -21.44
C LYS A 401 36.68 -25.44 -21.34
N GLY A 402 37.17 -25.55 -20.12
CA GLY A 402 38.56 -25.87 -19.86
C GLY A 402 39.25 -24.81 -19.01
N ASN A 403 40.48 -25.13 -18.64
CA ASN A 403 41.35 -24.17 -17.97
C ASN A 403 41.47 -22.92 -18.83
N THR A 404 41.23 -21.76 -18.23
CA THR A 404 41.25 -20.51 -19.00
C THR A 404 42.65 -20.16 -19.50
N SER A 405 43.71 -20.80 -18.99
CA SER A 405 45.01 -20.62 -19.62
C SER A 405 44.99 -21.06 -21.09
N LEU A 406 44.12 -22.03 -21.43
CA LEU A 406 43.97 -22.43 -22.83
C LEU A 406 43.33 -21.31 -23.65
N ALA A 407 42.34 -20.62 -23.07
CA ALA A 407 41.78 -19.45 -23.75
C ALA A 407 42.86 -18.40 -23.97
N LYS A 408 43.68 -18.14 -22.97
CA LYS A 408 44.72 -17.12 -23.09
C LYS A 408 45.75 -17.51 -24.15
N ASN A 409 46.10 -18.80 -24.22
CA ASN A 409 46.96 -19.28 -25.32
C ASN A 409 46.37 -18.90 -26.68
N ALA A 410 45.08 -19.19 -26.89
CA ALA A 410 44.47 -18.90 -28.19
C ALA A 410 44.54 -17.40 -28.48
N ILE A 411 44.23 -16.57 -27.48
CA ILE A 411 44.34 -15.12 -27.63
C ILE A 411 45.75 -14.73 -28.04
N ARG A 412 46.77 -15.26 -27.33
CA ARG A 412 48.14 -14.90 -27.64
C ARG A 412 48.58 -15.40 -29.01
N ASP A 413 47.83 -16.35 -29.59
CA ASP A 413 48.05 -16.80 -30.96
C ASP A 413 47.33 -15.93 -31.99
N GLY A 414 46.70 -14.85 -31.57
CA GLY A 414 46.05 -13.95 -32.49
C GLY A 414 44.55 -14.06 -32.61
N HIS A 415 43.90 -14.98 -31.88
CA HIS A 415 42.46 -15.21 -32.02
C HIS A 415 41.66 -14.22 -31.18
N ASP A 416 40.56 -13.71 -31.77
CA ASP A 416 39.53 -13.03 -31.02
C ASP A 416 38.66 -14.06 -30.29
N VAL A 417 38.23 -13.72 -29.08
CA VAL A 417 37.64 -14.72 -28.19
C VAL A 417 36.44 -14.12 -27.48
N ILE A 418 35.36 -14.89 -27.42
CA ILE A 418 34.17 -14.56 -26.66
C ILE A 418 34.14 -15.52 -25.47
N ASN A 419 33.98 -14.98 -24.26
CA ASN A 419 34.06 -15.78 -23.05
C ASN A 419 32.67 -16.31 -22.71
N SER A 420 32.50 -17.63 -22.78
CA SER A 420 31.24 -18.28 -22.43
C SER A 420 31.46 -19.42 -21.44
N LEU A 421 32.40 -19.23 -20.50
CA LEU A 421 32.77 -20.29 -19.57
C LEU A 421 31.52 -20.89 -18.93
N HIS A 422 31.27 -22.18 -19.19
CA HIS A 422 29.95 -22.73 -18.96
C HIS A 422 29.60 -22.85 -17.48
N THR A 423 30.60 -22.87 -16.60
CA THR A 423 30.33 -22.86 -15.17
C THR A 423 29.77 -21.51 -14.69
N SER A 424 29.79 -20.48 -15.54
CA SER A 424 29.15 -19.22 -15.23
C SER A 424 28.00 -18.86 -16.18
N THR A 425 28.02 -19.30 -17.44
CA THR A 425 27.12 -18.72 -18.46
C THR A 425 26.01 -19.64 -18.96
N TYR A 426 25.91 -20.88 -18.48
CA TYR A 426 24.92 -21.83 -19.00
C TYR A 426 23.61 -21.67 -18.23
N LEU A 427 22.66 -20.96 -18.83
CA LEU A 427 21.39 -20.62 -18.20
C LEU A 427 20.44 -21.80 -18.12
N ASP A 428 20.74 -22.92 -18.78
CA ASP A 428 19.95 -24.12 -18.56
C ASP A 428 20.26 -24.75 -17.21
N TYR A 429 21.38 -24.39 -16.59
CA TYR A 429 21.65 -24.96 -15.27
C TYR A 429 20.75 -24.30 -14.24
N SER A 430 20.62 -24.97 -13.10
CA SER A 430 19.76 -24.55 -12.02
C SER A 430 20.37 -23.34 -11.29
N TYR A 431 19.54 -22.72 -10.42
CA TYR A 431 20.02 -21.58 -9.66
C TYR A 431 20.96 -21.98 -8.52
N GLY A 432 20.90 -23.24 -8.08
CA GLY A 432 21.94 -23.75 -7.19
C GLY A 432 23.27 -23.92 -7.91
N SER A 433 23.24 -24.38 -9.16
CA SER A 433 24.47 -24.53 -9.93
C SER A 433 25.09 -23.17 -10.27
N ILE A 434 24.27 -22.22 -10.71
CA ILE A 434 24.77 -20.89 -11.04
C ILE A 434 23.85 -19.85 -10.41
N PRO A 435 24.16 -19.36 -9.21
CA PRO A 435 23.30 -18.35 -8.59
C PRO A 435 23.34 -17.04 -9.38
N LEU A 436 22.34 -16.19 -9.13
CA LEU A 436 22.34 -14.86 -9.73
C LEU A 436 23.64 -14.14 -9.45
N GLN A 437 24.14 -14.26 -8.20
CA GLN A 437 25.38 -13.60 -7.83
C GLN A 437 26.56 -14.09 -8.67
N LYS A 438 26.59 -15.37 -9.03
CA LYS A 438 27.69 -15.85 -9.85
C LYS A 438 27.61 -15.28 -11.27
N ALA A 439 26.40 -15.19 -11.84
CA ALA A 439 26.28 -14.57 -13.17
C ALA A 439 26.78 -13.13 -13.15
N TYR A 440 26.34 -12.36 -12.17
CA TYR A 440 26.76 -10.97 -12.10
C TYR A 440 28.25 -10.83 -11.85
N GLY A 441 28.85 -11.77 -11.10
CA GLY A 441 30.27 -11.73 -10.78
C GLY A 441 31.17 -12.11 -11.93
N PHE A 442 30.59 -12.58 -13.03
CA PHE A 442 31.36 -13.04 -14.18
C PHE A 442 32.23 -11.90 -14.73
N GLU A 443 33.46 -12.24 -15.08
CA GLU A 443 34.41 -11.28 -15.67
C GLU A 443 34.94 -11.85 -16.98
N PRO A 444 34.52 -11.33 -18.13
CA PRO A 444 34.91 -11.96 -19.40
C PRO A 444 36.43 -11.95 -19.66
N VAL A 445 37.17 -10.97 -19.16
CA VAL A 445 38.61 -10.93 -19.39
C VAL A 445 39.28 -11.98 -18.50
N PHE A 446 39.89 -12.98 -19.13
CA PHE A 446 40.43 -14.12 -18.41
C PHE A 446 41.52 -13.68 -17.43
N PRO A 447 41.51 -14.19 -16.20
CA PRO A 447 42.48 -13.75 -15.19
C PRO A 447 43.92 -14.00 -15.64
N GLY A 448 44.79 -13.03 -15.35
CA GLY A 448 46.18 -13.19 -15.72
C GLY A 448 46.48 -12.98 -17.19
N LEU A 449 45.55 -12.44 -17.95
CA LEU A 449 45.82 -12.04 -19.32
C LEU A 449 46.47 -10.66 -19.32
N GLU A 450 47.67 -10.56 -19.91
CA GLU A 450 48.36 -9.28 -19.99
C GLU A 450 47.50 -8.24 -20.70
N LYS A 451 47.67 -6.97 -20.31
CA LYS A 451 46.81 -5.90 -20.79
C LYS A 451 46.88 -5.75 -22.31
N GLN A 452 48.07 -5.96 -22.91
CA GLN A 452 48.24 -5.82 -24.35
C GLN A 452 47.33 -6.75 -25.13
N TYR A 453 46.82 -7.81 -24.50
CA TYR A 453 45.95 -8.79 -25.14
C TYR A 453 44.47 -8.59 -24.84
N HIS A 454 44.11 -7.63 -23.99
CA HIS A 454 42.71 -7.52 -23.54
C HIS A 454 41.77 -7.20 -24.69
N SER A 455 42.24 -6.48 -25.72
CA SER A 455 41.37 -6.15 -26.84
C SER A 455 40.93 -7.39 -27.62
N ARG A 456 41.58 -8.55 -27.43
CA ARG A 456 41.09 -9.76 -28.10
C ARG A 456 39.83 -10.35 -27.46
N VAL A 457 39.49 -9.94 -26.25
CA VAL A 457 38.30 -10.42 -25.55
C VAL A 457 37.14 -9.51 -25.98
N LYS A 458 36.34 -9.99 -26.93
CA LYS A 458 35.33 -9.11 -27.52
C LYS A 458 34.08 -9.00 -26.65
N GLY A 459 33.87 -9.97 -25.77
CA GLY A 459 32.70 -9.94 -24.89
C GLY A 459 32.35 -11.29 -24.32
N LEU A 460 31.05 -11.56 -24.25
CA LEU A 460 30.53 -12.74 -23.57
C LEU A 460 29.28 -13.21 -24.29
N GLY A 461 28.91 -14.45 -24.01
CA GLY A 461 27.64 -15.01 -24.42
C GLY A 461 27.09 -15.89 -23.32
N ALA A 462 25.79 -15.77 -23.04
CA ALA A 462 25.09 -16.61 -22.09
C ALA A 462 24.17 -17.54 -22.87
N GLN A 463 24.10 -18.81 -22.45
CA GLN A 463 23.50 -19.85 -23.29
C GLN A 463 22.23 -20.38 -22.66
N VAL A 464 21.15 -20.42 -23.44
CA VAL A 464 19.95 -21.12 -23.01
C VAL A 464 19.79 -22.41 -23.82
N TRP A 465 20.42 -23.49 -23.35
CA TRP A 465 20.24 -24.79 -23.96
C TRP A 465 18.87 -25.34 -23.56
N THR A 466 18.22 -26.06 -24.48
CA THR A 466 16.81 -26.39 -24.26
C THR A 466 16.50 -27.88 -24.28
N GLU A 467 17.47 -28.74 -23.90
CA GLU A 467 17.15 -30.14 -23.68
C GLU A 467 15.91 -30.30 -22.79
N TRP A 468 15.82 -29.51 -21.72
CA TRP A 468 14.82 -29.68 -20.69
C TRP A 468 13.86 -28.50 -20.61
N ILE A 469 13.72 -27.76 -21.71
CA ILE A 469 12.88 -26.58 -21.79
C ILE A 469 11.94 -26.79 -22.98
N SER A 470 10.64 -26.94 -22.72
CA SER A 470 9.67 -27.19 -23.78
C SER A 470 8.62 -26.10 -23.95
N THR A 471 8.57 -25.11 -23.07
CA THR A 471 7.60 -24.04 -23.16
C THR A 471 8.28 -22.69 -23.02
N PRO A 472 7.70 -21.63 -23.57
CA PRO A 472 8.29 -20.30 -23.37
C PRO A 472 8.42 -19.95 -21.90
N GLU A 473 7.43 -20.32 -21.09
CA GLU A 473 7.44 -19.97 -19.69
C GLU A 473 8.64 -20.59 -18.95
N ARG A 474 8.97 -21.85 -19.27
CA ARG A 474 10.16 -22.46 -18.69
C ARG A 474 11.44 -21.85 -19.26
N LEU A 475 11.43 -21.44 -20.54
CA LEU A 475 12.56 -20.71 -21.08
C LEU A 475 12.83 -19.44 -20.26
N HIS A 476 11.77 -18.69 -19.94
CA HIS A 476 11.89 -17.49 -19.12
C HIS A 476 12.41 -17.81 -17.73
N TYR A 477 11.84 -18.86 -17.12
CA TYR A 477 12.29 -19.26 -15.78
C TYR A 477 13.79 -19.46 -15.75
N GLN A 478 14.35 -20.10 -16.80
CA GLN A 478 15.79 -20.38 -16.86
C GLN A 478 16.62 -19.17 -17.28
N ALA A 479 16.12 -18.37 -18.24
CA ALA A 479 16.95 -17.30 -18.81
C ALA A 479 16.98 -16.05 -17.94
N PHE A 480 15.91 -15.77 -17.19
CA PHE A 480 15.75 -14.52 -16.48
C PHE A 480 15.49 -14.80 -15.01
N PRO A 481 16.12 -14.06 -14.08
CA PRO A 481 16.88 -12.81 -14.28
C PRO A 481 18.40 -12.89 -14.55
N ARG A 482 19.00 -14.07 -14.73
CA ARG A 482 20.45 -14.08 -14.89
C ARG A 482 20.89 -13.40 -16.18
N ALA A 483 20.06 -13.45 -17.24
CA ALA A 483 20.35 -12.69 -18.46
C ALA A 483 20.45 -11.20 -18.18
N CYS A 484 19.66 -10.68 -17.25
CA CYS A 484 19.82 -9.27 -16.86
C CYS A 484 21.20 -9.02 -16.28
N ALA A 485 21.73 -9.97 -15.49
CA ALA A 485 23.06 -9.79 -14.96
C ALA A 485 24.11 -9.80 -16.08
N PHE A 486 23.96 -10.71 -17.05
CA PHE A 486 24.95 -10.76 -18.12
C PHE A 486 24.89 -9.54 -19.02
N ALA A 487 23.69 -8.95 -19.17
CA ALA A 487 23.60 -7.70 -19.91
C ALA A 487 24.44 -6.62 -19.25
N GLU A 488 24.39 -6.55 -17.91
CA GLU A 488 25.17 -5.54 -17.20
C GLU A 488 26.67 -5.84 -17.28
N VAL A 489 27.06 -7.13 -17.10
CA VAL A 489 28.45 -7.51 -17.27
C VAL A 489 29.00 -7.05 -18.62
N GLY A 490 28.21 -7.24 -19.68
CA GLY A 490 28.68 -6.88 -21.01
C GLY A 490 28.77 -5.38 -21.26
N TRP A 491 27.92 -4.59 -20.60
CA TRP A 491 27.81 -3.16 -20.89
C TRP A 491 28.54 -2.27 -19.90
N THR A 492 28.24 -2.42 -18.60
CA THR A 492 28.71 -1.48 -17.59
C THR A 492 30.23 -1.58 -17.38
N PRO A 493 30.92 -0.44 -17.16
CA PRO A 493 32.35 -0.52 -16.80
C PRO A 493 32.55 -1.36 -15.57
N ALA A 494 33.64 -2.13 -15.58
CA ALA A 494 33.92 -3.05 -14.47
C ALA A 494 33.88 -2.31 -13.13
N GLY A 495 34.45 -1.11 -13.07
CA GLY A 495 34.49 -0.35 -11.83
C GLY A 495 33.17 0.23 -11.38
N LYS A 496 32.13 0.16 -12.22
CA LYS A 496 30.81 0.63 -11.85
C LYS A 496 29.90 -0.51 -11.41
N LYS A 497 30.34 -1.76 -11.51
CA LYS A 497 29.50 -2.88 -11.10
C LYS A 497 29.24 -2.81 -9.60
N ASP A 498 28.08 -3.30 -9.19
CA ASP A 498 27.61 -3.10 -7.81
C ASP A 498 26.44 -4.08 -7.60
N PHE A 499 26.75 -5.27 -7.06
CA PHE A 499 25.71 -6.30 -7.01
C PHE A 499 24.53 -5.90 -6.13
N PRO A 500 24.72 -5.35 -4.91
CA PRO A 500 23.54 -4.90 -4.15
C PRO A 500 22.71 -3.86 -4.87
N ASP A 501 23.35 -2.93 -5.57
CA ASP A 501 22.57 -1.94 -6.31
C ASP A 501 21.84 -2.59 -7.49
N PHE A 502 22.51 -3.55 -8.14
CA PHE A 502 21.87 -4.31 -9.21
C PHE A 502 20.64 -5.05 -8.71
N LYS A 503 20.73 -5.66 -7.52
CA LYS A 503 19.58 -6.40 -6.99
C LYS A 503 18.41 -5.46 -6.77
N LYS A 504 18.66 -4.26 -6.23
CA LYS A 504 17.56 -3.30 -6.05
C LYS A 504 16.96 -2.91 -7.39
N ARG A 505 17.80 -2.65 -8.39
CA ARG A 505 17.30 -2.28 -9.71
C ARG A 505 16.48 -3.40 -10.33
N LEU A 506 16.87 -4.65 -10.05
CA LEU A 506 16.15 -5.79 -10.59
C LEU A 506 14.69 -5.82 -10.15
N LYS A 507 14.40 -5.21 -9.00
CA LYS A 507 13.03 -5.19 -8.50
C LYS A 507 12.12 -4.37 -9.43
N ALA A 508 12.58 -3.19 -9.84
CA ALA A 508 11.80 -2.42 -10.80
C ALA A 508 11.79 -3.07 -12.17
N TYR A 509 12.95 -3.56 -12.62
CA TYR A 509 12.98 -4.23 -13.92
C TYR A 509 12.04 -5.44 -13.95
N SER A 510 11.85 -6.12 -12.81
CA SER A 510 10.95 -7.28 -12.85
C SER A 510 9.47 -6.86 -12.99
N GLU A 511 9.11 -5.63 -12.62
CA GLU A 511 7.80 -5.11 -12.99
C GLU A 511 7.63 -5.06 -14.52
N ARG A 512 8.65 -4.58 -15.22
CA ARG A 512 8.59 -4.57 -16.68
C ARG A 512 8.45 -5.98 -17.24
N MET A 513 9.21 -6.93 -16.67
CA MET A 513 9.13 -8.30 -17.16
C MET A 513 7.74 -8.88 -16.93
N ASP A 514 7.15 -8.60 -15.76
CA ASP A 514 5.78 -9.01 -15.48
C ASP A 514 4.82 -8.48 -16.54
N LEU A 515 4.79 -7.16 -16.73
CA LEU A 515 3.90 -6.58 -17.73
C LEU A 515 4.23 -7.06 -19.15
N MET A 516 5.46 -7.52 -19.39
CA MET A 516 5.82 -7.98 -20.73
C MET A 516 5.60 -9.48 -20.92
N GLY A 517 5.08 -10.17 -19.91
CA GLY A 517 4.81 -11.59 -20.03
C GLY A 517 5.98 -12.52 -19.83
N ILE A 518 7.09 -12.05 -19.26
CA ILE A 518 8.28 -12.88 -19.04
C ILE A 518 8.11 -13.60 -17.70
N LYS A 519 8.00 -14.93 -17.73
CA LYS A 519 7.82 -15.70 -16.50
C LYS A 519 9.19 -16.02 -15.87
N PHE A 520 9.85 -14.96 -15.40
CA PHE A 520 11.16 -15.09 -14.78
C PHE A 520 11.07 -15.81 -13.43
N ALA A 521 12.21 -16.33 -12.98
CA ALA A 521 12.27 -16.98 -11.66
C ALA A 521 12.11 -15.95 -10.55
N ARG A 522 11.20 -16.22 -9.60
CA ARG A 522 10.77 -15.19 -8.66
C ARG A 522 11.47 -15.23 -7.31
N ASN A 523 11.97 -16.38 -6.87
CA ASN A 523 12.60 -16.44 -5.55
C ASN A 523 14.09 -16.72 -5.67
N VAL A 524 14.80 -15.95 -6.50
CA VAL A 524 16.21 -16.22 -6.76
C VAL A 524 17.11 -15.08 -6.32
N ILE A 525 16.56 -13.88 -6.13
CA ILE A 525 17.29 -12.74 -5.61
C ILE A 525 17.37 -12.88 -4.09
N SER A 526 18.57 -13.15 -3.58
CA SER A 526 18.74 -13.15 -2.13
C SER A 526 18.75 -11.71 -1.63
N GLN A 527 17.77 -11.36 -0.80
CA GLN A 527 17.72 -10.02 -0.22
C GLN A 527 19.05 -9.65 0.41
N ILE A 528 19.69 -10.60 1.09
CA ILE A 528 20.98 -10.36 1.74
C ILE A 528 21.97 -11.45 1.31
N ASP A 529 23.09 -11.03 0.72
CA ASP A 529 24.26 -11.87 0.50
C ASP A 529 25.39 -11.34 1.36
N LYS A 530 26.23 -12.25 1.85
CA LYS A 530 27.32 -11.85 2.74
C LYS A 530 28.25 -10.86 2.06
N SER A 531 28.51 -11.05 0.76
CA SER A 531 29.40 -10.17 0.03
C SER A 531 28.87 -8.75 -0.07
N ASP A 532 27.56 -8.55 0.15
CA ASP A 532 26.99 -7.21 0.13
C ASP A 532 27.65 -6.31 1.16
N PHE A 533 28.20 -6.88 2.22
CA PHE A 533 28.72 -6.12 3.35
C PHE A 533 30.23 -6.04 3.38
N PHE A 534 30.90 -6.38 2.27
CA PHE A 534 32.36 -6.44 2.26
C PHE A 534 33.00 -5.10 2.57
N ASN A 535 32.38 -4.00 2.12
CA ASN A 535 32.89 -2.66 2.36
C ASN A 535 32.02 -1.87 3.33
N THR A 536 31.37 -2.57 4.28
CA THR A 536 30.54 -1.94 5.29
C THR A 536 31.21 -2.07 6.65
N PRO A 537 31.23 -0.99 7.44
CA PRO A 537 31.89 -1.05 8.75
C PRO A 537 31.35 -2.19 9.60
N ARG A 538 32.25 -2.98 10.15
CA ARG A 538 31.90 -3.98 11.15
C ARG A 538 32.09 -3.33 12.50
N ILE A 539 31.08 -3.43 13.36
CA ILE A 539 31.17 -2.84 14.69
C ILE A 539 31.22 -3.89 15.80
N GLY A 540 31.07 -5.16 15.47
CA GLY A 540 31.24 -6.19 16.47
C GLY A 540 30.91 -7.55 15.88
N THR A 541 31.03 -8.56 16.72
CA THR A 541 30.67 -9.95 16.40
C THR A 541 29.88 -10.52 17.55
N TRP A 542 29.29 -11.68 17.32
CA TRP A 542 28.83 -12.53 18.41
C TRP A 542 29.49 -13.91 18.27
N THR A 543 29.78 -14.51 19.42
CA THR A 543 30.37 -15.83 19.58
C THR A 543 29.60 -16.59 20.65
N PRO A 544 29.81 -17.92 20.79
CA PRO A 544 29.20 -18.63 21.93
C PRO A 544 29.47 -17.97 23.26
N ALA A 545 30.68 -17.43 23.47
CA ALA A 545 30.99 -16.75 24.73
C ALA A 545 30.08 -15.55 24.97
N THR A 546 29.85 -14.71 23.94
CA THR A 546 29.03 -13.53 24.20
C THR A 546 27.55 -13.87 24.31
N LEU A 547 27.13 -15.07 23.89
CA LEU A 547 25.74 -15.45 23.99
C LEU A 547 25.32 -15.88 25.40
N THR A 548 26.20 -15.71 26.39
CA THR A 548 25.81 -15.91 27.78
C THR A 548 25.03 -14.72 28.34
N ARG A 549 25.00 -13.61 27.62
CA ARG A 549 24.18 -12.46 27.97
C ARG A 549 23.25 -12.13 26.81
N GLU A 550 22.15 -11.45 27.15
CA GLU A 550 21.17 -11.01 26.15
C GLU A 550 21.51 -9.65 25.57
N GLU A 551 22.02 -8.72 26.38
CA GLU A 551 22.38 -7.39 25.92
C GLU A 551 23.83 -7.34 25.46
N HIS A 552 24.08 -6.63 24.35
CA HIS A 552 25.41 -6.51 23.77
C HIS A 552 25.62 -5.06 23.33
N SER A 553 26.82 -4.54 23.58
CA SER A 553 27.14 -3.15 23.33
C SER A 553 28.30 -3.07 22.35
N PHE A 554 28.15 -2.21 21.33
CA PHE A 554 29.19 -1.97 20.32
C PHE A 554 29.39 -0.47 20.18
N ASP A 555 30.64 -0.02 20.27
CA ASP A 555 30.95 1.39 20.13
C ASP A 555 30.80 1.84 18.69
N VAL A 556 30.12 2.97 18.47
CA VAL A 556 30.00 3.56 17.14
C VAL A 556 30.29 5.06 17.19
N THR A 557 30.94 5.53 18.25
CA THR A 557 31.17 6.96 18.42
C THR A 557 31.82 7.59 17.20
N LYS A 558 32.80 6.89 16.60
CA LYS A 558 33.50 7.42 15.44
C LYS A 558 32.64 7.40 14.18
N LEU A 559 31.57 6.61 14.16
CA LEU A 559 30.74 6.48 12.97
C LEU A 559 29.52 7.38 12.98
N VAL A 560 29.22 8.04 14.09
CA VAL A 560 28.02 8.88 14.17
C VAL A 560 28.47 10.31 13.90
N LYS A 561 28.39 10.73 12.64
CA LYS A 561 28.94 12.01 12.21
C LYS A 561 27.88 13.00 11.75
N ALA A 562 26.63 12.57 11.59
CA ALA A 562 25.56 13.47 11.19
C ALA A 562 24.24 12.84 11.57
N SER A 563 23.20 13.66 11.59
CA SER A 563 21.87 13.11 11.83
C SER A 563 21.49 12.18 10.68
N GLY A 564 20.56 11.28 10.95
CA GLY A 564 20.01 10.44 9.91
C GLY A 564 19.97 8.97 10.29
N LYS A 565 19.51 8.18 9.33
CA LYS A 565 19.22 6.77 9.53
C LYS A 565 20.48 5.93 9.41
N HIS A 566 20.65 4.99 10.32
CA HIS A 566 21.70 4.00 10.20
C HIS A 566 21.10 2.61 10.30
N THR A 567 21.54 1.72 9.42
CA THR A 567 21.07 0.34 9.36
C THR A 567 22.09 -0.57 10.04
N VAL A 568 21.66 -1.27 11.08
CA VAL A 568 22.47 -2.29 11.73
C VAL A 568 22.04 -3.63 11.19
N THR A 569 23.01 -4.44 10.75
CA THR A 569 22.73 -5.77 10.22
C THR A 569 23.41 -6.80 11.12
N LEU A 570 22.62 -7.72 11.66
CA LEU A 570 23.14 -8.83 12.47
C LEU A 570 23.14 -10.07 11.59
N LEU A 571 24.33 -10.44 11.11
CA LEU A 571 24.47 -11.37 10.00
C LEU A 571 25.17 -12.65 10.45
N TYR A 572 24.40 -13.73 10.52
CA TYR A 572 24.91 -15.05 10.89
C TYR A 572 26.06 -15.48 9.96
N ASP A 573 27.14 -15.99 10.56
CA ASP A 573 28.27 -16.54 9.81
C ASP A 573 28.34 -18.05 9.86
N LYS A 574 28.27 -18.67 11.05
CA LYS A 574 28.41 -20.11 11.16
C LYS A 574 27.89 -20.59 12.51
N GLY A 575 27.69 -21.91 12.60
CA GLY A 575 27.28 -22.56 13.82
C GLY A 575 25.92 -23.26 13.68
N ALA A 576 25.65 -24.10 14.67
CA ALA A 576 24.42 -24.90 14.65
C ALA A 576 23.17 -24.07 14.91
N HIS A 577 23.30 -22.93 15.56
CA HIS A 577 22.15 -22.17 16.03
C HIS A 577 22.12 -20.78 15.40
N ALA A 578 20.91 -20.30 15.17
CA ALA A 578 20.70 -18.91 14.84
C ALA A 578 20.70 -18.08 16.13
N ILE A 579 20.61 -16.76 15.98
CA ILE A 579 20.30 -15.92 17.11
C ILE A 579 18.89 -15.39 16.92
N GLU A 580 18.18 -15.22 18.02
CA GLU A 580 16.89 -14.53 18.04
C GLU A 580 17.09 -13.13 18.55
N ILE A 581 16.69 -12.14 17.75
CA ILE A 581 16.93 -10.73 18.02
C ILE A 581 15.63 -10.08 18.47
N GLU A 582 15.67 -9.39 19.61
CA GLU A 582 14.50 -8.69 20.16
C GLU A 582 14.48 -7.22 19.77
N SER A 583 15.60 -6.51 19.89
CA SER A 583 15.61 -5.10 19.55
C SER A 583 17.05 -4.63 19.45
N VAL A 584 17.24 -3.52 18.74
CA VAL A 584 18.51 -2.83 18.62
C VAL A 584 18.27 -1.37 18.90
N ALA A 585 19.19 -0.73 19.63
CA ALA A 585 19.00 0.66 20.06
C ALA A 585 20.29 1.45 19.89
N LEU A 586 20.13 2.76 19.75
CA LEU A 586 21.25 3.71 19.74
C LEU A 586 21.23 4.49 21.04
N TYR A 587 22.38 4.55 21.70
CA TYR A 587 22.55 5.31 22.93
C TYR A 587 23.45 6.50 22.66
N GLU A 588 23.08 7.65 23.22
CA GLU A 588 23.96 8.81 23.27
C GLU A 588 24.45 8.90 24.70
N ASN A 589 25.77 8.89 24.89
CA ASN A 589 26.35 8.67 26.20
C ASN A 589 25.68 7.45 26.81
N SER A 590 25.07 7.59 27.99
CA SER A 590 24.46 6.45 28.67
C SER A 590 22.93 6.42 28.52
N ARG A 591 22.37 7.13 27.55
CA ARG A 591 20.91 7.24 27.46
C ARG A 591 20.43 6.92 26.05
N GLU A 592 19.33 6.18 25.98
CA GLU A 592 18.77 5.78 24.69
C GLU A 592 18.24 6.99 23.93
N VAL A 593 18.52 7.03 22.62
CA VAL A 593 17.93 8.03 21.74
C VAL A 593 17.16 7.43 20.57
N SER A 594 17.23 6.12 20.33
CA SER A 594 16.49 5.50 19.24
C SER A 594 16.46 3.99 19.46
N ARG A 595 15.33 3.35 19.15
CA ARG A 595 15.23 1.90 19.26
C ARG A 595 14.34 1.36 18.14
N ASP A 596 14.77 0.23 17.58
CA ASP A 596 13.99 -0.51 16.60
C ASP A 596 13.71 -1.86 17.26
N ALA A 597 12.49 -2.04 17.77
CA ALA A 597 12.09 -3.29 18.42
C ALA A 597 11.19 -4.04 17.46
N HIS A 598 11.76 -5.03 16.79
CA HIS A 598 11.00 -6.04 16.07
C HIS A 598 11.76 -7.34 16.20
N ALA A 599 11.04 -8.44 16.05
CA ALA A 599 11.63 -9.76 16.21
C ALA A 599 12.45 -10.11 14.98
N GLY A 600 13.66 -10.58 15.20
CA GLY A 600 14.53 -10.97 14.12
C GLY A 600 15.14 -12.32 14.41
N ARG A 601 15.57 -12.98 13.36
CA ARG A 601 16.21 -14.28 13.48
C ARG A 601 17.28 -14.37 12.41
N SER A 602 18.54 -14.47 12.84
CA SER A 602 19.66 -14.51 11.90
C SER A 602 20.34 -15.86 12.00
N GLY A 603 20.11 -16.71 11.01
CA GLY A 603 20.75 -18.02 10.95
C GLY A 603 21.08 -18.37 9.51
N ALA A 604 21.03 -19.66 9.17
CA ALA A 604 21.13 -20.03 7.76
C ALA A 604 20.11 -19.25 6.94
N HIS A 605 18.90 -19.11 7.45
CA HIS A 605 17.91 -18.20 6.91
C HIS A 605 17.97 -16.88 7.66
N LYS A 606 17.76 -15.79 6.95
CA LYS A 606 17.85 -14.45 7.51
C LYS A 606 16.46 -13.82 7.47
N GLU A 607 15.87 -13.61 8.64
CA GLU A 607 14.53 -13.03 8.77
C GLU A 607 14.62 -11.71 9.52
N ASN A 608 14.42 -10.60 8.80
CA ASN A 608 14.37 -9.26 9.36
C ASN A 608 15.59 -8.96 10.24
N ILE A 609 16.78 -9.15 9.68
CA ILE A 609 18.01 -9.04 10.47
C ILE A 609 18.57 -7.63 10.43
N GLN A 610 17.83 -6.69 9.84
CA GLN A 610 18.29 -5.32 9.67
C GLN A 610 17.47 -4.40 10.56
N TYR A 611 18.16 -3.54 11.33
CA TYR A 611 17.51 -2.65 12.27
C TYR A 611 17.90 -1.21 11.94
N ILE A 612 16.92 -0.32 11.92
CA ILE A 612 17.12 1.06 11.49
C ILE A 612 17.10 1.96 12.72
N LEU A 613 18.17 2.72 12.90
CA LEU A 613 18.33 3.63 14.02
C LEU A 613 18.39 5.06 13.50
N ASN A 614 17.72 5.97 14.21
CA ASN A 614 17.77 7.39 13.88
C ASN A 614 18.83 8.05 14.75
N ALA A 615 19.90 8.50 14.12
CA ALA A 615 20.88 9.21 14.90
C ALA A 615 20.52 10.70 14.95
N PRO A 616 20.64 11.34 16.11
CA PRO A 616 20.58 12.79 16.15
C PRO A 616 21.82 13.39 15.53
N ALA A 617 21.75 14.66 15.18
CA ALA A 617 22.96 15.42 14.95
C ALA A 617 23.89 15.19 16.14
N PRO A 618 25.16 14.86 15.90
CA PRO A 618 26.01 14.40 17.00
C PRO A 618 26.25 15.49 18.04
N ARG A 619 26.23 15.09 19.30
CA ARG A 619 26.66 15.96 20.38
C ARG A 619 28.17 15.88 20.49
N GLN A 620 28.85 17.02 20.33
CA GLN A 620 30.31 17.01 20.45
C GLN A 620 30.72 16.48 21.82
N GLY A 621 31.76 15.63 21.83
CA GLY A 621 32.29 15.07 23.05
C GLY A 621 31.53 13.88 23.60
N ALA A 622 30.41 13.51 23.00
CA ALA A 622 29.61 12.40 23.52
C ALA A 622 30.07 11.09 22.89
N THR A 623 29.73 9.99 23.56
CA THR A 623 29.88 8.68 22.94
C THR A 623 28.54 8.27 22.35
N TYR A 624 28.61 7.29 21.43
CA TYR A 624 27.45 6.62 20.87
C TYR A 624 27.71 5.12 20.89
N THR A 625 26.69 4.36 21.31
CA THR A 625 26.79 2.91 21.44
C THR A 625 25.55 2.28 20.82
N VAL A 626 25.75 1.23 20.02
CA VAL A 626 24.66 0.38 19.58
C VAL A 626 24.49 -0.72 20.62
N LYS A 627 23.30 -0.85 21.18
CA LYS A 627 22.96 -1.93 22.09
C LYS A 627 21.96 -2.85 21.41
N ALA A 628 22.26 -4.14 21.38
CA ALA A 628 21.43 -5.11 20.69
C ALA A 628 21.07 -6.25 21.64
N ASN A 629 19.79 -6.58 21.72
CA ASN A 629 19.29 -7.66 22.55
C ASN A 629 19.05 -8.88 21.67
N PHE A 630 19.86 -9.93 21.88
CA PHE A 630 19.71 -11.17 21.15
C PHE A 630 20.26 -12.31 21.98
N LYS A 631 19.98 -13.53 21.52
CA LYS A 631 20.36 -14.75 22.23
C LYS A 631 20.36 -15.90 21.25
N GLY A 632 21.03 -16.99 21.62
CA GLY A 632 21.05 -18.16 20.76
C GLY A 632 19.68 -18.79 20.66
N ALA A 633 19.34 -19.24 19.44
CA ALA A 633 18.06 -19.88 19.18
C ALA A 633 18.21 -21.39 19.41
N GLY A 634 17.88 -21.83 20.62
CA GLY A 634 17.96 -23.24 20.96
C GLY A 634 19.34 -23.74 21.32
N GLY A 635 20.28 -22.85 21.59
CA GLY A 635 21.66 -23.21 21.83
C GLY A 635 22.56 -22.04 21.51
N ARG A 636 23.81 -22.13 22.01
CA ARG A 636 24.74 -21.02 21.97
C ARG A 636 25.86 -21.22 20.95
N ASP A 637 25.76 -22.21 20.06
CA ASP A 637 26.78 -22.42 19.03
C ASP A 637 26.40 -21.58 17.81
N SER A 638 26.84 -20.32 17.81
CA SER A 638 26.47 -19.37 16.76
C SER A 638 27.53 -18.27 16.67
N HIS A 639 27.91 -17.93 15.44
CA HIS A 639 28.90 -16.89 15.14
C HIS A 639 28.32 -15.94 14.11
N GLY A 640 28.51 -14.63 14.33
CA GLY A 640 28.01 -13.66 13.37
C GLY A 640 28.73 -12.34 13.45
N THR A 641 28.41 -11.46 12.52
CA THR A 641 29.03 -10.14 12.40
C THR A 641 27.96 -9.06 12.44
N VAL A 642 28.25 -7.97 13.15
CA VAL A 642 27.33 -6.83 13.28
C VAL A 642 27.88 -5.68 12.45
N TYR A 643 27.11 -5.24 11.45
CA TYR A 643 27.50 -4.19 10.53
C TYR A 643 26.73 -2.91 10.80
N PHE A 644 27.34 -1.77 10.45
CA PHE A 644 26.79 -0.44 10.72
C PHE A 644 26.94 0.39 9.45
N GLU A 645 25.81 0.69 8.81
CA GLU A 645 25.79 1.35 7.53
C GLU A 645 25.31 2.79 7.71
N THR A 646 25.92 3.72 6.98
CA THR A 646 25.48 5.11 6.97
C THR A 646 24.91 5.47 5.60
N PRO A 647 23.94 6.42 5.53
CA PRO A 647 23.17 6.83 4.34
C PRO A 647 23.76 6.48 2.96
N GLN B 2 -10.18 15.63 8.72
CA GLN B 2 -8.94 15.62 9.48
C GLN B 2 -8.45 17.05 9.75
N GLU B 3 -8.87 17.60 10.88
CA GLU B 3 -8.43 18.92 11.30
C GLU B 3 -7.27 18.71 12.27
N GLN B 4 -6.08 19.16 11.86
CA GLN B 4 -4.84 18.75 12.52
C GLN B 4 -3.95 19.93 12.91
N ILE B 5 -4.48 21.15 12.92
CA ILE B 5 -3.65 22.33 13.15
C ILE B 5 -3.00 22.24 14.52
N ILE B 6 -1.72 22.59 14.57
CA ILE B 6 -1.02 22.89 15.82
C ILE B 6 -0.63 24.36 15.80
N PRO B 7 -1.00 25.16 16.81
CA PRO B 7 -1.79 24.69 17.96
C PRO B 7 -3.28 24.53 17.66
N LYS B 8 -3.94 23.67 18.44
CA LYS B 8 -5.36 23.43 18.24
C LYS B 8 -6.12 24.75 18.35
N PRO B 9 -7.00 25.05 17.41
CA PRO B 9 -7.75 26.31 17.48
C PRO B 9 -8.73 26.32 18.65
N ALA B 10 -9.11 27.53 19.04
CA ALA B 10 -9.98 27.68 20.21
C ALA B 10 -11.42 27.22 19.92
N GLU B 11 -11.94 27.52 18.72
CA GLU B 11 -13.31 27.17 18.36
C GLU B 11 -13.36 26.65 16.94
N ILE B 12 -13.92 25.46 16.77
CA ILE B 12 -14.14 24.89 15.44
C ILE B 12 -15.51 24.24 15.40
N THR B 13 -16.21 24.42 14.27
CA THR B 13 -17.45 23.72 13.99
C THR B 13 -17.40 23.21 12.56
N LEU B 14 -17.62 21.90 12.40
CA LEU B 14 -17.47 21.22 11.12
C LEU B 14 -18.82 21.04 10.43
N PHE B 15 -18.83 21.23 9.11
CA PHE B 15 -19.99 21.00 8.26
C PHE B 15 -19.76 19.78 7.38
N THR B 16 -20.74 19.48 6.54
CA THR B 16 -20.71 18.30 5.69
C THR B 16 -20.61 18.72 4.22
N GLY B 17 -19.78 18.02 3.46
CA GLY B 17 -19.69 18.23 2.03
C GLY B 17 -18.25 18.30 1.57
N SER B 18 -18.02 19.07 0.40
CA SER B 18 -16.76 19.31 -0.32
C SER B 18 -16.07 20.57 0.23
N PRO B 19 -14.74 20.58 0.23
CA PRO B 19 -14.00 21.74 0.75
C PRO B 19 -13.63 22.73 -0.36
N ALA B 20 -13.23 23.92 0.07
CA ALA B 20 -12.69 24.88 -0.87
C ALA B 20 -11.40 24.36 -1.50
N ARG B 21 -11.13 24.78 -2.73
CA ARG B 21 -9.90 24.38 -3.41
C ARG B 21 -9.34 25.57 -4.20
N LEU B 22 -8.09 25.91 -3.92
CA LEU B 22 -7.40 26.91 -4.73
C LEU B 22 -7.01 26.29 -6.07
N THR B 23 -7.46 26.90 -7.16
CA THR B 23 -7.16 26.42 -8.50
C THR B 23 -6.31 27.47 -9.21
N PRO B 24 -5.87 27.23 -10.45
CA PRO B 24 -5.20 28.29 -11.21
C PRO B 24 -6.07 29.50 -11.52
N ASP B 25 -7.35 29.47 -11.16
CA ASP B 25 -8.25 30.60 -11.38
C ASP B 25 -8.52 31.42 -10.12
N SER B 26 -8.02 30.99 -8.97
CA SER B 26 -8.35 31.64 -7.72
C SER B 26 -7.62 32.98 -7.60
N LEU B 27 -8.27 33.94 -6.96
CA LEU B 27 -7.71 35.28 -6.77
C LEU B 27 -7.66 35.62 -5.28
N ILE B 28 -6.95 36.69 -4.97
CA ILE B 28 -6.91 37.22 -3.62
C ILE B 28 -7.54 38.60 -3.65
N ILE B 29 -8.70 38.72 -2.99
CA ILE B 29 -9.52 39.94 -2.97
C ILE B 29 -9.42 40.54 -1.57
N THR B 30 -9.15 41.85 -1.49
CA THR B 30 -9.09 42.57 -0.22
C THR B 30 -10.28 43.50 -0.12
N GLU B 31 -11.06 43.35 0.95
CA GLU B 31 -12.26 44.16 1.20
C GLU B 31 -11.99 45.24 2.25
N THR B 32 -10.89 45.98 2.09
CA THR B 32 -10.53 47.11 2.94
C THR B 32 -9.31 47.78 2.34
N GLN B 33 -9.27 49.11 2.41
CA GLN B 33 -8.14 49.88 1.93
C GLN B 33 -7.09 50.12 3.01
N ASP B 34 -7.28 49.55 4.19
CA ASP B 34 -6.28 49.59 5.25
C ASP B 34 -4.94 49.09 4.74
N LYS B 35 -3.92 49.95 4.80
CA LYS B 35 -2.61 49.60 4.23
C LYS B 35 -2.00 48.38 4.92
N ALA B 36 -2.22 48.24 6.24
CA ALA B 36 -1.70 47.08 6.96
C ALA B 36 -2.33 45.78 6.43
N PHE B 37 -3.62 45.80 6.10
CA PHE B 37 -4.25 44.63 5.51
C PHE B 37 -3.78 44.41 4.07
N LEU B 38 -3.61 45.50 3.32
CA LEU B 38 -3.07 45.38 1.97
C LEU B 38 -1.66 44.80 1.99
N ASP B 39 -0.85 45.21 2.96
CA ASP B 39 0.50 44.66 3.05
C ASP B 39 0.48 43.17 3.36
N GLN B 40 -0.50 42.73 4.19
CA GLN B 40 -0.59 41.31 4.51
C GLN B 40 -1.09 40.51 3.31
N ALA B 41 -1.99 41.10 2.52
CA ALA B 41 -2.48 40.45 1.31
C ALA B 41 -1.33 40.12 0.35
N GLY B 42 -0.44 41.10 0.13
CA GLY B 42 0.72 40.85 -0.70
C GLY B 42 1.64 39.78 -0.13
N GLN B 43 1.79 39.77 1.20
CA GLN B 43 2.55 38.71 1.85
C GLN B 43 1.88 37.35 1.67
N LEU B 44 0.59 37.26 2.00
CA LEU B 44 -0.14 36.02 1.80
C LEU B 44 -0.09 35.57 0.34
N GLN B 45 -0.23 36.52 -0.59
CA GLN B 45 -0.09 36.22 -2.01
C GLN B 45 1.26 35.59 -2.32
N GLN B 46 2.34 36.28 -1.96
CA GLN B 46 3.67 35.80 -2.30
C GLN B 46 3.95 34.44 -1.66
N MET B 47 3.40 34.21 -0.46
CA MET B 47 3.68 32.98 0.28
C MET B 47 2.86 31.81 -0.26
N LEU B 48 1.55 31.99 -0.44
CA LEU B 48 0.73 30.91 -0.99
C LEU B 48 1.11 30.59 -2.43
N SER B 49 1.50 31.61 -3.21
CA SER B 49 1.91 31.37 -4.60
C SER B 49 3.18 30.55 -4.68
N ALA B 50 4.17 30.84 -3.83
CA ALA B 50 5.42 30.11 -3.87
C ALA B 50 5.23 28.66 -3.46
N GLY B 51 4.24 28.38 -2.61
CA GLY B 51 4.05 27.04 -2.11
C GLY B 51 3.21 26.16 -3.02
N THR B 52 2.09 26.70 -3.51
CA THR B 52 1.17 25.97 -4.36
C THR B 52 1.51 26.08 -5.85
N GLY B 53 2.36 27.03 -6.24
CA GLY B 53 2.62 27.28 -7.64
C GLY B 53 1.46 27.88 -8.39
N LEU B 54 0.37 28.23 -7.71
CA LEU B 54 -0.78 28.88 -8.33
C LEU B 54 -0.51 30.37 -8.49
N PRO B 55 -1.04 30.98 -9.54
CA PRO B 55 -0.83 32.43 -9.72
C PRO B 55 -1.39 33.26 -8.57
N LEU B 56 -2.61 32.97 -8.14
CA LEU B 56 -3.31 33.66 -7.07
C LEU B 56 -3.05 35.17 -7.11
N PRO B 57 -3.45 35.86 -8.18
CA PRO B 57 -3.13 37.28 -8.30
C PRO B 57 -3.97 38.14 -7.37
N LEU B 58 -3.38 39.25 -6.94
CA LEU B 58 -4.12 40.30 -6.22
C LEU B 58 -4.95 41.06 -7.24
N LYS B 59 -6.24 40.75 -7.31
CA LYS B 59 -7.19 41.52 -8.09
C LYS B 59 -8.20 42.20 -7.16
N PRO B 60 -8.76 43.34 -7.56
CA PRO B 60 -9.83 43.94 -6.74
C PRO B 60 -11.12 43.16 -6.86
N ALA B 61 -12.06 43.49 -5.97
CA ALA B 61 -13.25 42.66 -5.78
C ALA B 61 -14.05 42.49 -7.06
N GLY B 62 -14.00 43.47 -7.98
CA GLY B 62 -14.86 43.43 -9.14
C GLY B 62 -14.58 42.28 -10.09
N GLN B 63 -13.34 41.81 -10.14
CA GLN B 63 -12.96 40.74 -11.05
C GLN B 63 -13.33 39.35 -10.54
N ALA B 64 -14.07 39.28 -9.43
CA ALA B 64 -14.46 38.01 -8.85
C ALA B 64 -15.32 37.22 -9.83
N SER B 65 -14.94 35.96 -10.06
CA SER B 65 -15.68 35.04 -10.91
C SER B 65 -15.97 33.79 -10.11
N LYS B 66 -17.24 33.37 -10.11
CA LYS B 66 -17.66 32.19 -9.34
C LYS B 66 -17.16 30.90 -9.98
N LYS B 67 -16.14 31.02 -10.83
CA LYS B 67 -15.52 29.87 -11.47
C LYS B 67 -14.61 29.11 -10.52
N ALA B 68 -14.14 29.74 -9.44
CA ALA B 68 -13.23 29.09 -8.50
C ALA B 68 -13.31 29.79 -7.16
N ALA B 69 -13.01 29.04 -6.09
CA ALA B 69 -12.96 29.62 -4.75
C ALA B 69 -11.81 30.61 -4.64
N CYS B 70 -12.12 31.81 -4.15
CA CYS B 70 -11.17 32.90 -4.02
C CYS B 70 -10.88 33.18 -2.55
N ILE B 71 -9.76 33.87 -2.31
CA ILE B 71 -9.36 34.31 -0.98
C ILE B 71 -9.85 35.74 -0.80
N VAL B 72 -10.67 35.96 0.22
CA VAL B 72 -11.23 37.28 0.52
C VAL B 72 -10.82 37.68 1.93
N ILE B 73 -10.11 38.79 2.02
CA ILE B 73 -9.59 39.30 3.29
C ILE B 73 -10.52 40.41 3.77
N LYS B 74 -11.04 40.27 4.99
CA LYS B 74 -11.92 41.26 5.59
C LYS B 74 -11.32 41.82 6.86
N LYS B 75 -11.64 43.08 7.14
CA LYS B 75 -11.31 43.73 8.40
C LYS B 75 -12.59 43.80 9.22
N ASP B 76 -12.63 43.04 10.31
CA ASP B 76 -13.87 42.81 11.07
C ASP B 76 -13.63 43.05 12.55
N PRO B 77 -14.28 44.04 13.15
CA PRO B 77 -14.08 44.32 14.58
C PRO B 77 -14.83 43.38 15.53
N ALA B 78 -15.47 42.32 14.99
CA ALA B 78 -16.25 41.40 15.82
C ALA B 78 -15.42 40.72 16.89
N LEU B 79 -14.15 40.43 16.62
CA LEU B 79 -13.31 39.72 17.58
C LEU B 79 -12.27 40.62 18.23
N ALA B 80 -12.49 41.95 18.18
CA ALA B 80 -11.56 42.88 18.80
C ALA B 80 -11.32 42.55 20.28
N ALA B 81 -12.34 42.02 20.96
CA ALA B 81 -12.18 41.66 22.37
C ALA B 81 -11.26 40.47 22.56
N ARG B 82 -11.06 39.67 21.52
CA ARG B 82 -10.16 38.52 21.61
C ARG B 82 -8.70 38.90 21.35
N GLY B 83 -8.40 40.16 21.06
CA GLY B 83 -7.05 40.64 20.93
C GLY B 83 -6.61 40.77 19.49
N GLU B 84 -5.43 41.36 19.32
CA GLU B 84 -4.90 41.65 17.99
C GLU B 84 -4.55 40.40 17.19
N GLU B 85 -4.43 39.23 17.83
CA GLU B 85 -4.02 38.01 17.14
C GLU B 85 -5.19 37.12 16.76
N ALA B 86 -6.41 37.46 17.18
CA ALA B 86 -7.57 36.63 16.89
C ALA B 86 -7.93 36.71 15.42
N TYR B 87 -8.57 35.66 14.92
CA TYR B 87 -8.96 35.63 13.52
C TYR B 87 -10.10 34.63 13.35
N SER B 88 -10.72 34.69 12.18
CA SER B 88 -11.86 33.87 11.80
C SER B 88 -11.62 33.31 10.40
N ILE B 89 -12.01 32.05 10.17
CA ILE B 89 -11.87 31.44 8.84
C ILE B 89 -13.20 30.81 8.45
N GLN B 90 -13.78 31.28 7.34
CA GLN B 90 -14.96 30.68 6.72
C GLN B 90 -14.55 30.09 5.37
N SER B 91 -14.67 28.78 5.25
CA SER B 91 -14.18 28.07 4.07
C SER B 91 -15.24 27.11 3.56
N SER B 92 -15.65 27.31 2.32
CA SER B 92 -16.56 26.41 1.62
C SER B 92 -16.22 26.52 0.15
N PRO B 93 -16.82 25.67 -0.70
CA PRO B 93 -16.62 25.87 -2.14
C PRO B 93 -16.94 27.29 -2.58
N SER B 94 -17.77 27.99 -1.80
CA SER B 94 -18.21 29.34 -2.10
C SER B 94 -17.15 30.42 -1.87
N GLY B 95 -16.04 30.11 -1.22
CA GLY B 95 -15.00 31.11 -1.05
C GLY B 95 -14.24 30.90 0.25
N ILE B 96 -13.10 31.60 0.34
CA ILE B 96 -12.17 31.47 1.46
C ILE B 96 -12.07 32.85 2.10
N ILE B 97 -12.76 33.03 3.23
CA ILE B 97 -12.90 34.33 3.88
C ILE B 97 -12.03 34.35 5.12
N LEU B 98 -11.08 35.28 5.16
CA LEU B 98 -10.21 35.47 6.31
C LEU B 98 -10.52 36.82 6.94
N SER B 99 -10.91 36.81 8.22
CA SER B 99 -11.34 38.01 8.92
C SER B 99 -10.50 38.26 10.16
N ALA B 100 -10.24 39.54 10.46
CA ALA B 100 -9.48 39.92 11.64
C ALA B 100 -9.69 41.39 11.93
N ALA B 101 -9.66 41.73 13.23
CA ALA B 101 -9.76 43.12 13.66
C ALA B 101 -8.44 43.86 13.47
N ASP B 102 -7.33 43.17 13.66
CA ASP B 102 -6.00 43.69 13.40
C ASP B 102 -5.37 42.88 12.27
N ALA B 103 -4.50 43.53 11.51
CA ALA B 103 -3.87 42.86 10.37
C ALA B 103 -3.11 41.60 10.80
N ARG B 104 -2.59 41.59 12.03
CA ARG B 104 -1.82 40.43 12.50
C ARG B 104 -2.65 39.15 12.49
N GLY B 105 -3.96 39.27 12.72
CA GLY B 105 -4.81 38.10 12.68
C GLY B 105 -4.86 37.46 11.31
N ILE B 106 -4.76 38.26 10.25
CA ILE B 106 -4.75 37.68 8.91
C ILE B 106 -3.57 36.75 8.75
N PHE B 107 -2.38 37.16 9.21
CA PHE B 107 -1.21 36.31 9.06
C PHE B 107 -1.41 34.95 9.72
N TYR B 108 -1.97 34.93 10.93
CA TYR B 108 -2.21 33.66 11.60
C TYR B 108 -3.29 32.85 10.89
N ALA B 109 -4.25 33.52 10.26
CA ALA B 109 -5.21 32.79 9.44
C ALA B 109 -4.52 32.09 8.27
N GLY B 110 -3.51 32.74 7.69
CA GLY B 110 -2.75 32.13 6.61
C GLY B 110 -1.93 30.93 7.04
N GLN B 111 -1.41 30.96 8.27
CA GLN B 111 -0.64 29.83 8.78
C GLN B 111 -1.54 28.62 9.01
N SER B 112 -2.72 28.84 9.59
CA SER B 112 -3.71 27.79 9.70
C SER B 112 -4.11 27.25 8.33
N LEU B 113 -4.28 28.15 7.35
CA LEU B 113 -4.54 27.69 5.98
C LEU B 113 -3.46 26.73 5.51
N VAL B 114 -2.20 27.09 5.71
CA VAL B 114 -1.10 26.25 5.22
C VAL B 114 -1.13 24.89 5.90
N GLN B 115 -1.38 24.86 7.22
CA GLN B 115 -1.47 23.57 7.89
C GLN B 115 -2.70 22.77 7.47
N MET B 116 -3.62 23.35 6.73
CA MET B 116 -4.78 22.63 6.26
C MET B 116 -4.65 22.15 4.83
N MET B 117 -3.58 22.50 4.16
CA MET B 117 -3.29 22.08 2.79
C MET B 117 -2.28 20.93 2.78
N PRO B 118 -2.21 20.18 1.68
CA PRO B 118 -1.24 19.08 1.61
C PRO B 118 0.19 19.54 1.90
N SER B 119 0.95 18.64 2.53
CA SER B 119 2.28 18.95 3.03
C SER B 119 3.25 19.33 1.92
N VAL B 120 3.01 18.89 0.68
CA VAL B 120 3.91 19.14 -0.43
C VAL B 120 4.08 20.63 -0.68
N PHE B 121 3.20 21.47 -0.13
CA PHE B 121 3.37 22.91 -0.03
C PHE B 121 4.81 23.29 0.32
N HIS B 122 5.41 22.59 1.29
CA HIS B 122 6.71 22.95 1.84
C HIS B 122 7.89 22.39 1.04
N ASP B 123 7.65 21.69 -0.07
CA ASP B 123 8.73 21.16 -0.89
C ASP B 123 9.07 22.18 -1.97
N ARG B 124 10.32 22.67 -1.97
CA ARG B 124 10.71 23.69 -2.94
C ARG B 124 10.80 23.12 -4.35
N THR B 125 11.11 21.83 -4.48
CA THR B 125 11.00 21.14 -5.76
C THR B 125 9.60 20.54 -5.86
N GLY B 126 9.50 19.28 -6.25
CA GLY B 126 8.25 18.56 -6.09
C GLY B 126 7.19 18.92 -7.12
N ASP B 127 6.28 17.97 -7.33
CA ASP B 127 5.25 18.05 -8.37
C ASP B 127 4.05 18.79 -7.81
N LYS B 128 3.98 20.09 -8.08
CA LYS B 128 2.88 20.90 -7.56
C LYS B 128 1.66 20.91 -8.47
N SER B 129 1.84 20.75 -9.77
CA SER B 129 0.74 20.94 -10.71
C SER B 129 -0.28 19.80 -10.69
N ALA B 130 0.03 18.67 -10.06
CA ALA B 130 -0.92 17.57 -9.94
C ALA B 130 -1.58 17.49 -8.58
N VAL B 131 -1.24 18.39 -7.66
CA VAL B 131 -1.82 18.40 -6.33
C VAL B 131 -3.15 19.13 -6.35
N ARG B 132 -4.15 18.57 -5.65
CA ARG B 132 -5.41 19.26 -5.42
C ARG B 132 -5.28 20.06 -4.13
N TRP B 133 -5.27 21.39 -4.25
CA TRP B 133 -5.02 22.29 -3.12
C TRP B 133 -6.32 22.52 -2.35
N ASN B 134 -6.76 21.47 -1.67
CA ASN B 134 -7.97 21.55 -0.86
C ASN B 134 -7.67 22.08 0.53
N ILE B 135 -8.57 22.92 1.04
CA ILE B 135 -8.45 23.46 2.40
C ILE B 135 -9.18 22.49 3.32
N SER B 136 -8.46 21.46 3.78
CA SER B 136 -8.99 20.40 4.64
C SER B 136 -9.99 19.55 3.88
N GLU B 137 -10.82 18.80 4.62
CA GLU B 137 -11.73 17.83 4.02
C GLU B 137 -13.13 18.35 3.77
N THR B 138 -13.68 19.13 4.70
CA THR B 138 -15.07 19.56 4.63
C THR B 138 -15.14 21.09 4.71
N PRO B 139 -16.32 21.70 4.55
CA PRO B 139 -16.46 23.11 4.96
C PRO B 139 -16.40 23.25 6.46
N PHE B 140 -15.92 24.40 6.92
CA PHE B 140 -15.75 24.61 8.35
C PHE B 140 -15.80 26.10 8.65
N ARG B 141 -16.01 26.40 9.93
CA ARG B 141 -15.83 27.74 10.48
C ARG B 141 -14.88 27.63 11.67
N ILE B 142 -13.89 28.52 11.70
CA ILE B 142 -12.92 28.58 12.79
C ILE B 142 -12.88 30.01 13.30
N THR B 143 -13.02 30.18 14.61
CA THR B 143 -12.71 31.42 15.29
C THR B 143 -11.63 31.11 16.33
N ASP B 144 -10.48 31.77 16.20
CA ASP B 144 -9.29 31.37 16.90
C ASP B 144 -8.66 32.58 17.58
N TYR B 145 -8.02 32.34 18.72
CA TYR B 145 -7.43 33.38 19.54
C TYR B 145 -6.51 32.75 20.59
N PRO B 146 -5.40 33.39 20.95
CA PRO B 146 -4.46 32.77 21.87
C PRO B 146 -4.93 32.86 23.31
N ARG B 147 -4.64 31.80 24.08
CA ARG B 147 -4.91 31.86 25.51
C ARG B 147 -3.95 32.82 26.21
N PHE B 148 -2.65 32.73 25.90
CA PHE B 148 -1.64 33.60 26.47
C PHE B 148 -1.11 34.55 25.41
N SER B 149 -0.88 35.80 25.82
CA SER B 149 -0.36 36.81 24.90
C SER B 149 1.14 36.69 24.65
N TRP B 150 1.84 35.92 25.48
CA TRP B 150 3.31 35.85 25.45
C TRP B 150 3.70 34.39 25.23
N ARG B 151 4.08 34.05 23.99
CA ARG B 151 4.44 32.68 23.61
C ARG B 151 5.85 32.73 23.03
N ALA B 152 6.85 32.51 23.88
CA ALA B 152 8.24 32.84 23.59
C ALA B 152 9.11 31.61 23.35
N LEU B 153 10.03 31.75 22.40
CA LEU B 153 11.16 30.85 22.24
C LEU B 153 12.44 31.67 22.42
N MET B 154 13.36 31.19 23.24
CA MET B 154 14.63 31.87 23.46
C MET B 154 15.72 31.10 22.72
N ILE B 155 16.46 31.79 21.85
CA ILE B 155 17.64 31.20 21.22
C ILE B 155 18.89 31.86 21.81
N ASP B 156 19.75 31.04 22.42
CA ASP B 156 21.05 31.46 22.91
C ASP B 156 22.03 31.44 21.73
N GLU B 157 22.44 32.61 21.24
CA GLU B 157 23.49 32.66 20.23
C GLU B 157 24.82 33.11 20.81
N ALA B 158 24.86 33.35 22.12
CA ALA B 158 26.09 33.75 22.78
C ALA B 158 27.01 32.55 23.03
N ARG B 159 26.47 31.44 23.51
CA ARG B 159 27.29 30.25 23.73
C ARG B 159 27.80 29.69 22.40
N HIS B 160 26.94 29.58 21.39
CA HIS B 160 27.35 29.32 20.02
C HIS B 160 26.57 30.24 19.09
N PHE B 161 27.26 30.83 18.12
CA PHE B 161 26.62 31.71 17.16
C PHE B 161 26.13 30.91 15.97
N PHE B 162 24.87 31.12 15.59
CA PHE B 162 24.30 30.39 14.46
C PHE B 162 24.10 31.25 13.23
N GLY B 163 23.68 32.51 13.38
CA GLY B 163 23.61 33.42 12.26
C GLY B 163 22.25 33.49 11.59
N GLU B 164 22.16 34.40 10.61
CA GLU B 164 20.87 34.87 10.12
C GLU B 164 20.09 33.78 9.40
N LYS B 165 20.76 32.95 8.61
CA LYS B 165 20.05 31.88 7.92
C LYS B 165 19.36 30.97 8.93
N THR B 166 20.11 30.50 9.95
CA THR B 166 19.53 29.61 10.95
C THR B 166 18.42 30.30 11.74
N ILE B 167 18.61 31.57 12.12
CA ILE B 167 17.61 32.24 12.95
C ILE B 167 16.34 32.48 12.14
N LYS B 168 16.47 32.79 10.85
CA LYS B 168 15.29 32.94 10.00
C LYS B 168 14.55 31.63 9.86
N GLN B 169 15.27 30.52 9.70
CA GLN B 169 14.62 29.21 9.67
C GLN B 169 13.88 28.95 10.98
N ILE B 170 14.47 29.36 12.10
CA ILE B 170 13.80 29.24 13.40
C ILE B 170 12.56 30.13 13.45
N ILE B 171 12.66 31.36 12.93
CA ILE B 171 11.52 32.26 12.93
C ILE B 171 10.39 31.68 12.08
N ASP B 172 10.72 31.03 10.96
CA ASP B 172 9.70 30.38 10.13
C ASP B 172 8.94 29.30 10.91
N GLN B 173 9.65 28.48 11.71
CA GLN B 173 8.98 27.46 12.51
C GLN B 173 8.09 28.09 13.56
N MET B 174 8.62 29.09 14.28
CA MET B 174 7.84 29.80 15.28
C MET B 174 6.55 30.37 14.70
N ALA B 175 6.66 31.02 13.53
CA ALA B 175 5.49 31.63 12.92
C ALA B 175 4.45 30.57 12.56
N LEU B 176 4.91 29.43 12.02
CA LEU B 176 3.97 28.37 11.65
C LEU B 176 3.27 27.77 12.87
N LEU B 177 3.86 27.89 14.06
CA LEU B 177 3.25 27.44 15.31
C LEU B 177 2.61 28.59 16.09
N LYS B 178 2.57 29.79 15.51
CA LYS B 178 1.94 30.98 16.13
C LYS B 178 2.66 31.41 17.42
N MET B 179 3.95 31.10 17.55
CA MET B 179 4.75 31.67 18.63
C MET B 179 5.15 33.09 18.22
N ASN B 180 4.99 34.04 19.15
CA ASN B 180 5.07 35.47 18.80
C ASN B 180 6.19 36.24 19.50
N ILE B 181 7.08 35.57 20.25
CA ILE B 181 8.19 36.25 20.93
C ILE B 181 9.49 35.47 20.68
N LEU B 182 10.44 36.12 20.02
CA LEU B 182 11.81 35.61 19.93
C LEU B 182 12.63 36.31 21.02
N HIS B 183 13.01 35.57 22.04
CA HIS B 183 13.86 36.08 23.09
C HIS B 183 15.30 35.81 22.66
N TRP B 184 16.04 36.85 22.32
CA TRP B 184 17.32 36.70 21.62
C TRP B 184 18.42 36.89 22.65
N HIS B 185 19.00 35.76 23.10
CA HIS B 185 20.04 35.78 24.12
C HIS B 185 21.38 36.01 23.43
N LEU B 186 21.77 37.29 23.37
CA LEU B 186 22.83 37.68 22.45
C LEU B 186 24.19 37.92 23.12
N THR B 187 24.25 37.93 24.45
CA THR B 187 25.53 38.16 25.15
C THR B 187 25.63 37.25 26.36
N ASP B 188 26.85 36.87 26.69
CA ASP B 188 27.12 35.99 27.81
C ASP B 188 28.62 36.00 28.03
N ASP B 189 29.09 35.11 28.91
CA ASP B 189 30.51 35.02 29.18
C ASP B 189 31.32 34.60 27.96
N THR B 190 30.76 33.75 27.11
CA THR B 190 31.56 33.17 26.04
C THR B 190 31.27 33.80 24.68
N GLY B 191 30.46 34.86 24.63
CA GLY B 191 30.25 35.56 23.38
C GLY B 191 29.41 36.82 23.47
N TRP B 192 29.76 37.83 22.68
CA TRP B 192 28.98 39.04 22.50
C TRP B 192 28.65 39.16 21.02
N ARG B 193 27.35 39.14 20.69
CA ARG B 193 26.91 38.88 19.32
C ARG B 193 26.25 40.08 18.63
N ILE B 194 26.27 41.26 19.23
CA ILE B 194 25.60 42.41 18.61
C ILE B 194 26.58 43.58 18.45
N GLU B 195 26.79 44.01 17.21
CA GLU B 195 27.64 45.16 16.93
C GLU B 195 27.13 46.39 17.66
N ILE B 196 28.02 47.04 18.42
CA ILE B 196 27.71 48.30 19.09
C ILE B 196 28.69 49.34 18.53
N LYS B 197 28.17 50.27 17.72
CA LYS B 197 29.03 51.21 17.00
C LYS B 197 29.99 51.95 17.94
N LYS B 198 29.50 52.42 19.10
CA LYS B 198 30.34 53.23 19.98
C LYS B 198 31.46 52.41 20.64
N TYR B 199 31.26 51.11 20.83
CA TYR B 199 32.25 50.26 21.49
C TYR B 199 32.57 49.08 20.57
N PRO B 200 33.43 49.30 19.57
CA PRO B 200 33.66 48.25 18.56
C PRO B 200 34.40 47.02 19.07
N ARG B 201 35.03 47.09 20.25
CA ARG B 201 35.72 45.90 20.76
C ARG B 201 34.74 44.87 21.29
N LEU B 202 33.49 45.25 21.56
CA LEU B 202 32.51 44.26 22.00
C LEU B 202 32.38 43.11 21.02
N THR B 203 32.46 43.40 19.73
CA THR B 203 32.48 42.35 18.73
C THR B 203 33.89 41.98 18.26
N SER B 204 34.77 42.98 18.08
CA SER B 204 36.09 42.68 17.52
C SER B 204 36.94 41.87 18.51
N ILE B 205 36.66 41.98 19.80
CA ILE B 205 37.26 41.12 20.81
C ILE B 205 36.26 40.11 21.36
N GLY B 206 35.03 40.55 21.67
CA GLY B 206 34.10 39.71 22.41
C GLY B 206 33.37 38.67 21.60
N SER B 207 33.37 38.80 20.27
CA SER B 207 32.72 37.79 19.45
C SER B 207 33.67 36.67 19.01
N LYS B 208 34.90 36.62 19.55
CA LYS B 208 35.86 35.58 19.18
C LYS B 208 36.39 34.86 20.41
N ARG B 209 36.51 33.53 20.33
CA ARG B 209 37.18 32.76 21.37
C ARG B 209 38.02 31.67 20.71
N ARG B 210 39.05 31.21 21.44
CA ARG B 210 40.04 30.31 20.85
C ARG B 210 39.49 28.90 20.64
N GLU B 211 38.65 28.42 21.54
CA GLU B 211 38.11 27.05 21.45
C GLU B 211 36.88 26.97 22.34
N SER B 212 36.31 25.78 22.43
CA SER B 212 35.08 25.55 23.19
C SER B 212 35.16 24.23 23.95
N GLU B 213 34.84 24.30 25.25
CA GLU B 213 34.53 23.09 26.01
C GLU B 213 33.43 22.31 25.30
N ILE B 214 33.52 20.97 25.32
CA ILE B 214 32.51 20.15 24.66
C ILE B 214 32.08 19.04 25.60
N GLY B 215 30.95 18.43 25.26
CA GLY B 215 30.45 17.26 25.97
C GLY B 215 29.50 17.64 27.08
N THR B 216 30.04 18.29 28.11
CA THR B 216 29.25 18.75 29.25
C THR B 216 30.17 19.60 30.10
N TRP B 217 29.58 20.21 31.13
CA TRP B 217 30.35 21.02 32.08
C TRP B 217 31.42 20.17 32.74
N ASN B 218 32.65 20.71 32.81
CA ASN B 218 33.76 20.04 33.49
C ASN B 218 34.17 18.74 32.81
N SER B 219 33.91 18.62 31.50
CA SER B 219 34.22 17.39 30.80
C SER B 219 35.72 17.16 30.67
N GLY B 220 36.53 18.20 30.84
CA GLY B 220 37.92 18.07 30.47
C GLY B 220 38.17 17.92 28.99
N LYS B 221 37.16 18.14 28.15
CA LYS B 221 37.27 17.99 26.71
C LYS B 221 37.03 19.33 26.03
N SER B 222 37.84 19.61 25.01
CA SER B 222 37.70 20.81 24.20
C SER B 222 37.84 20.43 22.73
N ASP B 223 37.35 21.30 21.85
CA ASP B 223 37.43 21.02 20.43
C ASP B 223 38.64 21.67 19.76
N GLY B 224 39.40 22.49 20.47
CA GLY B 224 40.53 23.17 19.87
C GLY B 224 40.21 24.05 18.67
N THR B 225 38.94 24.43 18.48
CA THR B 225 38.52 25.11 17.26
C THR B 225 38.07 26.53 17.56
N PRO B 226 38.71 27.56 16.99
CA PRO B 226 38.21 28.93 17.18
C PRO B 226 36.76 29.06 16.78
N HIS B 227 36.02 29.89 17.50
CA HIS B 227 34.63 30.13 17.21
C HIS B 227 34.37 31.62 17.27
N GLU B 228 33.71 32.15 16.24
CA GLU B 228 33.44 33.58 16.21
C GLU B 228 32.16 33.83 15.42
N GLY B 229 31.62 35.02 15.60
CA GLY B 229 30.48 35.49 14.83
C GLY B 229 29.68 36.53 15.61
N PHE B 230 29.07 37.46 14.88
CA PHE B 230 28.16 38.44 15.45
C PHE B 230 27.27 38.97 14.33
N TYR B 231 26.23 39.69 14.74
CA TYR B 231 25.35 40.38 13.81
C TYR B 231 25.72 41.84 13.70
N THR B 232 25.81 42.36 12.48
CA THR B 232 25.82 43.78 12.28
C THR B 232 24.43 44.36 12.58
N GLN B 233 24.39 45.67 12.81
CA GLN B 233 23.09 46.30 13.05
C GLN B 233 22.20 46.24 11.81
N GLU B 234 22.78 46.31 10.61
CA GLU B 234 22.00 46.08 9.41
C GLU B 234 21.36 44.69 9.40
N GLN B 235 22.12 43.67 9.80
CA GLN B 235 21.53 42.33 9.87
C GLN B 235 20.41 42.29 10.89
N ILE B 236 20.60 42.95 12.03
CA ILE B 236 19.58 42.94 13.06
C ILE B 236 18.32 43.63 12.58
N ARG B 237 18.47 44.79 11.92
CA ARG B 237 17.31 45.45 11.34
C ARG B 237 16.58 44.50 10.40
N ASP B 238 17.33 43.82 9.53
CA ASP B 238 16.69 42.91 8.58
C ASP B 238 15.94 41.80 9.30
N ILE B 239 16.56 41.20 10.32
CA ILE B 239 15.92 40.08 11.01
C ILE B 239 14.68 40.56 11.78
N VAL B 240 14.78 41.73 12.42
CA VAL B 240 13.63 42.33 13.10
C VAL B 240 12.44 42.45 12.14
N GLN B 241 12.69 42.99 10.95
CA GLN B 241 11.62 43.13 9.97
C GLN B 241 11.13 41.77 9.49
N TYR B 242 12.07 40.84 9.23
CA TYR B 242 11.68 39.49 8.85
C TYR B 242 10.76 38.88 9.90
N ALA B 243 11.11 39.02 11.17
CA ALA B 243 10.30 38.44 12.24
C ALA B 243 8.97 39.19 12.41
N ALA B 244 9.00 40.53 12.36
CA ALA B 244 7.76 41.29 12.54
C ALA B 244 6.74 40.97 11.45
N ARG B 245 7.21 40.72 10.23
CA ARG B 245 6.28 40.34 9.17
C ARG B 245 5.64 38.98 9.42
N ARG B 246 6.13 38.21 10.41
CA ARG B 246 5.60 36.90 10.75
C ARG B 246 5.03 36.88 12.17
N ASN B 247 4.57 38.05 12.63
CA ASN B 247 3.86 38.21 13.91
C ASN B 247 4.77 37.99 15.14
N ILE B 248 6.07 38.19 14.98
CA ILE B 248 7.03 37.91 16.05
C ILE B 248 7.71 39.22 16.45
N THR B 249 7.66 39.55 17.74
CA THR B 249 8.44 40.64 18.32
C THR B 249 9.70 40.06 18.95
N ILE B 250 10.85 40.68 18.68
CA ILE B 250 12.11 40.19 19.22
C ILE B 250 12.38 40.90 20.54
N VAL B 251 12.63 40.11 21.58
CA VAL B 251 13.04 40.65 22.87
C VAL B 251 14.55 40.44 22.99
N PRO B 252 15.35 41.48 22.76
CA PRO B 252 16.80 41.33 22.88
C PRO B 252 17.19 41.24 24.35
N GLU B 253 18.23 40.43 24.63
CA GLU B 253 18.75 40.28 25.98
C GLU B 253 20.22 40.71 26.02
N ILE B 254 20.53 41.71 26.86
CA ILE B 254 21.90 42.06 27.22
C ILE B 254 22.10 41.59 28.67
N GLU B 255 22.84 40.49 28.86
CA GLU B 255 23.03 39.93 30.19
C GLU B 255 23.82 40.87 31.11
N MET B 256 23.35 41.01 32.34
CA MET B 256 23.95 41.81 33.40
C MET B 256 23.17 41.51 34.69
N PRO B 257 23.79 41.64 35.87
CA PRO B 257 25.18 42.05 36.02
C PRO B 257 26.16 40.89 35.88
N GLY B 258 25.66 39.67 35.77
CA GLY B 258 26.50 38.51 35.55
C GLY B 258 26.72 38.28 34.07
N HIS B 259 27.36 37.15 33.76
CA HIS B 259 27.50 36.70 32.37
C HIS B 259 28.17 37.75 31.50
N ALA B 260 29.22 38.37 32.04
CA ALA B 260 29.79 39.58 31.46
C ALA B 260 31.20 39.39 30.92
N SER B 261 31.73 38.15 30.91
CA SER B 261 33.14 37.94 30.57
C SER B 261 33.51 38.59 29.23
N ALA B 262 32.71 38.35 28.20
CA ALA B 262 33.07 38.79 26.87
C ALA B 262 33.17 40.30 26.82
N ALA B 263 32.17 40.99 27.39
CA ALA B 263 32.19 42.44 27.43
C ALA B 263 33.38 42.94 28.24
N ALA B 264 33.72 42.23 29.32
CA ALA B 264 34.81 42.68 30.19
C ALA B 264 36.17 42.53 29.51
N VAL B 265 36.40 41.39 28.85
CA VAL B 265 37.65 41.21 28.11
C VAL B 265 37.79 42.31 27.07
N ALA B 266 36.68 42.74 26.49
CA ALA B 266 36.71 43.85 25.54
C ALA B 266 37.08 45.16 26.23
N TYR B 267 36.47 45.44 27.39
CA TYR B 267 36.71 46.68 28.12
C TYR B 267 36.93 46.33 29.59
N PRO B 268 38.18 46.10 29.98
CA PRO B 268 38.45 45.48 31.31
C PRO B 268 37.97 46.29 32.49
N PHE B 269 37.81 47.60 32.37
CA PHE B 269 37.27 48.38 33.48
C PHE B 269 35.84 47.98 33.84
N LEU B 270 35.16 47.20 33.00
CA LEU B 270 33.77 46.84 33.26
C LEU B 270 33.60 45.84 34.40
N SER B 271 34.67 45.10 34.77
CA SER B 271 34.60 44.09 35.83
C SER B 271 35.72 44.31 36.84
N LEU B 272 35.48 43.87 38.08
CA LEU B 272 36.56 43.84 39.06
C LEU B 272 37.46 42.65 38.89
N LYS B 273 37.05 41.66 38.09
CA LYS B 273 37.83 40.44 37.89
C LYS B 273 37.75 40.04 36.42
N THR B 274 38.23 40.90 35.54
CA THR B 274 38.15 40.65 34.11
C THR B 274 39.07 39.49 33.72
N PRO B 275 38.58 38.48 32.99
CA PRO B 275 39.48 37.40 32.54
C PRO B 275 40.52 37.89 31.54
N GLY B 276 41.59 37.11 31.39
CA GLY B 276 42.66 37.45 30.46
C GLY B 276 42.30 37.23 29.00
N GLU B 277 41.31 36.38 28.73
CA GLU B 277 40.80 36.21 27.38
C GLU B 277 39.34 35.76 27.48
N VAL B 278 38.62 35.84 26.38
CA VAL B 278 37.23 35.35 26.38
C VAL B 278 37.23 33.89 26.84
N PRO B 279 36.43 33.53 27.84
CA PRO B 279 36.47 32.16 28.37
C PRO B 279 36.21 31.11 27.29
N THR B 280 36.90 29.98 27.42
CA THR B 280 36.74 28.86 26.51
C THR B 280 35.98 27.72 27.14
N THR B 281 35.57 27.87 28.38
CA THR B 281 34.78 26.89 29.09
C THR B 281 33.50 27.57 29.54
N PHE B 282 32.52 26.75 29.92
CA PHE B 282 31.21 27.25 30.29
C PHE B 282 31.00 27.27 31.79
N ILE B 283 32.08 27.44 32.55
CA ILE B 283 31.99 27.46 34.00
C ILE B 283 32.55 28.75 34.60
N VAL B 284 32.77 29.77 33.78
CA VAL B 284 33.31 31.05 34.25
C VAL B 284 32.22 32.10 34.06
N ASN B 285 31.75 32.67 35.16
CA ASN B 285 30.69 33.68 35.14
C ASN B 285 31.28 34.97 35.74
N THR B 286 31.62 35.92 34.86
CA THR B 286 32.19 37.19 35.30
C THR B 286 31.07 38.20 35.55
N ALA B 287 31.25 39.04 36.57
CA ALA B 287 30.27 40.05 36.95
C ALA B 287 30.75 41.45 36.61
N PHE B 288 29.84 42.27 36.08
CA PHE B 288 30.10 43.70 35.97
C PHE B 288 30.34 44.31 37.34
N ASP B 289 31.14 45.38 37.38
CA ASP B 289 31.41 46.12 38.61
C ASP B 289 30.20 47.00 38.89
N PRO B 290 29.38 46.68 39.89
CA PRO B 290 28.19 47.48 40.18
C PRO B 290 28.49 48.72 41.03
N THR B 291 29.74 48.95 41.42
CA THR B 291 30.08 50.08 42.27
C THR B 291 30.50 51.32 41.48
N SER B 292 30.78 51.18 40.19
CA SER B 292 31.40 52.25 39.41
C SER B 292 30.38 52.86 38.47
N GLU B 293 30.37 54.20 38.42
CA GLU B 293 29.48 54.92 37.50
C GLU B 293 29.78 54.60 36.05
N LYS B 294 31.04 54.29 35.72
CA LYS B 294 31.38 53.99 34.33
C LYS B 294 30.64 52.76 33.83
N THR B 295 30.35 51.81 34.74
CA THR B 295 29.64 50.60 34.34
C THR B 295 28.24 50.93 33.84
N TYR B 296 27.50 51.73 34.61
CA TYR B 296 26.13 52.09 34.23
C TYR B 296 26.12 52.96 32.98
N ALA B 297 27.01 53.95 32.89
CA ALA B 297 27.06 54.78 31.70
C ALA B 297 27.39 53.95 30.47
N PHE B 298 28.33 53.01 30.61
CA PHE B 298 28.65 52.13 29.49
C PHE B 298 27.42 51.33 29.08
N LEU B 299 26.76 50.67 30.04
CA LEU B 299 25.61 49.84 29.70
C LEU B 299 24.43 50.69 29.23
N SER B 300 24.29 51.92 29.72
CA SER B 300 23.25 52.80 29.20
C SER B 300 23.50 53.13 27.73
N ASP B 301 24.78 53.35 27.38
CA ASP B 301 25.10 53.62 25.98
C ASP B 301 24.75 52.42 25.11
N VAL B 302 25.15 51.21 25.53
CA VAL B 302 24.81 50.00 24.80
C VAL B 302 23.31 49.91 24.59
N LEU B 303 22.55 50.14 25.66
CA LEU B 303 21.11 50.05 25.57
C LEU B 303 20.51 51.17 24.69
N ASP B 304 21.21 52.30 24.53
CA ASP B 304 20.77 53.30 23.54
C ASP B 304 20.83 52.72 22.13
N GLU B 305 21.90 51.99 21.81
CA GLU B 305 21.97 51.44 20.46
C GLU B 305 21.00 50.28 20.31
N VAL B 306 20.77 49.50 21.37
CA VAL B 306 19.80 48.42 21.31
C VAL B 306 18.40 48.97 21.02
N THR B 307 18.00 50.04 21.73
CA THR B 307 16.67 50.59 21.54
C THR B 307 16.49 51.18 20.15
N ALA B 308 17.56 51.64 19.52
CA ALA B 308 17.43 52.25 18.20
C ALA B 308 17.21 51.21 17.09
N ILE B 309 17.60 49.95 17.31
CA ILE B 309 17.41 48.91 16.30
C ILE B 309 16.42 47.83 16.71
N PHE B 310 16.01 47.77 17.97
CA PHE B 310 14.95 46.86 18.37
C PHE B 310 13.71 47.67 18.76
N PRO B 311 12.65 47.69 17.95
CA PRO B 311 11.49 48.53 18.28
C PRO B 311 10.57 47.97 19.37
N GLY B 312 10.70 46.69 19.73
CA GLY B 312 9.87 46.14 20.78
C GLY B 312 10.03 46.89 22.09
N ARG B 313 8.96 46.93 22.87
CA ARG B 313 8.94 47.69 24.12
C ARG B 313 9.79 47.05 25.23
N ILE B 314 10.06 45.76 25.15
CA ILE B 314 10.66 45.03 26.26
C ILE B 314 12.11 44.72 25.93
N ILE B 315 13.00 45.02 26.88
CA ILE B 315 14.42 44.68 26.78
C ILE B 315 14.75 43.78 27.97
N HIS B 316 15.21 42.57 27.67
CA HIS B 316 15.61 41.61 28.71
C HIS B 316 17.06 41.90 29.13
N ILE B 317 17.35 41.75 30.42
CA ILE B 317 18.72 41.91 30.93
C ILE B 317 19.26 40.63 31.54
N GLY B 318 18.50 39.55 31.55
CA GLY B 318 18.91 38.38 32.31
C GLY B 318 18.71 38.67 33.78
N GLY B 319 19.72 39.22 34.45
CA GLY B 319 19.59 39.56 35.85
C GLY B 319 19.61 38.37 36.80
N ASP B 320 19.93 37.17 36.31
CA ASP B 320 20.05 36.04 37.22
C ASP B 320 21.26 36.26 38.14
N GLU B 321 21.33 35.45 39.19
CA GLU B 321 22.26 35.72 40.28
C GLU B 321 23.72 35.67 39.84
N VAL B 322 24.48 36.67 40.28
CA VAL B 322 25.94 36.65 40.16
C VAL B 322 26.51 35.54 41.04
N ARG B 323 27.68 35.02 40.66
CA ARG B 323 28.47 34.11 41.50
C ARG B 323 29.17 34.96 42.57
N TYR B 324 28.44 35.26 43.65
CA TYR B 324 28.89 36.27 44.61
C TYR B 324 30.23 35.92 45.23
N ASP B 325 30.40 34.67 45.69
CA ASP B 325 31.63 34.32 46.40
C ASP B 325 32.86 34.37 45.50
N LYS B 326 32.72 34.03 44.21
CA LYS B 326 33.87 34.07 43.32
C LYS B 326 34.16 35.48 42.80
N GLN B 327 33.13 36.32 42.68
CA GLN B 327 33.25 37.59 41.96
C GLN B 327 33.34 38.80 42.88
N TRP B 328 32.60 38.82 43.99
CA TRP B 328 32.42 40.04 44.78
C TRP B 328 32.87 39.93 46.23
N LYS B 329 32.70 38.78 46.87
CA LYS B 329 33.08 38.62 48.27
C LYS B 329 34.54 38.96 48.51
N GLY B 330 34.79 39.83 49.49
CA GLY B 330 36.16 40.15 49.85
C GLY B 330 36.87 41.08 48.90
N VAL B 331 36.19 41.59 47.88
CA VAL B 331 36.77 42.59 47.00
C VAL B 331 36.63 43.96 47.66
N PRO B 332 37.70 44.72 47.83
CA PRO B 332 37.60 45.97 48.61
C PRO B 332 36.53 46.92 48.10
N GLU B 333 36.41 47.12 46.79
CA GLU B 333 35.42 48.07 46.29
C GLU B 333 34.00 47.61 46.59
N ILE B 334 33.76 46.29 46.56
CA ILE B 334 32.43 45.76 46.87
C ILE B 334 32.11 45.95 48.35
N GLU B 335 33.02 45.50 49.22
CA GLU B 335 32.74 45.53 50.65
C GLU B 335 32.58 46.95 51.16
N GLU B 336 33.38 47.89 50.64
CA GLU B 336 33.22 49.28 51.04
C GLU B 336 31.92 49.88 50.48
N PHE B 337 31.56 49.53 49.25
CA PHE B 337 30.29 49.98 48.68
C PHE B 337 29.12 49.51 49.54
N MET B 338 29.21 48.29 50.06
CA MET B 338 28.14 47.74 50.90
C MET B 338 28.02 48.48 52.22
N LYS B 339 29.16 48.76 52.87
CA LYS B 339 29.15 49.57 54.09
C LYS B 339 28.60 50.97 53.82
N LYS B 340 29.07 51.59 52.75
CA LYS B 340 28.64 52.96 52.45
C LYS B 340 27.14 53.02 52.19
N ASN B 341 26.56 51.99 51.61
CA ASN B 341 25.16 52.04 51.19
C ASN B 341 24.24 51.20 52.08
N GLY B 342 24.71 50.71 53.21
CA GLY B 342 23.84 49.96 54.11
C GLY B 342 23.34 48.64 53.55
N MET B 343 24.13 47.97 52.71
CA MET B 343 23.72 46.72 52.10
C MET B 343 24.23 45.53 52.91
N LYS B 344 23.32 44.64 53.28
CA LYS B 344 23.70 43.51 54.13
C LYS B 344 24.29 42.35 53.34
N SER B 345 23.87 42.14 52.10
CA SER B 345 24.22 40.95 51.35
C SER B 345 24.73 41.32 49.97
N TYR B 346 25.48 40.38 49.37
CA TYR B 346 25.89 40.55 47.98
C TYR B 346 24.69 40.60 47.05
N ALA B 347 23.64 39.85 47.38
CA ALA B 347 22.41 39.90 46.59
C ALA B 347 21.77 41.29 46.64
N ASP B 348 21.91 42.01 47.77
CA ASP B 348 21.40 43.37 47.82
C ASP B 348 22.16 44.28 46.87
N VAL B 349 23.46 44.03 46.69
CA VAL B 349 24.24 44.78 45.70
C VAL B 349 23.68 44.55 44.30
N GLN B 350 23.46 43.28 43.95
CA GLN B 350 22.90 42.98 42.65
C GLN B 350 21.52 43.60 42.49
N MET B 351 20.69 43.54 43.53
CA MET B 351 19.36 44.17 43.44
C MET B 351 19.47 45.67 43.18
N HIS B 352 20.38 46.36 43.87
CA HIS B 352 20.63 47.78 43.57
C HIS B 352 20.93 47.97 42.10
N PHE B 353 21.79 47.12 41.55
CA PHE B 353 22.20 47.24 40.16
C PHE B 353 21.03 47.01 39.21
N THR B 354 20.30 45.90 39.39
CA THR B 354 19.19 45.64 38.47
C THR B 354 18.04 46.64 38.65
N ASN B 355 17.82 47.15 39.88
CA ASN B 355 16.86 48.23 40.08
C ASN B 355 17.28 49.47 39.30
N ARG B 356 18.56 49.82 39.41
CA ARG B 356 19.03 50.99 38.68
C ARG B 356 18.91 50.79 37.18
N MET B 357 19.25 49.60 36.68
CA MET B 357 19.10 49.38 35.24
C MET B 357 17.64 49.48 34.80
N SER B 358 16.69 49.10 35.66
CA SER B 358 15.30 49.19 35.26
C SER B 358 14.85 50.63 35.10
N GLY B 359 15.39 51.55 35.92
CA GLY B 359 15.14 52.97 35.70
C GLY B 359 15.83 53.51 34.46
N ILE B 360 17.08 53.11 34.24
CA ILE B 360 17.78 53.53 33.03
C ILE B 360 17.01 53.10 31.78
N ILE B 361 16.48 51.87 31.78
CA ILE B 361 15.74 51.36 30.63
C ILE B 361 14.40 52.09 30.48
N ALA B 362 13.70 52.32 31.59
CA ALA B 362 12.43 53.05 31.54
C ALA B 362 12.59 54.43 30.91
N GLN B 363 13.71 55.11 31.21
CA GLN B 363 13.91 56.46 30.68
C GLN B 363 14.13 56.45 29.18
N LYS B 364 14.47 55.30 28.61
CA LYS B 364 14.56 55.16 27.17
C LYS B 364 13.22 54.85 26.52
N GLY B 365 12.12 54.85 27.28
CA GLY B 365 10.83 54.48 26.72
C GLY B 365 10.64 53.00 26.56
N ARG B 366 11.30 52.20 27.39
CA ARG B 366 11.26 50.74 27.31
C ARG B 366 10.93 50.18 28.68
N ARG B 367 10.73 48.85 28.72
CA ARG B 367 10.45 48.14 29.96
C ARG B 367 11.47 47.01 30.12
N MET B 368 12.09 46.95 31.30
CA MET B 368 13.05 45.90 31.58
C MET B 368 12.34 44.59 31.85
N MET B 369 12.94 43.50 31.38
CA MET B 369 12.55 42.15 31.73
C MET B 369 13.76 41.42 32.29
N GLY B 370 13.53 40.55 33.26
CA GLY B 370 14.63 39.75 33.79
C GLY B 370 14.09 38.54 34.53
N TRP B 371 15.01 37.59 34.80
CA TRP B 371 14.70 36.43 35.62
C TRP B 371 14.29 36.85 37.03
N ASN B 372 13.75 35.89 37.78
CA ASN B 372 13.08 36.21 39.04
C ASN B 372 14.00 36.85 40.07
N GLU B 373 15.33 36.69 39.96
CA GLU B 373 16.23 37.38 40.88
C GLU B 373 16.07 38.90 40.85
N ILE B 374 15.54 39.48 39.76
CA ILE B 374 15.39 40.94 39.76
C ILE B 374 14.22 41.41 40.61
N TYR B 375 13.38 40.50 41.13
CA TYR B 375 12.23 40.88 41.93
C TYR B 375 12.41 40.41 43.37
N GLY B 376 12.39 41.38 44.29
CA GLY B 376 12.24 41.10 45.70
C GLY B 376 11.26 42.11 46.29
N HIS B 377 10.62 41.70 47.39
CA HIS B 377 9.39 42.38 47.84
C HIS B 377 9.63 43.84 48.20
N ASP B 378 10.49 44.11 49.20
CA ASP B 378 10.66 45.48 49.72
C ASP B 378 11.69 46.26 48.91
N VAL B 379 12.98 45.94 49.08
CA VAL B 379 14.03 46.58 48.30
C VAL B 379 14.70 45.58 47.36
N ALA B 389 17.56 51.79 43.44
CA ALA B 389 16.93 51.73 44.75
C ALA B 389 15.59 50.99 44.73
N LYS B 390 14.78 51.24 43.69
CA LYS B 390 13.47 50.62 43.55
C LYS B 390 13.31 50.03 42.15
N LEU B 391 12.71 48.84 42.07
CA LEU B 391 12.42 48.24 40.77
C LEU B 391 11.29 48.99 40.07
N ASP B 392 11.53 49.38 38.81
CA ASP B 392 10.47 49.95 37.99
C ASP B 392 9.23 49.05 38.03
N THR B 393 8.10 49.64 38.42
CA THR B 393 6.86 48.88 38.52
C THR B 393 6.41 48.30 37.18
N ASN B 394 6.82 48.87 36.06
CA ASN B 394 6.48 48.28 34.76
C ASN B 394 7.41 47.14 34.32
N ALA B 395 8.36 46.72 35.16
CA ALA B 395 9.24 45.62 34.76
C ALA B 395 8.48 44.31 34.64
N VAL B 396 8.98 43.42 33.79
CA VAL B 396 8.41 42.09 33.57
C VAL B 396 9.35 41.06 34.20
N ILE B 397 8.78 40.13 34.97
CA ILE B 397 9.54 39.11 35.69
C ILE B 397 9.33 37.76 35.01
N GLN B 398 10.42 37.08 34.68
CA GLN B 398 10.37 35.73 34.11
C GLN B 398 10.86 34.72 35.14
N PHE B 399 10.02 33.73 35.46
CA PHE B 399 10.35 32.77 36.52
C PHE B 399 10.95 31.50 35.92
N TRP B 400 12.25 31.30 36.15
CA TRP B 400 12.81 29.97 35.97
C TRP B 400 12.56 29.09 37.19
N LYS B 401 12.29 29.68 38.36
CA LYS B 401 12.38 28.92 39.61
C LYS B 401 11.08 28.26 40.07
N GLY B 402 9.93 28.91 39.98
CA GLY B 402 8.80 28.13 40.46
C GLY B 402 8.58 28.27 41.95
N ASN B 403 8.60 29.52 42.34
CA ASN B 403 8.29 29.99 43.67
C ASN B 403 6.94 30.67 43.54
N THR B 404 5.87 29.96 43.89
CA THR B 404 4.53 30.48 43.60
C THR B 404 4.25 31.75 44.41
N SER B 405 4.62 31.75 45.69
CA SER B 405 4.37 32.92 46.52
C SER B 405 5.16 34.12 46.02
N LEU B 406 6.33 33.87 45.41
CA LEU B 406 7.12 34.96 44.84
C LEU B 406 6.44 35.53 43.61
N ALA B 407 5.88 34.66 42.76
CA ALA B 407 5.07 35.14 41.64
C ALA B 407 3.87 35.93 42.13
N LYS B 408 3.22 35.44 43.20
CA LYS B 408 2.05 36.13 43.74
C LYS B 408 2.41 37.54 44.16
N ASN B 409 3.53 37.71 44.88
CA ASN B 409 3.90 39.04 45.34
C ASN B 409 4.29 39.95 44.18
N ALA B 410 5.01 39.43 43.20
CA ALA B 410 5.37 40.22 42.02
C ALA B 410 4.12 40.72 41.31
N ILE B 411 3.10 39.88 41.22
CA ILE B 411 1.83 40.29 40.61
C ILE B 411 1.16 41.36 41.45
N ARG B 412 1.07 41.12 42.77
CA ARG B 412 0.48 42.11 43.65
C ARG B 412 1.22 43.44 43.57
N ASP B 413 2.55 43.41 43.39
CA ASP B 413 3.32 44.63 43.21
C ASP B 413 3.24 45.21 41.80
N GLY B 414 2.35 44.69 40.94
CA GLY B 414 2.04 45.34 39.68
C GLY B 414 2.76 44.83 38.45
N HIS B 415 3.53 43.75 38.55
CA HIS B 415 4.33 43.26 37.43
C HIS B 415 3.58 42.19 36.64
N ASP B 416 3.73 42.23 35.32
CA ASP B 416 3.42 41.03 34.54
C ASP B 416 4.52 39.99 34.77
N VAL B 417 4.14 38.72 34.74
CA VAL B 417 5.08 37.62 34.95
C VAL B 417 4.94 36.59 33.84
N ILE B 418 6.07 36.01 33.45
CA ILE B 418 6.17 34.92 32.47
C ILE B 418 6.68 33.68 33.20
N ASN B 419 6.08 32.52 32.93
CA ASN B 419 6.48 31.30 33.60
C ASN B 419 7.40 30.50 32.69
N SER B 420 8.61 30.22 33.16
CA SER B 420 9.59 29.44 32.41
C SER B 420 10.25 28.40 33.31
N LEU B 421 9.47 27.76 34.17
CA LEU B 421 9.96 26.74 35.07
C LEU B 421 11.01 25.86 34.40
N HIS B 422 12.24 25.89 34.91
CA HIS B 422 13.35 25.32 34.15
C HIS B 422 13.26 23.80 34.06
N THR B 423 12.65 23.16 35.04
CA THR B 423 12.49 21.71 34.95
C THR B 423 11.46 21.31 33.92
N SER B 424 10.75 22.26 33.31
CA SER B 424 9.83 21.95 32.21
C SER B 424 10.20 22.60 30.89
N THR B 425 10.91 23.74 30.88
CA THR B 425 11.02 24.55 29.68
C THR B 425 12.44 24.68 29.14
N TYR B 426 13.42 24.02 29.75
CA TYR B 426 14.81 24.14 29.29
C TYR B 426 15.06 23.07 28.24
N LEU B 427 14.95 23.44 26.96
CA LEU B 427 15.07 22.54 25.83
C LEU B 427 16.48 22.07 25.57
N ASP B 428 17.49 22.60 26.26
CA ASP B 428 18.81 22.01 26.18
C ASP B 428 18.89 20.71 26.98
N TYR B 429 17.96 20.47 27.90
CA TYR B 429 17.98 19.20 28.63
C TYR B 429 17.60 18.04 27.70
N SER B 430 17.96 16.83 28.13
CA SER B 430 17.69 15.63 27.37
C SER B 430 16.20 15.30 27.37
N TYR B 431 15.81 14.36 26.51
CA TYR B 431 14.42 13.91 26.52
C TYR B 431 14.12 13.05 27.75
N GLY B 432 15.13 12.44 28.37
CA GLY B 432 14.92 11.81 29.66
C GLY B 432 14.68 12.81 30.78
N SER B 433 15.35 13.96 30.73
CA SER B 433 15.11 14.97 31.76
C SER B 433 13.75 15.63 31.57
N ILE B 434 13.39 15.96 30.33
CA ILE B 434 12.10 16.58 30.04
C ILE B 434 11.46 15.84 28.88
N PRO B 435 10.60 14.85 29.13
CA PRO B 435 9.90 14.18 28.03
C PRO B 435 8.94 15.10 27.31
N LEU B 436 8.58 14.69 26.10
CA LEU B 436 7.56 15.41 25.35
C LEU B 436 6.29 15.57 26.17
N GLN B 437 5.89 14.51 26.87
CA GLN B 437 4.71 14.57 27.73
C GLN B 437 4.82 15.67 28.76
N LYS B 438 5.98 15.81 29.40
CA LYS B 438 6.11 16.81 30.46
C LYS B 438 6.06 18.22 29.90
N ALA B 439 6.62 18.44 28.71
CA ALA B 439 6.49 19.75 28.07
C ALA B 439 5.04 20.08 27.80
N TYR B 440 4.28 19.13 27.25
CA TYR B 440 2.88 19.36 26.93
C TYR B 440 2.05 19.55 28.19
N GLY B 441 2.41 18.88 29.28
CA GLY B 441 1.71 19.09 30.53
C GLY B 441 2.03 20.36 31.27
N PHE B 442 2.94 21.18 30.76
CA PHE B 442 3.32 22.40 31.46
C PHE B 442 2.13 23.34 31.55
N GLU B 443 1.90 23.90 32.73
CA GLU B 443 0.83 24.86 32.96
C GLU B 443 1.45 26.19 33.41
N PRO B 444 1.39 27.24 32.60
CA PRO B 444 2.08 28.49 32.95
C PRO B 444 1.51 29.16 34.19
N VAL B 445 0.22 29.00 34.46
CA VAL B 445 -0.38 29.55 35.68
C VAL B 445 0.19 28.80 36.87
N PHE B 446 1.03 29.47 37.66
CA PHE B 446 1.76 28.85 38.76
C PHE B 446 0.81 28.01 39.61
N PRO B 447 1.26 26.84 40.08
CA PRO B 447 0.33 25.97 40.82
C PRO B 447 0.00 26.59 42.17
N GLY B 448 -1.28 26.64 42.49
CA GLY B 448 -1.72 27.23 43.73
C GLY B 448 -1.90 28.73 43.72
N LEU B 449 -1.97 29.36 42.55
CA LEU B 449 -2.13 30.81 42.44
C LEU B 449 -3.62 31.14 42.32
N GLU B 450 -4.08 32.09 43.14
CA GLU B 450 -5.49 32.44 43.19
C GLU B 450 -5.93 33.11 41.88
N LYS B 451 -7.19 32.83 41.50
CA LYS B 451 -7.72 33.24 40.19
C LYS B 451 -7.60 34.74 39.96
N GLN B 452 -7.68 35.55 41.02
CA GLN B 452 -7.56 37.00 40.87
C GLN B 452 -6.23 37.41 40.27
N TYR B 453 -5.20 36.56 40.35
CA TYR B 453 -3.87 36.88 39.86
C TYR B 453 -3.58 36.34 38.47
N HIS B 454 -4.41 35.43 37.95
CA HIS B 454 -4.08 34.72 36.73
C HIS B 454 -3.87 35.66 35.56
N SER B 455 -4.61 36.77 35.51
CA SER B 455 -4.56 37.65 34.34
C SER B 455 -3.22 38.34 34.14
N ARG B 456 -2.37 38.39 35.17
CA ARG B 456 -1.03 38.94 35.00
C ARG B 456 0.02 37.87 34.67
N VAL B 457 -0.34 36.59 34.65
CA VAL B 457 0.50 35.55 34.06
C VAL B 457 0.28 35.62 32.55
N LYS B 458 1.21 36.27 31.84
CA LYS B 458 1.02 36.57 30.42
C LYS B 458 1.44 35.45 29.49
N GLY B 459 2.13 34.44 29.98
CA GLY B 459 2.51 33.37 29.09
C GLY B 459 3.76 32.66 29.58
N LEU B 460 4.51 32.16 28.61
CA LEU B 460 5.60 31.23 28.88
C LEU B 460 6.74 31.47 27.91
N GLY B 461 7.89 30.95 28.28
CA GLY B 461 9.05 30.93 27.43
C GLY B 461 9.73 29.59 27.52
N ALA B 462 10.15 29.06 26.38
CA ALA B 462 10.98 27.86 26.30
C ALA B 462 12.37 28.27 25.87
N GLN B 463 13.40 27.71 26.50
CA GLN B 463 14.77 28.20 26.35
C GLN B 463 15.60 27.16 25.64
N VAL B 464 16.29 27.57 24.58
CA VAL B 464 17.31 26.73 23.97
C VAL B 464 18.69 27.29 24.34
N TRP B 465 19.25 26.83 25.46
CA TRP B 465 20.62 27.17 25.81
C TRP B 465 21.57 26.35 24.96
N THR B 466 22.67 26.96 24.50
CA THR B 466 23.48 26.35 23.45
C THR B 466 24.93 26.07 23.87
N GLU B 467 25.19 25.87 25.17
CA GLU B 467 26.48 25.32 25.60
C GLU B 467 26.90 24.11 24.75
N TRP B 468 25.99 23.15 24.55
CA TRP B 468 26.32 21.85 23.97
C TRP B 468 25.67 21.68 22.61
N ILE B 469 25.46 22.79 21.90
CA ILE B 469 24.78 22.84 20.61
C ILE B 469 25.63 23.69 19.67
N SER B 470 26.22 23.06 18.65
CA SER B 470 27.12 23.80 17.78
C SER B 470 26.69 23.85 16.32
N THR B 471 25.65 23.13 15.93
CA THR B 471 25.18 23.12 14.56
C THR B 471 23.69 23.42 14.54
N PRO B 472 23.17 23.93 13.41
CA PRO B 472 21.71 24.08 13.31
C PRO B 472 20.95 22.78 13.55
N GLU B 473 21.47 21.66 13.03
CA GLU B 473 20.78 20.36 13.17
C GLU B 473 20.67 19.94 14.63
N ARG B 474 21.71 20.18 15.43
CA ARG B 474 21.61 19.87 16.86
C ARG B 474 20.64 20.82 17.55
N LEU B 475 20.60 22.08 17.12
CA LEU B 475 19.59 23.01 17.64
C LEU B 475 18.18 22.46 17.39
N HIS B 476 17.93 21.96 16.17
CA HIS B 476 16.63 21.37 15.86
C HIS B 476 16.35 20.17 16.76
N TYR B 477 17.33 19.30 16.91
CA TYR B 477 17.15 18.09 17.71
C TYR B 477 16.72 18.43 19.14
N GLN B 478 17.34 19.45 19.75
CA GLN B 478 16.95 19.85 21.09
C GLN B 478 15.63 20.62 21.09
N ALA B 479 15.40 21.49 20.10
CA ALA B 479 14.26 22.41 20.19
C ALA B 479 12.95 21.75 19.78
N PHE B 480 12.96 20.83 18.81
CA PHE B 480 11.77 20.20 18.27
C PHE B 480 11.81 18.69 18.48
N PRO B 481 10.69 18.06 18.88
CA PRO B 481 9.35 18.67 18.83
C PRO B 481 8.80 19.32 20.11
N ARG B 482 9.60 19.48 21.18
CA ARG B 482 8.98 20.03 22.38
C ARG B 482 8.53 21.48 22.19
N ALA B 483 9.17 22.25 21.30
CA ALA B 483 8.68 23.60 21.03
C ALA B 483 7.26 23.57 20.47
N CYS B 484 6.91 22.51 19.71
CA CYS B 484 5.53 22.37 19.23
C CYS B 484 4.56 22.23 20.39
N ALA B 485 4.94 21.48 21.43
CA ALA B 485 4.08 21.35 22.61
C ALA B 485 3.91 22.69 23.33
N PHE B 486 5.00 23.45 23.49
CA PHE B 486 4.90 24.74 24.17
C PHE B 486 4.10 25.75 23.36
N ALA B 487 4.19 25.68 22.03
CA ALA B 487 3.35 26.50 21.17
C ALA B 487 1.88 26.26 21.46
N GLU B 488 1.50 24.99 21.68
CA GLU B 488 0.11 24.68 21.97
C GLU B 488 -0.27 25.12 23.38
N VAL B 489 0.61 24.88 24.36
CA VAL B 489 0.38 25.35 25.72
C VAL B 489 0.11 26.85 25.73
N GLY B 490 0.80 27.60 24.86
CA GLY B 490 0.65 29.03 24.86
C GLY B 490 -0.57 29.55 24.13
N TRP B 491 -1.11 28.76 23.20
CA TRP B 491 -2.24 29.22 22.38
C TRP B 491 -3.56 28.55 22.76
N THR B 492 -3.57 27.23 22.84
CA THR B 492 -4.81 26.46 22.95
C THR B 492 -5.42 26.61 24.33
N PRO B 493 -6.76 26.70 24.43
CA PRO B 493 -7.40 26.76 25.75
C PRO B 493 -7.10 25.52 26.58
N ALA B 494 -7.03 25.73 27.90
CA ALA B 494 -6.63 24.66 28.79
C ALA B 494 -7.59 23.48 28.77
N GLY B 495 -8.86 23.73 28.49
CA GLY B 495 -9.83 22.65 28.44
C GLY B 495 -9.78 21.83 27.16
N LYS B 496 -9.16 22.35 26.11
CA LYS B 496 -9.06 21.63 24.85
C LYS B 496 -7.72 20.90 24.69
N LYS B 497 -6.78 21.07 25.61
CA LYS B 497 -5.57 20.27 25.55
C LYS B 497 -5.92 18.79 25.60
N ASP B 498 -5.14 17.97 24.88
CA ASP B 498 -5.36 16.54 24.82
C ASP B 498 -4.11 15.90 24.22
N PHE B 499 -3.33 15.24 25.07
CA PHE B 499 -2.01 14.79 24.65
C PHE B 499 -2.08 13.69 23.59
N PRO B 500 -2.95 12.68 23.71
CA PRO B 500 -3.09 11.72 22.60
C PRO B 500 -3.37 12.37 21.25
N ASP B 501 -4.31 13.32 21.20
CA ASP B 501 -4.61 13.97 19.92
C ASP B 501 -3.43 14.80 19.45
N PHE B 502 -2.75 15.49 20.38
CA PHE B 502 -1.56 16.25 20.00
C PHE B 502 -0.49 15.36 19.38
N LYS B 503 -0.25 14.19 19.97
CA LYS B 503 0.76 13.30 19.40
C LYS B 503 0.40 12.89 17.98
N LYS B 504 -0.89 12.62 17.73
CA LYS B 504 -1.32 12.28 16.38
C LYS B 504 -1.15 13.46 15.43
N ARG B 505 -1.55 14.67 15.87
CA ARG B 505 -1.32 15.84 15.04
C ARG B 505 0.16 16.11 14.84
N LEU B 506 0.97 15.81 15.86
CA LEU B 506 2.41 16.02 15.77
C LEU B 506 3.04 15.11 14.71
N LYS B 507 2.55 13.87 14.61
CA LYS B 507 3.01 12.99 13.54
C LYS B 507 2.81 13.64 12.17
N ALA B 508 1.62 14.21 11.93
CA ALA B 508 1.37 14.85 10.65
C ALA B 508 2.13 16.17 10.53
N TYR B 509 2.30 16.91 11.62
CA TYR B 509 3.09 18.14 11.54
C TYR B 509 4.56 17.85 11.26
N SER B 510 5.06 16.66 11.64
CA SER B 510 6.48 16.41 11.43
C SER B 510 6.82 16.16 9.96
N GLU B 511 5.82 15.82 9.13
CA GLU B 511 6.01 15.84 7.69
C GLU B 511 6.44 17.22 7.22
N ARG B 512 5.77 18.27 7.72
CA ARG B 512 6.14 19.62 7.35
C ARG B 512 7.54 19.97 7.84
N MET B 513 7.87 19.58 9.07
CA MET B 513 9.21 19.85 9.59
C MET B 513 10.27 19.22 8.71
N ASP B 514 10.03 17.97 8.27
CA ASP B 514 10.94 17.28 7.35
C ASP B 514 11.22 18.14 6.11
N LEU B 515 10.16 18.61 5.46
CA LEU B 515 10.35 19.31 4.19
C LEU B 515 10.97 20.68 4.43
N MET B 516 10.74 21.30 5.58
CA MET B 516 11.39 22.56 5.88
C MET B 516 12.80 22.38 6.41
N GLY B 517 13.28 21.15 6.54
CA GLY B 517 14.65 20.90 6.91
C GLY B 517 14.94 20.97 8.38
N ILE B 518 13.94 20.76 9.24
CA ILE B 518 14.11 20.78 10.68
C ILE B 518 14.46 19.36 11.15
N LYS B 519 15.67 19.19 11.68
CA LYS B 519 16.14 17.89 12.17
C LYS B 519 15.70 17.65 13.60
N PHE B 520 14.37 17.63 13.78
CA PHE B 520 13.77 17.30 15.07
C PHE B 520 14.14 15.88 15.51
N ALA B 521 14.04 15.63 16.82
CA ALA B 521 14.29 14.30 17.38
C ALA B 521 13.19 13.32 16.96
N ARG B 522 13.59 12.20 16.38
CA ARG B 522 12.60 11.34 15.71
C ARG B 522 11.99 10.26 16.59
N ASN B 523 12.55 9.95 17.75
CA ASN B 523 12.03 8.82 18.52
C ASN B 523 10.93 9.19 19.52
N VAL B 524 10.63 10.48 19.69
CA VAL B 524 9.79 10.91 20.82
C VAL B 524 8.32 11.09 20.47
N ILE B 525 7.97 11.14 19.18
CA ILE B 525 6.63 11.55 18.76
C ILE B 525 5.59 10.46 19.04
N SER B 526 5.69 9.34 18.32
CA SER B 526 4.63 8.33 18.32
C SER B 526 4.72 7.34 19.48
N GLN B 527 5.16 7.81 20.64
CA GLN B 527 5.21 6.98 21.82
C GLN B 527 3.79 6.73 22.34
N ILE B 528 3.53 5.48 22.76
CA ILE B 528 2.32 5.15 23.53
C ILE B 528 2.64 5.34 25.01
N ASP B 529 1.82 6.11 25.70
CA ASP B 529 2.02 6.37 27.12
C ASP B 529 0.88 5.80 27.94
N LYS B 530 1.22 5.38 29.18
CA LYS B 530 0.21 4.90 30.11
C LYS B 530 -0.95 5.88 30.24
N SER B 531 -0.64 7.18 30.35
CA SER B 531 -1.64 8.21 30.57
C SER B 531 -2.61 8.37 29.40
N ASP B 532 -2.26 7.86 28.21
CA ASP B 532 -3.20 7.89 27.10
C ASP B 532 -4.51 7.17 27.42
N PHE B 533 -4.50 6.26 28.38
CA PHE B 533 -5.64 5.38 28.64
C PHE B 533 -6.33 5.67 29.96
N PHE B 534 -6.18 6.88 30.50
CA PHE B 534 -6.82 7.19 31.77
C PHE B 534 -8.33 7.15 31.66
N ASN B 535 -8.88 7.51 30.50
CA ASN B 535 -10.33 7.49 30.26
C ASN B 535 -10.76 6.30 29.42
N THR B 536 -9.93 5.27 29.33
CA THR B 536 -10.30 4.13 28.50
C THR B 536 -10.71 2.97 29.39
N PRO B 537 -11.86 2.34 29.13
CA PRO B 537 -12.30 1.21 29.96
C PRO B 537 -11.23 0.13 30.07
N ARG B 538 -10.98 -0.32 31.30
CA ARG B 538 -10.15 -1.50 31.54
C ARG B 538 -11.05 -2.74 31.55
N ILE B 539 -10.71 -3.74 30.75
CA ILE B 539 -11.50 -4.96 30.67
C ILE B 539 -10.80 -6.15 31.30
N GLY B 540 -9.58 -5.99 31.78
CA GLY B 540 -8.85 -7.09 32.36
C GLY B 540 -7.42 -6.72 32.61
N THR B 541 -6.73 -7.62 33.32
CA THR B 541 -5.31 -7.51 33.58
C THR B 541 -4.69 -8.87 33.36
N TRP B 542 -3.35 -8.91 33.34
CA TRP B 542 -2.65 -10.18 33.41
C TRP B 542 -1.65 -10.13 34.57
N THR B 543 -1.41 -11.30 35.15
CA THR B 543 -0.55 -11.47 36.31
C THR B 543 0.35 -12.68 36.05
N PRO B 544 1.38 -12.93 36.88
CA PRO B 544 2.06 -14.22 36.79
C PRO B 544 1.12 -15.41 36.86
N ALA B 545 0.03 -15.28 37.62
CA ALA B 545 -0.92 -16.38 37.72
C ALA B 545 -1.66 -16.60 36.41
N THR B 546 -2.16 -15.52 35.79
CA THR B 546 -2.88 -15.73 34.54
C THR B 546 -1.94 -16.15 33.41
N LEU B 547 -0.64 -15.93 33.57
CA LEU B 547 0.31 -16.35 32.56
C LEU B 547 0.62 -17.84 32.61
N THR B 548 -0.07 -18.63 33.43
CA THR B 548 0.07 -20.08 33.37
C THR B 548 -0.73 -20.71 32.23
N ARG B 549 -1.52 -19.91 31.51
CA ARG B 549 -2.21 -20.38 30.33
C ARG B 549 -2.01 -19.38 29.21
N GLU B 550 -2.20 -19.85 27.97
CA GLU B 550 -1.99 -19.04 26.78
C GLU B 550 -3.25 -18.27 26.38
N GLU B 551 -4.43 -18.81 26.61
CA GLU B 551 -5.69 -18.17 26.26
C GLU B 551 -6.26 -17.43 27.48
N HIS B 552 -6.86 -16.25 27.23
CA HIS B 552 -7.39 -15.39 28.28
C HIS B 552 -8.65 -14.70 27.77
N SER B 553 -9.69 -14.70 28.60
CA SER B 553 -10.99 -14.18 28.20
C SER B 553 -11.37 -12.99 29.07
N PHE B 554 -11.97 -12.00 28.43
CA PHE B 554 -12.38 -10.77 29.12
C PHE B 554 -13.76 -10.41 28.59
N ASP B 555 -14.73 -10.33 29.50
CA ASP B 555 -16.08 -9.99 29.11
C ASP B 555 -16.16 -8.53 28.67
N VAL B 556 -16.78 -8.29 27.52
CA VAL B 556 -17.01 -6.93 27.05
C VAL B 556 -18.45 -6.78 26.62
N THR B 557 -19.33 -7.61 27.19
CA THR B 557 -20.74 -7.62 26.79
C THR B 557 -21.35 -6.23 26.93
N LYS B 558 -21.13 -5.57 28.08
CA LYS B 558 -21.71 -4.25 28.31
C LYS B 558 -21.08 -3.16 27.48
N LEU B 559 -19.96 -3.42 26.79
CA LEU B 559 -19.30 -2.40 25.99
C LEU B 559 -19.62 -2.50 24.50
N VAL B 560 -20.19 -3.61 24.04
CA VAL B 560 -20.56 -3.79 22.63
C VAL B 560 -21.98 -3.26 22.47
N LYS B 561 -22.08 -1.96 22.16
CA LYS B 561 -23.36 -1.26 22.05
C LYS B 561 -23.82 -1.06 20.61
N ALA B 562 -22.91 -1.12 19.65
CA ALA B 562 -23.22 -0.85 18.26
C ALA B 562 -22.18 -1.54 17.39
N SER B 563 -22.46 -1.62 16.09
CA SER B 563 -21.43 -2.12 15.21
C SER B 563 -20.30 -1.10 15.13
N GLY B 564 -19.11 -1.57 14.81
CA GLY B 564 -17.98 -0.68 14.63
C GLY B 564 -16.68 -1.22 15.17
N LYS B 565 -15.63 -0.43 14.99
CA LYS B 565 -14.27 -0.82 15.34
C LYS B 565 -14.00 -0.60 16.82
N HIS B 566 -13.20 -1.49 17.40
CA HIS B 566 -12.68 -1.32 18.74
C HIS B 566 -11.19 -1.60 18.73
N THR B 567 -10.44 -0.78 19.46
CA THR B 567 -9.02 -1.01 19.64
C THR B 567 -8.81 -1.60 21.03
N VAL B 568 -8.16 -2.76 21.08
CA VAL B 568 -7.78 -3.40 22.33
C VAL B 568 -6.29 -3.16 22.54
N THR B 569 -5.93 -2.67 23.71
CA THR B 569 -4.53 -2.41 24.02
C THR B 569 -4.10 -3.27 25.20
N LEU B 570 -3.00 -4.02 25.01
CA LEU B 570 -2.40 -4.81 26.08
C LEU B 570 -1.15 -4.06 26.54
N LEU B 571 -1.25 -3.40 27.68
CA LEU B 571 -0.23 -2.44 28.14
C LEU B 571 0.49 -3.00 29.36
N TYR B 572 1.77 -3.32 29.19
CA TYR B 572 2.63 -3.78 30.28
C TYR B 572 2.71 -2.73 31.39
N ASP B 573 2.71 -3.20 32.65
CA ASP B 573 2.80 -2.34 33.81
C ASP B 573 4.11 -2.52 34.55
N LYS B 574 4.44 -3.73 34.99
CA LYS B 574 5.67 -3.98 35.73
C LYS B 574 6.04 -5.45 35.58
N GLY B 575 7.29 -5.77 35.96
CA GLY B 575 7.78 -7.13 35.94
C GLY B 575 9.03 -7.32 35.12
N ALA B 576 9.73 -8.44 35.35
CA ALA B 576 10.97 -8.72 34.62
C ALA B 576 10.73 -9.11 33.17
N HIS B 577 9.57 -9.63 32.83
CA HIS B 577 9.35 -10.16 31.48
C HIS B 577 8.21 -9.44 30.79
N ALA B 578 8.35 -9.28 29.48
CA ALA B 578 7.27 -8.84 28.61
C ALA B 578 6.32 -10.01 28.34
N ILE B 579 5.24 -9.72 27.60
CA ILE B 579 4.39 -10.78 27.07
C ILE B 579 4.49 -10.77 25.56
N GLU B 580 4.40 -11.95 24.97
CA GLU B 580 4.31 -12.11 23.53
C GLU B 580 2.87 -12.44 23.16
N ILE B 581 2.31 -11.68 22.22
CA ILE B 581 0.90 -11.76 21.87
C ILE B 581 0.78 -12.35 20.48
N GLU B 582 0.07 -13.48 20.37
CA GLU B 582 -0.12 -14.13 19.09
C GLU B 582 -1.36 -13.62 18.34
N SER B 583 -2.47 -13.38 19.04
CA SER B 583 -3.66 -12.82 18.40
C SER B 583 -4.67 -12.38 19.44
N VAL B 584 -5.62 -11.57 19.01
CA VAL B 584 -6.73 -11.08 19.83
C VAL B 584 -8.00 -11.14 19.00
N ALA B 585 -9.07 -11.64 19.62
CA ALA B 585 -10.29 -11.91 18.89
C ALA B 585 -11.49 -11.42 19.68
N LEU B 586 -12.59 -11.21 18.96
CA LEU B 586 -13.87 -10.90 19.56
C LEU B 586 -14.82 -12.05 19.30
N TYR B 587 -15.51 -12.49 20.35
CA TYR B 587 -16.44 -13.60 20.27
C TYR B 587 -17.84 -13.12 20.57
N GLU B 588 -18.80 -13.62 19.79
CA GLU B 588 -20.23 -13.50 20.05
C GLU B 588 -20.67 -14.89 20.47
N ASN B 589 -20.98 -15.05 21.77
CA ASN B 589 -21.10 -16.36 22.38
C ASN B 589 -19.87 -17.20 22.01
N SER B 590 -20.05 -18.28 21.26
CA SER B 590 -18.94 -19.14 20.87
C SER B 590 -18.42 -18.89 19.44
N ARG B 591 -18.97 -17.92 18.71
CA ARG B 591 -18.50 -17.64 17.36
C ARG B 591 -17.44 -16.55 17.36
N GLU B 592 -16.32 -16.82 16.70
CA GLU B 592 -15.33 -15.79 16.43
C GLU B 592 -15.87 -14.85 15.35
N VAL B 593 -16.06 -13.57 15.68
CA VAL B 593 -16.56 -12.58 14.73
C VAL B 593 -15.47 -11.64 14.24
N SER B 594 -14.32 -11.61 14.90
CA SER B 594 -13.20 -10.81 14.42
C SER B 594 -11.95 -11.33 15.09
N ARG B 595 -10.83 -11.34 14.35
CA ARG B 595 -9.55 -11.68 14.93
C ARG B 595 -8.45 -10.88 14.25
N ASP B 596 -7.66 -10.19 15.08
CA ASP B 596 -6.46 -9.51 14.64
C ASP B 596 -5.27 -10.38 15.06
N ALA B 597 -4.68 -11.07 14.09
CA ALA B 597 -3.64 -12.06 14.35
C ALA B 597 -2.31 -11.56 13.81
N HIS B 598 -1.75 -10.57 14.49
CA HIS B 598 -0.39 -10.15 14.25
C HIS B 598 0.42 -10.40 15.51
N ALA B 599 1.73 -10.54 15.31
CA ALA B 599 2.64 -10.77 16.42
C ALA B 599 2.87 -9.46 17.17
N GLY B 600 2.68 -9.50 18.49
CA GLY B 600 2.90 -8.33 19.31
C GLY B 600 3.76 -8.70 20.51
N ARG B 601 4.35 -7.67 21.11
CA ARG B 601 5.18 -7.87 22.30
C ARG B 601 5.04 -6.64 23.18
N SER B 602 4.64 -6.85 24.43
CA SER B 602 4.30 -5.75 25.34
C SER B 602 5.16 -5.85 26.60
N GLY B 603 6.11 -4.93 26.75
CA GLY B 603 6.96 -4.87 27.93
C GLY B 603 7.47 -3.47 28.14
N ALA B 604 8.71 -3.34 28.61
CA ALA B 604 9.37 -2.05 28.54
C ALA B 604 9.29 -1.48 27.13
N HIS B 605 9.57 -2.33 26.12
CA HIS B 605 9.37 -1.97 24.72
C HIS B 605 7.99 -2.42 24.26
N LYS B 606 7.28 -1.52 23.58
CA LYS B 606 5.92 -1.76 23.10
C LYS B 606 5.96 -1.86 21.58
N GLU B 607 5.78 -3.07 21.05
CA GLU B 607 5.73 -3.24 19.60
C GLU B 607 4.40 -3.89 19.21
N ASN B 608 3.54 -3.09 18.55
CA ASN B 608 2.28 -3.55 17.98
C ASN B 608 1.38 -4.18 19.04
N ILE B 609 1.24 -3.48 20.17
CA ILE B 609 0.43 -3.98 21.29
C ILE B 609 -1.04 -3.65 21.14
N GLN B 610 -1.47 -3.06 20.03
CA GLN B 610 -2.86 -2.67 19.83
C GLN B 610 -3.48 -3.55 18.75
N TYR B 611 -4.68 -4.04 19.03
CA TYR B 611 -5.38 -5.00 18.19
C TYR B 611 -6.75 -4.43 17.84
N ILE B 612 -7.11 -4.48 16.55
CA ILE B 612 -8.33 -3.88 16.06
C ILE B 612 -9.34 -4.98 15.79
N LEU B 613 -10.51 -4.85 16.41
CA LEU B 613 -11.58 -5.83 16.28
C LEU B 613 -12.81 -5.16 15.70
N ASN B 614 -13.54 -5.90 14.86
CA ASN B 614 -14.77 -5.44 14.25
C ASN B 614 -15.96 -6.07 14.97
N ALA B 615 -16.80 -5.22 15.56
CA ALA B 615 -17.99 -5.68 16.26
C ALA B 615 -19.21 -5.60 15.36
N PRO B 616 -20.07 -6.61 15.40
CA PRO B 616 -21.38 -6.48 14.77
C PRO B 616 -22.31 -5.66 15.65
N ALA B 617 -23.37 -5.16 15.02
CA ALA B 617 -24.54 -4.72 15.77
C ALA B 617 -24.93 -5.80 16.77
N PRO B 618 -25.14 -5.45 18.04
CA PRO B 618 -25.22 -6.49 19.07
C PRO B 618 -26.51 -7.30 18.98
N ARG B 619 -26.37 -8.60 19.19
CA ARG B 619 -27.52 -9.47 19.36
C ARG B 619 -27.96 -9.41 20.81
N GLN B 620 -29.18 -8.93 21.03
CA GLN B 620 -29.72 -8.80 22.39
C GLN B 620 -29.56 -10.12 23.15
N GLY B 621 -29.05 -10.01 24.37
CA GLY B 621 -28.85 -11.18 25.21
C GLY B 621 -27.61 -11.99 24.91
N ALA B 622 -26.81 -11.58 23.94
CA ALA B 622 -25.62 -12.35 23.62
C ALA B 622 -24.48 -11.97 24.55
N THR B 623 -23.55 -12.91 24.70
CA THR B 623 -22.31 -12.65 25.40
C THR B 623 -21.25 -12.20 24.39
N TYR B 624 -20.54 -11.13 24.72
CA TYR B 624 -19.38 -10.70 23.93
C TYR B 624 -18.15 -10.77 24.83
N THR B 625 -17.13 -11.48 24.36
CA THR B 625 -15.88 -11.61 25.10
C THR B 625 -14.70 -11.36 24.17
N VAL B 626 -13.71 -10.64 24.69
CA VAL B 626 -12.40 -10.54 24.04
C VAL B 626 -11.57 -11.75 24.48
N LYS B 627 -11.01 -12.46 23.51
CA LYS B 627 -10.07 -13.55 23.78
C LYS B 627 -8.71 -13.20 23.20
N ALA B 628 -7.67 -13.29 24.03
CA ALA B 628 -6.30 -12.97 23.64
C ALA B 628 -5.40 -14.15 23.96
N ASN B 629 -4.60 -14.58 22.98
CA ASN B 629 -3.59 -15.62 23.16
C ASN B 629 -2.24 -14.92 23.33
N PHE B 630 -1.71 -14.99 24.55
CA PHE B 630 -0.40 -14.42 24.84
C PHE B 630 0.26 -15.22 25.95
N LYS B 631 1.59 -15.07 26.06
CA LYS B 631 2.37 -15.78 27.06
C LYS B 631 3.54 -14.91 27.47
N GLY B 632 4.14 -15.25 28.60
CA GLY B 632 5.29 -14.49 29.09
C GLY B 632 6.50 -14.73 28.22
N ALA B 633 7.19 -13.65 27.84
CA ALA B 633 8.42 -13.74 27.07
C ALA B 633 9.59 -14.06 28.01
N GLY B 634 9.97 -15.33 28.09
CA GLY B 634 11.11 -15.74 28.89
C GLY B 634 10.82 -16.02 30.35
N GLY B 635 9.58 -15.84 30.79
CA GLY B 635 9.23 -16.04 32.18
C GLY B 635 7.85 -15.49 32.45
N ARG B 636 7.35 -15.76 33.65
CA ARG B 636 5.99 -15.38 34.02
C ARG B 636 5.92 -14.13 34.91
N ASP B 637 7.03 -13.44 35.17
CA ASP B 637 7.00 -12.25 36.01
C ASP B 637 6.60 -11.05 35.16
N SER B 638 5.28 -10.85 35.03
CA SER B 638 4.76 -9.79 34.18
C SER B 638 3.37 -9.40 34.64
N HIS B 639 3.13 -8.09 34.71
CA HIS B 639 1.82 -7.53 35.00
C HIS B 639 1.45 -6.54 33.91
N GLY B 640 0.19 -6.52 33.52
CA GLY B 640 -0.27 -5.58 32.50
C GLY B 640 -1.76 -5.37 32.58
N THR B 641 -2.22 -4.38 31.81
CA THR B 641 -3.62 -3.99 31.77
C THR B 641 -4.14 -4.06 30.33
N VAL B 642 -5.37 -4.53 30.17
CA VAL B 642 -6.01 -4.69 28.86
C VAL B 642 -7.11 -3.63 28.75
N TYR B 643 -6.99 -2.77 27.75
CA TYR B 643 -7.94 -1.68 27.53
C TYR B 643 -8.78 -1.93 26.28
N PHE B 644 -9.97 -1.35 26.27
CA PHE B 644 -10.96 -1.59 25.21
C PHE B 644 -11.55 -0.25 24.81
N GLU B 645 -11.18 0.23 23.63
CA GLU B 645 -11.52 1.57 23.18
C GLU B 645 -12.70 1.55 22.23
N THR B 646 -13.56 2.57 22.32
CA THR B 646 -14.59 2.83 21.33
C THR B 646 -14.45 4.27 20.84
N PRO B 647 -14.39 4.51 19.52
CA PRO B 647 -14.31 5.88 19.03
C PRO B 647 -15.64 6.61 19.13
N GLN C 4 -14.81 -8.04 -10.09
CA GLN C 4 -15.79 -7.38 -10.92
C GLN C 4 -17.25 -7.63 -10.46
N ILE C 5 -18.16 -7.72 -11.43
CA ILE C 5 -19.59 -7.66 -11.16
C ILE C 5 -20.06 -8.87 -10.36
N ILE C 6 -20.91 -8.62 -9.38
CA ILE C 6 -21.76 -9.64 -8.76
C ILE C 6 -23.21 -9.29 -9.10
N PRO C 7 -23.99 -10.21 -9.70
CA PRO C 7 -23.63 -11.58 -10.09
C PRO C 7 -22.70 -11.64 -11.29
N LYS C 8 -21.90 -12.70 -11.36
CA LYS C 8 -21.02 -12.89 -12.50
C LYS C 8 -21.86 -12.99 -13.77
N PRO C 9 -21.58 -12.19 -14.79
CA PRO C 9 -22.38 -12.24 -16.02
C PRO C 9 -22.22 -13.57 -16.74
N ALA C 10 -23.17 -13.84 -17.65
CA ALA C 10 -23.18 -15.13 -18.33
C ALA C 10 -22.09 -15.22 -19.40
N GLU C 11 -21.84 -14.13 -20.12
CA GLU C 11 -20.91 -14.14 -21.25
C GLU C 11 -20.09 -12.85 -21.23
N ILE C 12 -18.77 -12.99 -21.22
CA ILE C 12 -17.88 -11.83 -21.29
C ILE C 12 -16.70 -12.14 -22.22
N THR C 13 -16.29 -11.13 -22.99
CA THR C 13 -15.08 -11.21 -23.80
C THR C 13 -14.30 -9.91 -23.63
N LEU C 14 -13.03 -10.03 -23.24
CA LEU C 14 -12.15 -8.89 -23.03
C LEU C 14 -11.30 -8.62 -24.26
N PHE C 15 -10.68 -7.44 -24.29
CA PHE C 15 -9.77 -7.03 -25.35
C PHE C 15 -8.63 -6.25 -24.71
N THR C 16 -7.53 -6.08 -25.44
CA THR C 16 -6.48 -5.24 -24.89
C THR C 16 -6.79 -3.76 -25.17
N GLY C 17 -6.00 -2.89 -24.57
CA GLY C 17 -6.13 -1.46 -24.75
C GLY C 17 -6.76 -0.78 -23.55
N SER C 18 -7.03 0.50 -23.72
CA SER C 18 -7.56 1.30 -22.63
C SER C 18 -9.09 1.22 -22.60
N PRO C 19 -9.72 1.35 -21.43
CA PRO C 19 -11.17 1.19 -21.35
C PRO C 19 -11.89 2.48 -21.70
N ALA C 20 -13.20 2.37 -21.85
CA ALA C 20 -14.03 3.56 -21.98
C ALA C 20 -13.96 4.39 -20.70
N ARG C 21 -14.06 5.71 -20.85
CA ARG C 21 -14.05 6.62 -19.71
C ARG C 21 -15.14 7.69 -19.90
N LEU C 22 -15.98 7.86 -18.89
CA LEU C 22 -16.97 8.94 -18.92
C LEU C 22 -16.32 10.24 -18.46
N THR C 23 -16.57 11.32 -19.19
CA THR C 23 -15.97 12.63 -18.94
C THR C 23 -17.06 13.69 -18.92
N PRO C 24 -16.74 14.92 -18.51
CA PRO C 24 -17.74 16.00 -18.56
C PRO C 24 -18.34 16.24 -19.94
N ASP C 25 -17.73 15.73 -21.01
CA ASP C 25 -18.27 15.88 -22.35
C ASP C 25 -19.13 14.70 -22.79
N SER C 26 -19.18 13.62 -22.00
CA SER C 26 -19.92 12.42 -22.38
C SER C 26 -21.42 12.69 -22.44
N LEU C 27 -22.08 12.04 -23.40
CA LEU C 27 -23.52 12.15 -23.63
C LEU C 27 -24.17 10.77 -23.49
N ILE C 28 -25.48 10.78 -23.26
CA ILE C 28 -26.32 9.59 -23.30
C ILE C 28 -27.28 9.73 -24.48
N ILE C 29 -27.16 8.83 -25.46
CA ILE C 29 -27.85 8.94 -26.74
C ILE C 29 -28.74 7.72 -26.92
N THR C 30 -30.00 7.96 -27.26
CA THR C 30 -30.99 6.90 -27.42
C THR C 30 -31.23 6.65 -28.90
N GLU C 31 -30.85 5.47 -29.39
CA GLU C 31 -31.01 5.11 -30.80
C GLU C 31 -32.19 4.17 -30.99
N THR C 32 -33.33 4.55 -30.43
CA THR C 32 -34.59 3.88 -30.66
C THR C 32 -35.68 4.87 -30.29
N GLN C 33 -36.77 4.86 -31.07
CA GLN C 33 -37.91 5.72 -30.75
C GLN C 33 -38.76 5.17 -29.63
N ASP C 34 -38.56 3.90 -29.26
CA ASP C 34 -39.35 3.24 -28.23
C ASP C 34 -39.34 4.04 -26.94
N LYS C 35 -40.51 4.58 -26.55
CA LYS C 35 -40.55 5.44 -25.38
C LYS C 35 -40.21 4.70 -24.10
N ALA C 36 -40.45 3.38 -24.05
CA ALA C 36 -40.03 2.62 -22.87
C ALA C 36 -38.53 2.71 -22.68
N PHE C 37 -37.78 2.71 -23.77
CA PHE C 37 -36.34 2.83 -23.69
C PHE C 37 -35.91 4.26 -23.37
N LEU C 38 -36.63 5.25 -23.91
CA LEU C 38 -36.34 6.64 -23.57
C LEU C 38 -36.53 6.90 -22.09
N ASP C 39 -37.53 6.25 -21.48
CA ASP C 39 -37.74 6.41 -20.04
C ASP C 39 -36.61 5.80 -19.24
N GLN C 40 -36.15 4.59 -19.61
CA GLN C 40 -35.03 4.00 -18.89
C GLN C 40 -33.78 4.86 -19.04
N ALA C 41 -33.62 5.48 -20.22
CA ALA C 41 -32.49 6.36 -20.43
C ALA C 41 -32.55 7.57 -19.51
N GLY C 42 -33.75 8.15 -19.33
CA GLY C 42 -33.86 9.27 -18.41
C GLY C 42 -33.56 8.86 -16.98
N GLN C 43 -34.04 7.70 -16.58
CA GLN C 43 -33.73 7.18 -15.24
C GLN C 43 -32.24 6.89 -15.11
N LEU C 44 -31.63 6.27 -16.13
CA LEU C 44 -30.20 6.05 -16.12
C LEU C 44 -29.43 7.35 -16.02
N GLN C 45 -29.87 8.37 -16.75
CA GLN C 45 -29.22 9.68 -16.73
C GLN C 45 -29.19 10.24 -15.31
N GLN C 46 -30.35 10.29 -14.64
CA GLN C 46 -30.39 10.79 -13.28
C GLN C 46 -29.46 10.01 -12.38
N MET C 47 -29.47 8.68 -12.50
CA MET C 47 -28.73 7.82 -11.58
C MET C 47 -27.21 7.97 -11.77
N LEU C 48 -26.74 7.98 -13.01
CA LEU C 48 -25.29 8.07 -13.26
C LEU C 48 -24.77 9.49 -13.00
N SER C 49 -25.56 10.51 -13.34
CA SER C 49 -25.14 11.88 -13.07
C SER C 49 -24.95 12.13 -11.58
N ALA C 50 -25.87 11.61 -10.76
CA ALA C 50 -25.79 11.81 -9.32
C ALA C 50 -24.61 11.06 -8.72
N GLY C 51 -24.29 9.88 -9.24
CA GLY C 51 -23.16 9.14 -8.70
C GLY C 51 -21.81 9.64 -9.15
N THR C 52 -21.70 10.12 -10.40
CA THR C 52 -20.41 10.55 -10.93
C THR C 52 -20.17 12.06 -10.84
N GLY C 53 -21.21 12.85 -10.63
CA GLY C 53 -21.07 14.28 -10.71
C GLY C 53 -20.94 14.82 -12.12
N LEU C 54 -21.05 13.95 -13.16
CA LEU C 54 -20.97 14.40 -14.55
C LEU C 54 -22.36 14.79 -15.04
N PRO C 55 -22.45 15.77 -15.95
CA PRO C 55 -23.79 16.16 -16.43
C PRO C 55 -24.48 15.10 -17.25
N LEU C 56 -23.74 14.35 -18.07
CA LEU C 56 -24.25 13.30 -18.94
C LEU C 56 -25.61 13.64 -19.57
N PRO C 57 -25.71 14.74 -20.32
CA PRO C 57 -27.02 15.14 -20.83
C PRO C 57 -27.55 14.15 -21.87
N LEU C 58 -28.87 14.01 -21.88
CA LEU C 58 -29.55 13.24 -22.91
C LEU C 58 -29.59 14.03 -24.22
N LYS C 59 -29.16 13.38 -25.29
CA LYS C 59 -29.05 13.98 -26.61
C LYS C 59 -29.78 13.09 -27.61
N PRO C 60 -30.26 13.67 -28.71
CA PRO C 60 -31.14 12.92 -29.61
C PRO C 60 -30.38 11.92 -30.46
N ALA C 61 -31.13 10.91 -30.92
CA ALA C 61 -30.60 9.93 -31.87
C ALA C 61 -29.98 10.64 -33.08
N GLY C 62 -28.67 10.47 -33.23
CA GLY C 62 -27.92 11.12 -34.30
C GLY C 62 -26.91 12.13 -33.84
N GLN C 63 -26.73 12.32 -32.53
CA GLN C 63 -25.69 13.21 -32.04
C GLN C 63 -24.36 12.46 -31.96
N ALA C 64 -23.27 13.23 -31.98
CA ALA C 64 -21.93 12.63 -31.95
C ALA C 64 -20.93 13.72 -31.57
N SER C 65 -20.55 13.74 -30.29
CA SER C 65 -19.46 14.58 -29.80
C SER C 65 -18.28 13.64 -29.53
N LYS C 66 -17.60 13.27 -30.61
CA LYS C 66 -16.57 12.23 -30.58
C LYS C 66 -15.37 12.59 -29.73
N LYS C 67 -15.36 13.77 -29.09
CA LYS C 67 -14.35 14.05 -28.08
C LYS C 67 -14.30 12.95 -27.04
N ALA C 68 -15.43 12.64 -26.43
CA ALA C 68 -15.51 11.72 -25.32
C ALA C 68 -16.43 10.55 -25.65
N ALA C 69 -16.16 9.43 -24.99
CA ALA C 69 -17.03 8.26 -25.14
C ALA C 69 -18.43 8.57 -24.63
N CYS C 70 -19.43 8.15 -25.40
CA CYS C 70 -20.82 8.36 -25.05
C CYS C 70 -21.50 7.01 -24.77
N ILE C 71 -22.55 7.07 -23.96
CA ILE C 71 -23.42 5.92 -23.73
C ILE C 71 -24.50 5.93 -24.80
N VAL C 72 -24.66 4.81 -25.51
CA VAL C 72 -25.68 4.65 -26.53
C VAL C 72 -26.63 3.56 -26.09
N ILE C 73 -27.93 3.84 -26.13
CA ILE C 73 -28.95 2.90 -25.69
C ILE C 73 -29.72 2.43 -26.91
N LYS C 74 -29.69 1.12 -27.14
CA LYS C 74 -30.32 0.49 -28.30
C LYS C 74 -31.31 -0.58 -27.87
N LYS C 75 -32.31 -0.77 -28.72
CA LYS C 75 -33.25 -1.89 -28.61
C LYS C 75 -32.80 -2.97 -29.59
N ASP C 76 -32.62 -4.19 -29.09
CA ASP C 76 -32.07 -5.30 -29.87
C ASP C 76 -32.89 -6.56 -29.66
N PRO C 77 -33.69 -6.98 -30.65
CA PRO C 77 -34.50 -8.20 -30.47
C PRO C 77 -33.68 -9.48 -30.39
N ALA C 78 -32.41 -9.46 -30.79
CA ALA C 78 -31.59 -10.67 -30.78
C ALA C 78 -31.48 -11.27 -29.39
N LEU C 79 -31.72 -10.47 -28.35
CA LEU C 79 -31.63 -10.92 -26.97
C LEU C 79 -32.92 -11.53 -26.46
N ALA C 80 -34.00 -11.48 -27.24
CA ALA C 80 -35.34 -11.77 -26.71
C ALA C 80 -35.47 -13.22 -26.25
N ALA C 81 -34.71 -14.14 -26.84
CA ALA C 81 -34.78 -15.53 -26.40
C ALA C 81 -34.24 -15.73 -24.99
N ARG C 82 -33.48 -14.77 -24.47
CA ARG C 82 -32.98 -14.87 -23.10
C ARG C 82 -33.91 -14.22 -22.07
N GLY C 83 -35.05 -13.69 -22.50
CA GLY C 83 -36.02 -13.13 -21.57
C GLY C 83 -35.94 -11.62 -21.49
N GLU C 84 -36.89 -11.05 -20.74
CA GLU C 84 -37.01 -9.62 -20.64
C GLU C 84 -35.96 -8.97 -19.74
N GLU C 85 -35.18 -9.76 -19.01
CA GLU C 85 -34.16 -9.20 -18.15
C GLU C 85 -32.78 -9.19 -18.80
N ALA C 86 -32.67 -9.67 -20.04
CA ALA C 86 -31.39 -9.79 -20.71
C ALA C 86 -30.89 -8.44 -21.21
N TYR C 87 -29.56 -8.31 -21.33
CA TYR C 87 -28.96 -7.09 -21.85
C TYR C 87 -27.58 -7.41 -22.41
N SER C 88 -27.00 -6.42 -23.09
CA SER C 88 -25.60 -6.52 -23.52
C SER C 88 -24.93 -5.17 -23.34
N ILE C 89 -23.61 -5.21 -23.16
CA ILE C 89 -22.78 -4.01 -23.07
C ILE C 89 -21.57 -4.18 -23.97
N GLN C 90 -21.36 -3.22 -24.85
CA GLN C 90 -20.10 -3.08 -25.58
C GLN C 90 -19.43 -1.79 -25.13
N SER C 91 -18.17 -1.89 -24.69
CA SER C 91 -17.48 -0.76 -24.07
C SER C 91 -16.08 -0.65 -24.65
N SER C 92 -15.78 0.52 -25.22
CA SER C 92 -14.44 0.87 -25.68
C SER C 92 -14.36 2.39 -25.71
N PRO C 93 -13.15 2.96 -25.89
CA PRO C 93 -13.05 4.42 -25.96
C PRO C 93 -13.94 5.05 -27.03
N SER C 94 -14.40 4.28 -28.03
CA SER C 94 -15.29 4.83 -29.05
C SER C 94 -16.72 5.01 -28.52
N GLY C 95 -17.17 4.15 -27.61
CA GLY C 95 -18.50 4.32 -27.06
C GLY C 95 -18.88 3.17 -26.17
N ILE C 96 -19.97 3.39 -25.43
CA ILE C 96 -20.51 2.41 -24.48
C ILE C 96 -21.95 2.13 -24.90
N ILE C 97 -22.18 0.96 -25.46
CA ILE C 97 -23.48 0.64 -26.05
C ILE C 97 -24.21 -0.31 -25.09
N LEU C 98 -25.36 0.14 -24.60
CA LEU C 98 -26.24 -0.67 -23.76
C LEU C 98 -27.42 -1.12 -24.61
N SER C 99 -27.60 -2.44 -24.75
CA SER C 99 -28.62 -2.99 -25.62
C SER C 99 -29.49 -3.96 -24.84
N ALA C 100 -30.78 -4.01 -25.20
CA ALA C 100 -31.71 -4.94 -24.56
C ALA C 100 -32.91 -5.11 -25.48
N ALA C 101 -33.60 -6.24 -25.30
CA ALA C 101 -34.88 -6.46 -25.99
C ALA C 101 -36.01 -5.71 -25.30
N ASP C 102 -36.12 -5.86 -23.99
CA ASP C 102 -37.08 -5.13 -23.17
C ASP C 102 -36.34 -4.03 -22.44
N ALA C 103 -37.00 -2.88 -22.28
CA ALA C 103 -36.37 -1.75 -21.60
C ALA C 103 -35.90 -2.14 -20.20
N ARG C 104 -36.53 -3.15 -19.61
CA ARG C 104 -36.15 -3.62 -18.29
C ARG C 104 -34.69 -4.03 -18.26
N GLY C 105 -34.18 -4.60 -19.36
CA GLY C 105 -32.78 -4.98 -19.39
C GLY C 105 -31.81 -3.81 -19.35
N ILE C 106 -32.23 -2.64 -19.82
CA ILE C 106 -31.37 -1.45 -19.78
C ILE C 106 -31.07 -1.06 -18.34
N PHE C 107 -32.06 -1.21 -17.45
CA PHE C 107 -31.79 -0.96 -16.04
C PHE C 107 -30.67 -1.85 -15.51
N TYR C 108 -30.71 -3.15 -15.86
CA TYR C 108 -29.70 -4.07 -15.37
C TYR C 108 -28.34 -3.80 -16.01
N ALA C 109 -28.33 -3.33 -17.25
CA ALA C 109 -27.07 -2.90 -17.83
C ALA C 109 -26.48 -1.73 -17.05
N GLY C 110 -27.33 -0.85 -16.51
CA GLY C 110 -26.83 0.29 -15.76
C GLY C 110 -26.21 -0.13 -14.44
N GLN C 111 -26.81 -1.13 -13.78
CA GLN C 111 -26.25 -1.62 -12.52
C GLN C 111 -24.88 -2.27 -12.76
N SER C 112 -24.73 -3.04 -13.85
CA SER C 112 -23.43 -3.59 -14.18
C SER C 112 -22.42 -2.47 -14.44
N LEU C 113 -22.86 -1.42 -15.12
CA LEU C 113 -21.99 -0.27 -15.37
C LEU C 113 -21.50 0.34 -14.06
N VAL C 114 -22.39 0.49 -13.09
CA VAL C 114 -22.01 1.04 -11.79
C VAL C 114 -20.93 0.16 -11.15
N GLN C 115 -21.11 -1.14 -11.20
CA GLN C 115 -20.15 -2.06 -10.59
C GLN C 115 -18.83 -2.13 -11.34
N MET C 116 -18.69 -1.46 -12.47
CA MET C 116 -17.40 -1.42 -13.17
C MET C 116 -16.73 -0.06 -13.05
N MET C 117 -17.29 0.83 -12.26
CA MET C 117 -16.77 2.15 -12.03
C MET C 117 -16.26 2.30 -10.61
N PRO C 118 -15.42 3.29 -10.33
CA PRO C 118 -14.87 3.43 -8.96
C PRO C 118 -15.99 3.48 -7.93
N SER C 119 -15.77 2.79 -6.80
CA SER C 119 -16.83 2.62 -5.81
C SER C 119 -17.25 3.93 -5.17
N VAL C 120 -16.41 4.95 -5.28
CA VAL C 120 -16.65 6.33 -4.85
C VAL C 120 -17.98 6.84 -5.41
N PHE C 121 -18.43 6.23 -6.49
CA PHE C 121 -19.78 6.47 -7.03
C PHE C 121 -20.83 6.54 -5.92
N HIS C 122 -20.72 5.64 -4.95
CA HIS C 122 -21.75 5.53 -3.92
C HIS C 122 -21.57 6.52 -2.78
N ASP C 123 -20.46 7.25 -2.74
CA ASP C 123 -20.18 8.18 -1.66
C ASP C 123 -20.97 9.47 -1.91
N ARG C 124 -21.93 9.76 -1.04
CA ARG C 124 -22.82 10.89 -1.27
C ARG C 124 -22.10 12.23 -1.15
N THR C 125 -21.05 12.31 -0.34
CA THR C 125 -20.35 13.56 -0.09
C THR C 125 -18.91 13.58 -0.61
N GLY C 126 -18.46 12.52 -1.28
CA GLY C 126 -17.08 12.45 -1.73
C GLY C 126 -16.76 13.46 -2.80
N ASP C 127 -15.46 13.59 -3.07
CA ASP C 127 -14.94 14.49 -4.10
C ASP C 127 -14.82 13.72 -5.41
N LYS C 128 -15.70 14.02 -6.35
CA LYS C 128 -15.79 13.24 -7.58
C LYS C 128 -15.13 13.91 -8.77
N SER C 129 -14.85 15.21 -8.69
CA SER C 129 -14.17 15.89 -9.80
C SER C 129 -12.76 15.37 -10.04
N ALA C 130 -12.24 14.53 -9.14
CA ALA C 130 -10.90 13.98 -9.29
C ALA C 130 -10.90 12.56 -9.87
N VAL C 131 -12.04 11.87 -9.86
CA VAL C 131 -12.11 10.46 -10.23
C VAL C 131 -12.04 10.31 -11.75
N ARG C 132 -11.30 9.31 -12.21
CA ARG C 132 -11.35 8.87 -13.61
C ARG C 132 -12.49 7.86 -13.74
N TRP C 133 -13.59 8.26 -14.38
CA TRP C 133 -14.77 7.40 -14.47
C TRP C 133 -14.62 6.34 -15.55
N ASN C 134 -13.62 5.48 -15.35
CA ASN C 134 -13.33 4.39 -16.29
C ASN C 134 -14.37 3.28 -16.13
N ILE C 135 -14.78 2.71 -17.26
CA ILE C 135 -15.63 1.52 -17.24
C ILE C 135 -14.69 0.32 -17.30
N SER C 136 -14.37 -0.25 -16.13
CA SER C 136 -13.45 -1.37 -16.02
C SER C 136 -12.04 -0.94 -16.44
N GLU C 137 -11.18 -1.90 -16.77
CA GLU C 137 -9.80 -1.60 -17.12
C GLU C 137 -9.46 -1.86 -18.58
N THR C 138 -10.35 -2.52 -19.34
CA THR C 138 -10.12 -2.87 -20.74
C THR C 138 -11.40 -2.66 -21.54
N PRO C 139 -11.32 -2.64 -22.87
CA PRO C 139 -12.54 -2.81 -23.67
C PRO C 139 -13.09 -4.21 -23.49
N PHE C 140 -14.40 -4.35 -23.68
CA PHE C 140 -15.05 -5.64 -23.42
C PHE C 140 -16.42 -5.68 -24.09
N ARG C 141 -16.96 -6.90 -24.17
CA ARG C 141 -18.36 -7.13 -24.54
C ARG C 141 -18.97 -8.10 -23.54
N ILE C 142 -20.16 -7.76 -23.05
CA ILE C 142 -20.91 -8.58 -22.10
C ILE C 142 -22.26 -8.87 -22.72
N THR C 143 -22.65 -10.13 -22.71
CA THR C 143 -24.03 -10.54 -22.97
C THR C 143 -24.51 -11.26 -21.72
N ASP C 144 -25.60 -10.77 -21.14
CA ASP C 144 -26.00 -11.19 -19.80
C ASP C 144 -27.50 -11.40 -19.71
N TYR C 145 -27.90 -12.31 -18.83
CA TYR C 145 -29.25 -12.80 -18.63
C TYR C 145 -29.28 -13.71 -17.40
N PRO C 146 -30.38 -13.74 -16.65
CA PRO C 146 -30.44 -14.58 -15.45
C PRO C 146 -30.70 -16.05 -15.75
N ARG C 147 -30.15 -16.89 -14.88
CA ARG C 147 -30.47 -18.31 -14.91
C ARG C 147 -31.89 -18.58 -14.43
N PHE C 148 -32.29 -18.00 -13.29
CA PHE C 148 -33.63 -18.17 -12.73
C PHE C 148 -34.43 -16.88 -12.84
N SER C 149 -35.72 -17.02 -13.09
CA SER C 149 -36.56 -15.82 -13.18
C SER C 149 -37.04 -15.33 -11.83
N TRP C 150 -36.87 -16.11 -10.77
CA TRP C 150 -37.41 -15.78 -9.45
C TRP C 150 -36.21 -15.71 -8.51
N ARG C 151 -35.78 -14.50 -8.17
CA ARG C 151 -34.58 -14.32 -7.35
C ARG C 151 -34.99 -13.43 -6.17
N ALA C 152 -35.36 -14.07 -5.07
CA ALA C 152 -36.17 -13.44 -4.03
C ALA C 152 -35.40 -13.27 -2.73
N LEU C 153 -35.65 -12.15 -2.07
CA LEU C 153 -35.21 -11.93 -0.69
C LEU C 153 -36.46 -11.61 0.13
N MET C 154 -36.61 -12.29 1.25
CA MET C 154 -37.76 -12.09 2.11
C MET C 154 -37.36 -11.29 3.33
N ILE C 155 -38.10 -10.22 3.62
CA ILE C 155 -37.88 -9.44 4.83
C ILE C 155 -39.10 -9.60 5.74
N ASP C 156 -38.84 -10.04 6.97
CA ASP C 156 -39.83 -10.21 8.03
C ASP C 156 -39.90 -8.88 8.80
N GLU C 157 -40.96 -8.12 8.56
CA GLU C 157 -41.20 -6.92 9.36
C GLU C 157 -42.31 -7.13 10.37
N ALA C 158 -42.83 -8.36 10.48
CA ALA C 158 -43.85 -8.63 11.49
C ALA C 158 -43.23 -8.86 12.85
N ARG C 159 -42.11 -9.60 12.90
CA ARG C 159 -41.46 -9.90 14.16
C ARG C 159 -40.81 -8.65 14.75
N HIS C 160 -40.08 -7.90 13.94
CA HIS C 160 -39.64 -6.56 14.27
C HIS C 160 -39.92 -5.67 13.06
N PHE C 161 -40.54 -4.52 13.29
CA PHE C 161 -40.81 -3.58 12.22
C PHE C 161 -39.59 -2.69 12.02
N PHE C 162 -39.22 -2.45 10.75
CA PHE C 162 -38.05 -1.62 10.45
C PHE C 162 -38.39 -0.31 9.74
N GLY C 163 -39.25 -0.32 8.75
CA GLY C 163 -39.79 0.90 8.19
C GLY C 163 -39.19 1.23 6.84
N GLU C 164 -39.72 2.32 6.28
CA GLU C 164 -39.53 2.64 4.88
C GLU C 164 -38.07 2.88 4.53
N LYS C 165 -37.33 3.59 5.39
CA LYS C 165 -35.93 3.88 5.09
C LYS C 165 -35.11 2.60 5.03
N THR C 166 -35.35 1.69 5.97
CA THR C 166 -34.61 0.42 5.94
C THR C 166 -35.00 -0.42 4.72
N ILE C 167 -36.30 -0.52 4.42
CA ILE C 167 -36.71 -1.36 3.29
C ILE C 167 -36.19 -0.79 1.98
N LYS C 168 -36.18 0.54 1.85
CA LYS C 168 -35.62 1.15 0.64
C LYS C 168 -34.14 0.87 0.53
N GLN C 169 -33.44 0.91 1.66
CA GLN C 169 -32.02 0.55 1.66
C GLN C 169 -31.81 -0.90 1.23
N ILE C 170 -32.66 -1.81 1.69
CA ILE C 170 -32.54 -3.20 1.24
C ILE C 170 -32.89 -3.33 -0.23
N ILE C 171 -33.92 -2.62 -0.68
CA ILE C 171 -34.28 -2.62 -2.10
C ILE C 171 -33.11 -2.14 -2.95
N ASP C 172 -32.32 -1.19 -2.42
CA ASP C 172 -31.14 -0.69 -3.13
C ASP C 172 -30.09 -1.79 -3.31
N GLN C 173 -29.84 -2.59 -2.26
CA GLN C 173 -28.91 -3.71 -2.38
C GLN C 173 -29.43 -4.75 -3.37
N MET C 174 -30.73 -5.06 -3.27
CA MET C 174 -31.31 -6.06 -4.18
C MET C 174 -31.13 -5.65 -5.63
N ALA C 175 -31.38 -4.37 -5.94
CA ALA C 175 -31.29 -3.90 -7.32
C ALA C 175 -29.84 -3.89 -7.80
N LEU C 176 -28.90 -3.54 -6.93
CA LEU C 176 -27.49 -3.59 -7.33
C LEU C 176 -27.04 -5.03 -7.60
N LEU C 177 -27.66 -6.00 -6.92
CA LEU C 177 -27.38 -7.41 -7.10
C LEU C 177 -28.35 -8.09 -8.07
N LYS C 178 -29.23 -7.32 -8.72
CA LYS C 178 -30.20 -7.81 -9.71
C LYS C 178 -31.17 -8.85 -9.14
N MET C 179 -31.45 -8.81 -7.83
CA MET C 179 -32.56 -9.59 -7.29
C MET C 179 -33.87 -8.88 -7.58
N ASN C 180 -34.91 -9.64 -7.97
CA ASN C 180 -36.08 -9.03 -8.58
C ASN C 180 -37.39 -9.29 -7.84
N ILE C 181 -37.34 -9.92 -6.67
CA ILE C 181 -38.53 -10.23 -5.89
C ILE C 181 -38.27 -9.87 -4.44
N LEU C 182 -39.08 -8.97 -3.88
CA LEU C 182 -39.10 -8.71 -2.44
C LEU C 182 -40.31 -9.43 -1.87
N HIS C 183 -40.07 -10.52 -1.13
CA HIS C 183 -41.13 -11.24 -0.42
C HIS C 183 -41.31 -10.52 0.92
N TRP C 184 -42.43 -9.88 1.11
CA TRP C 184 -42.61 -8.96 2.23
C TRP C 184 -43.52 -9.61 3.27
N HIS C 185 -42.92 -10.12 4.33
CA HIS C 185 -43.62 -10.89 5.37
C HIS C 185 -44.12 -9.90 6.40
N LEU C 186 -45.38 -9.46 6.21
CA LEU C 186 -45.92 -8.29 6.90
C LEU C 186 -46.88 -8.62 8.04
N THR C 187 -47.29 -9.87 8.20
CA THR C 187 -48.18 -10.23 9.31
C THR C 187 -47.71 -11.53 9.95
N ASP C 188 -47.85 -11.61 11.27
CA ASP C 188 -47.50 -12.79 12.02
C ASP C 188 -48.14 -12.67 13.40
N ASP C 189 -47.75 -13.55 14.32
CA ASP C 189 -48.31 -13.53 15.67
C ASP C 189 -48.00 -12.23 16.40
N THR C 190 -46.81 -11.69 16.20
CA THR C 190 -46.30 -10.59 17.02
C THR C 190 -46.44 -9.23 16.34
N GLY C 191 -47.13 -9.15 15.20
CA GLY C 191 -47.37 -7.87 14.58
C GLY C 191 -48.11 -7.94 13.27
N TRP C 192 -48.95 -6.93 13.01
CA TRP C 192 -49.62 -6.75 11.73
C TRP C 192 -49.19 -5.38 11.21
N ARG C 193 -48.59 -5.34 10.01
CA ARG C 193 -47.92 -4.14 9.53
C ARG C 193 -48.59 -3.47 8.32
N ILE C 194 -49.78 -3.91 7.91
CA ILE C 194 -50.46 -3.36 6.74
C ILE C 194 -51.74 -2.66 7.20
N GLU C 195 -51.81 -1.35 7.00
CA GLU C 195 -53.05 -0.63 7.24
C GLU C 195 -54.17 -1.17 6.36
N ILE C 196 -55.26 -1.59 6.99
CA ILE C 196 -56.45 -2.07 6.29
C ILE C 196 -57.58 -1.14 6.68
N LYS C 197 -58.17 -0.46 5.70
CA LYS C 197 -59.13 0.61 6.01
C LYS C 197 -60.41 0.06 6.64
N LYS C 198 -60.94 -1.05 6.11
CA LYS C 198 -62.15 -1.61 6.66
C LYS C 198 -61.97 -2.16 8.07
N TYR C 199 -60.76 -2.55 8.45
CA TYR C 199 -60.52 -3.17 9.76
C TYR C 199 -59.38 -2.43 10.45
N PRO C 200 -59.64 -1.22 10.94
CA PRO C 200 -58.54 -0.36 11.44
C PRO C 200 -57.84 -0.90 12.68
N ARG C 201 -58.46 -1.83 13.41
CA ARG C 201 -57.80 -2.39 14.57
C ARG C 201 -56.65 -3.32 14.21
N LEU C 202 -56.61 -3.85 12.98
CA LEU C 202 -55.48 -4.68 12.59
C LEU C 202 -54.17 -3.97 12.87
N THR C 203 -54.11 -2.66 12.62
CA THR C 203 -52.92 -1.91 12.95
C THR C 203 -53.01 -1.21 14.30
N SER C 204 -54.13 -0.57 14.63
CA SER C 204 -54.20 0.17 15.89
C SER C 204 -54.00 -0.75 17.09
N ILE C 205 -54.46 -2.00 17.01
CA ILE C 205 -54.16 -3.02 18.02
C ILE C 205 -53.01 -3.91 17.58
N GLY C 206 -53.07 -4.43 16.36
CA GLY C 206 -52.12 -5.46 15.94
C GLY C 206 -50.71 -4.97 15.68
N SER C 207 -50.48 -3.66 15.53
CA SER C 207 -49.11 -3.21 15.27
C SER C 207 -48.34 -2.87 16.55
N LYS C 208 -48.91 -3.13 17.74
CA LYS C 208 -48.29 -2.72 19.00
C LYS C 208 -48.15 -3.90 19.94
N ARG C 209 -46.98 -4.05 20.57
CA ARG C 209 -46.83 -5.02 21.64
C ARG C 209 -46.01 -4.42 22.77
N ARG C 210 -46.08 -5.06 23.93
CA ARG C 210 -45.51 -4.48 25.15
C ARG C 210 -44.00 -4.67 25.26
N GLU C 211 -43.45 -5.75 24.71
CA GLU C 211 -42.03 -6.06 24.84
C GLU C 211 -41.72 -7.22 23.91
N SER C 212 -40.46 -7.65 23.93
CA SER C 212 -40.02 -8.73 23.06
C SER C 212 -39.12 -9.69 23.82
N GLU C 213 -39.45 -10.97 23.76
CA GLU C 213 -38.52 -12.00 24.17
C GLU C 213 -37.19 -11.84 23.44
N ILE C 214 -36.08 -12.15 24.13
CA ILE C 214 -34.75 -12.00 23.55
C ILE C 214 -33.95 -13.27 23.81
N GLY C 215 -32.92 -13.47 22.98
CA GLY C 215 -32.04 -14.61 23.14
C GLY C 215 -32.42 -15.80 22.29
N THR C 216 -33.45 -16.53 22.72
CA THR C 216 -33.95 -17.67 21.96
C THR C 216 -35.36 -17.97 22.45
N TRP C 217 -36.00 -18.94 21.80
CA TRP C 217 -37.34 -19.35 22.20
C TRP C 217 -37.34 -19.91 23.61
N ASN C 218 -38.30 -19.46 24.43
CA ASN C 218 -38.47 -19.91 25.81
C ASN C 218 -37.29 -19.54 26.69
N SER C 219 -36.62 -18.44 26.37
CA SER C 219 -35.46 -18.03 27.14
C SER C 219 -35.84 -17.46 28.50
N GLY C 220 -37.08 -17.02 28.68
CA GLY C 220 -37.45 -16.32 29.89
C GLY C 220 -36.87 -14.93 30.02
N LYS C 221 -36.16 -14.45 29.01
CA LYS C 221 -35.50 -13.16 29.02
C LYS C 221 -36.22 -12.19 28.08
N SER C 222 -36.43 -10.97 28.54
CA SER C 222 -37.20 -10.00 27.79
C SER C 222 -36.48 -8.65 27.82
N ASP C 223 -36.69 -7.83 26.78
CA ASP C 223 -36.11 -6.49 26.73
C ASP C 223 -36.96 -5.45 27.43
N GLY C 224 -38.20 -5.78 27.81
CA GLY C 224 -39.06 -4.82 28.49
C GLY C 224 -39.30 -3.54 27.72
N THR C 225 -39.21 -3.58 26.40
CA THR C 225 -39.35 -2.37 25.60
C THR C 225 -40.54 -2.52 24.66
N PRO C 226 -41.56 -1.66 24.76
CA PRO C 226 -42.63 -1.66 23.75
C PRO C 226 -42.07 -1.54 22.34
N HIS C 227 -42.79 -2.11 21.39
CA HIS C 227 -42.38 -2.08 19.99
C HIS C 227 -43.62 -1.94 19.13
N GLU C 228 -43.56 -1.06 18.12
CA GLU C 228 -44.74 -0.87 17.27
C GLU C 228 -44.32 -0.28 15.93
N GLY C 229 -45.22 -0.39 14.95
CA GLY C 229 -45.05 0.22 13.64
C GLY C 229 -45.87 -0.47 12.57
N PHE C 230 -46.19 0.25 11.49
CA PHE C 230 -46.94 -0.33 10.37
C PHE C 230 -46.81 0.63 9.19
N TYR C 231 -47.15 0.14 8.01
CA TYR C 231 -47.15 0.99 6.83
C TYR C 231 -48.57 1.45 6.50
N THR C 232 -48.74 2.73 6.18
CA THR C 232 -49.99 3.17 5.61
C THR C 232 -50.10 2.64 4.19
N GLN C 233 -51.30 2.75 3.61
CA GLN C 233 -51.44 2.34 2.23
C GLN C 233 -50.68 3.27 1.28
N GLU C 234 -50.53 4.54 1.63
CA GLU C 234 -49.76 5.45 0.79
C GLU C 234 -48.28 5.04 0.79
N GLN C 235 -47.73 4.74 1.98
CA GLN C 235 -46.35 4.27 2.05
C GLN C 235 -46.15 2.99 1.22
N ILE C 236 -47.13 2.08 1.25
CA ILE C 236 -47.04 0.86 0.46
C ILE C 236 -46.91 1.20 -1.02
N ARG C 237 -47.82 2.04 -1.54
CA ARG C 237 -47.73 2.45 -2.93
C ARG C 237 -46.36 3.06 -3.24
N ASP C 238 -45.86 3.93 -2.35
N ASP C 238 -45.86 3.92 -2.34
CA ASP C 238 -44.54 4.53 -2.54
CA ASP C 238 -44.54 4.53 -2.52
C ASP C 238 -43.44 3.47 -2.65
C ASP C 238 -43.45 3.48 -2.64
N ILE C 239 -43.47 2.47 -1.76
CA ILE C 239 -42.42 1.46 -1.77
C ILE C 239 -42.58 0.53 -2.98
N VAL C 240 -43.82 0.16 -3.33
CA VAL C 240 -44.05 -0.59 -4.56
C VAL C 240 -43.44 0.14 -5.76
N GLN C 241 -43.74 1.44 -5.89
CA GLN C 241 -43.19 2.22 -7.00
C GLN C 241 -41.67 2.30 -6.92
N TYR C 242 -41.13 2.54 -5.73
CA TYR C 242 -39.68 2.54 -5.54
C TYR C 242 -39.07 1.23 -6.02
N ALA C 243 -39.72 0.10 -5.71
CA ALA C 243 -39.18 -1.19 -6.12
C ALA C 243 -39.35 -1.41 -7.62
N ALA C 244 -40.50 -1.02 -8.17
CA ALA C 244 -40.72 -1.19 -9.62
C ALA C 244 -39.71 -0.42 -10.45
N ARG C 245 -39.39 0.82 -10.04
CA ARG C 245 -38.34 1.57 -10.73
C ARG C 245 -37.03 0.80 -10.75
N ARG C 246 -36.84 -0.12 -9.82
CA ARG C 246 -35.59 -0.88 -9.68
C ARG C 246 -35.76 -2.34 -10.06
N ASN C 247 -36.73 -2.65 -10.92
CA ASN C 247 -36.88 -3.99 -11.51
C ASN C 247 -37.29 -5.04 -10.48
N ILE C 248 -37.97 -4.64 -9.41
CA ILE C 248 -38.35 -5.54 -8.33
C ILE C 248 -39.87 -5.55 -8.20
N THR C 249 -40.44 -6.75 -8.21
CA THR C 249 -41.83 -6.98 -7.88
C THR C 249 -41.92 -7.35 -6.40
N ILE C 250 -42.95 -6.87 -5.73
CA ILE C 250 -43.15 -7.15 -4.32
C ILE C 250 -44.23 -8.23 -4.21
N VAL C 251 -43.93 -9.28 -3.46
CA VAL C 251 -44.88 -10.35 -3.14
C VAL C 251 -45.30 -10.14 -1.70
N PRO C 252 -46.48 -9.57 -1.43
CA PRO C 252 -46.91 -9.39 -0.05
C PRO C 252 -47.33 -10.73 0.54
N GLU C 253 -47.18 -10.88 1.85
CA GLU C 253 -47.61 -12.10 2.52
C GLU C 253 -48.51 -11.76 3.69
N ILE C 254 -49.71 -12.36 3.69
CA ILE C 254 -50.63 -12.35 4.82
C ILE C 254 -50.68 -13.77 5.35
N GLU C 255 -50.04 -14.00 6.50
CA GLU C 255 -49.96 -15.35 7.07
C GLU C 255 -51.34 -15.87 7.43
N MET C 256 -51.61 -17.13 7.04
CA MET C 256 -52.83 -17.86 7.38
C MET C 256 -52.61 -19.33 7.01
N PRO C 257 -53.32 -20.29 7.67
CA PRO C 257 -54.22 -20.11 8.81
C PRO C 257 -53.52 -19.97 10.16
N GLY C 258 -52.21 -20.25 10.22
CA GLY C 258 -51.42 -20.00 11.42
C GLY C 258 -50.88 -18.56 11.46
N HIS C 259 -50.09 -18.28 12.51
CA HIS C 259 -49.41 -16.99 12.69
C HIS C 259 -50.39 -15.81 12.69
N ALA C 260 -51.52 -16.00 13.38
CA ALA C 260 -52.64 -15.07 13.31
C ALA C 260 -52.87 -14.27 14.58
N SER C 261 -52.01 -14.41 15.61
CA SER C 261 -52.29 -13.80 16.92
C SER C 261 -52.64 -12.33 16.83
N ALA C 262 -51.89 -11.56 16.03
CA ALA C 262 -52.10 -10.10 16.01
C ALA C 262 -53.42 -9.75 15.37
N ALA C 263 -53.78 -10.40 14.26
CA ALA C 263 -55.12 -10.22 13.69
C ALA C 263 -56.19 -10.58 14.71
N ALA C 264 -56.01 -11.71 15.41
CA ALA C 264 -57.02 -12.20 16.34
C ALA C 264 -57.18 -11.28 17.54
N VAL C 265 -56.09 -10.78 18.11
CA VAL C 265 -56.26 -9.86 19.23
C VAL C 265 -57.07 -8.65 18.78
N ALA C 266 -56.85 -8.20 17.54
CA ALA C 266 -57.62 -7.08 17.01
C ALA C 266 -59.09 -7.43 16.86
N TYR C 267 -59.40 -8.61 16.32
CA TYR C 267 -60.77 -9.09 16.13
C TYR C 267 -60.88 -10.51 16.67
N PRO C 268 -61.24 -10.67 17.96
CA PRO C 268 -61.14 -11.99 18.60
C PRO C 268 -61.93 -13.10 17.96
N PHE C 269 -63.03 -12.79 17.23
CA PHE C 269 -63.80 -13.85 16.60
C PHE C 269 -63.02 -14.60 15.52
N LEU C 270 -61.85 -14.09 15.13
CA LEU C 270 -61.07 -14.71 14.08
C LEU C 270 -60.44 -16.03 14.52
N SER C 271 -60.32 -16.29 15.82
CA SER C 271 -59.66 -17.50 16.30
C SER C 271 -60.48 -18.14 17.42
N LEU C 272 -60.41 -19.47 17.51
CA LEU C 272 -61.00 -20.16 18.65
C LEU C 272 -60.18 -20.00 19.93
N LYS C 273 -58.95 -19.50 19.84
CA LYS C 273 -58.06 -19.36 20.99
C LYS C 273 -57.29 -18.04 20.90
N THR C 274 -58.04 -16.95 20.92
CA THR C 274 -57.43 -15.63 20.79
C THR C 274 -56.67 -15.26 22.06
N PRO C 275 -55.42 -14.84 21.98
CA PRO C 275 -54.69 -14.45 23.19
C PRO C 275 -55.20 -13.13 23.78
N GLY C 276 -54.91 -12.95 25.07
CA GLY C 276 -55.36 -11.75 25.76
C GLY C 276 -54.73 -10.48 25.24
N GLU C 277 -53.50 -10.55 24.74
CA GLU C 277 -52.84 -9.40 24.15
C GLU C 277 -51.87 -9.89 23.09
N VAL C 278 -51.41 -8.99 22.23
CA VAL C 278 -50.42 -9.34 21.21
C VAL C 278 -49.24 -10.04 21.89
N PRO C 279 -48.89 -11.25 21.49
CA PRO C 279 -47.84 -11.99 22.24
C PRO C 279 -46.51 -11.24 22.26
N THR C 280 -45.80 -11.43 23.37
CA THR C 280 -44.49 -10.84 23.57
C THR C 280 -43.40 -11.90 23.51
N THR C 281 -43.76 -13.16 23.27
CA THR C 281 -42.84 -14.25 23.03
C THR C 281 -43.07 -14.76 21.62
N PHE C 282 -42.05 -15.42 21.06
CA PHE C 282 -42.10 -15.84 19.67
C PHE C 282 -42.47 -17.30 19.51
N ILE C 283 -42.89 -17.97 20.58
CA ILE C 283 -43.31 -19.36 20.46
C ILE C 283 -44.81 -19.49 20.22
N VAL C 284 -45.59 -18.46 20.55
CA VAL C 284 -47.05 -18.52 20.47
C VAL C 284 -47.48 -18.43 19.01
N ASN C 285 -48.21 -19.43 18.54
CA ASN C 285 -48.66 -19.44 17.14
C ASN C 285 -50.17 -19.66 17.16
N THR C 286 -50.94 -18.59 16.93
CA THR C 286 -52.39 -18.67 16.96
C THR C 286 -52.97 -18.99 15.57
N ALA C 287 -54.00 -19.83 15.54
CA ALA C 287 -54.64 -20.20 14.29
C ALA C 287 -55.98 -19.49 14.07
N PHE C 288 -56.23 -19.07 12.84
CA PHE C 288 -57.57 -18.66 12.44
C PHE C 288 -58.53 -19.84 12.56
N ASP C 289 -59.80 -19.54 12.81
CA ASP C 289 -60.85 -20.52 12.94
C ASP C 289 -61.30 -20.94 11.54
N PRO C 290 -60.92 -22.14 11.08
CA PRO C 290 -61.27 -22.56 9.73
C PRO C 290 -62.70 -23.04 9.57
N THR C 291 -63.46 -23.13 10.66
CA THR C 291 -64.81 -23.66 10.59
C THR C 291 -65.86 -22.56 10.39
N SER C 292 -65.47 -21.30 10.49
CA SER C 292 -66.42 -20.20 10.50
C SER C 292 -66.35 -19.41 9.19
N GLU C 293 -67.50 -19.20 8.57
CA GLU C 293 -67.55 -18.41 7.34
C GLU C 293 -67.08 -16.98 7.55
N LYS C 294 -67.23 -16.44 8.76
CA LYS C 294 -66.74 -15.09 9.04
C LYS C 294 -65.24 -14.98 8.81
N THR C 295 -64.48 -16.04 9.14
CA THR C 295 -63.03 -16.00 8.92
C THR C 295 -62.71 -15.72 7.47
N TYR C 296 -63.31 -16.50 6.55
CA TYR C 296 -63.06 -16.33 5.12
C TYR C 296 -63.56 -14.98 4.61
N ALA C 297 -64.70 -14.51 5.11
CA ALA C 297 -65.20 -13.22 4.64
C ALA C 297 -64.24 -12.11 5.04
N PHE C 298 -63.80 -12.13 6.30
CA PHE C 298 -62.82 -11.17 6.78
C PHE C 298 -61.55 -11.21 5.93
N LEU C 299 -60.96 -12.40 5.75
CA LEU C 299 -59.72 -12.52 5.00
C LEU C 299 -59.91 -12.13 3.54
N SER C 300 -61.06 -12.45 2.95
CA SER C 300 -61.37 -11.97 1.60
C SER C 300 -61.40 -10.45 1.56
N ASP C 301 -62.00 -9.81 2.56
CA ASP C 301 -61.98 -8.34 2.62
C ASP C 301 -60.56 -7.80 2.70
N VAL C 302 -59.75 -8.36 3.61
CA VAL C 302 -58.35 -7.96 3.74
C VAL C 302 -57.65 -8.11 2.39
N LEU C 303 -57.85 -9.25 1.74
CA LEU C 303 -57.16 -9.49 0.47
C LEU C 303 -57.63 -8.52 -0.62
N ASP C 304 -58.87 -8.02 -0.55
CA ASP C 304 -59.31 -7.02 -1.53
C ASP C 304 -58.48 -5.75 -1.42
N GLU C 305 -58.16 -5.32 -0.19
CA GLU C 305 -57.34 -4.12 -0.04
C GLU C 305 -55.88 -4.41 -0.40
N VAL C 306 -55.39 -5.62 -0.14
CA VAL C 306 -54.06 -6.01 -0.59
C VAL C 306 -53.96 -5.91 -2.11
N THR C 307 -54.94 -6.46 -2.83
CA THR C 307 -54.87 -6.38 -4.29
C THR C 307 -54.92 -4.93 -4.79
N ALA C 308 -55.58 -4.04 -4.05
CA ALA C 308 -55.66 -2.63 -4.47
C ALA C 308 -54.33 -1.88 -4.31
N ILE C 309 -53.47 -2.29 -3.39
CA ILE C 309 -52.22 -1.57 -3.14
C ILE C 309 -50.97 -2.35 -3.55
N PHE C 310 -51.06 -3.66 -3.76
CA PHE C 310 -49.95 -4.44 -4.30
C PHE C 310 -50.36 -4.91 -5.69
N PRO C 311 -49.78 -4.37 -6.77
CA PRO C 311 -50.22 -4.75 -8.12
C PRO C 311 -49.69 -6.09 -8.58
N GLY C 312 -48.76 -6.71 -7.86
CA GLY C 312 -48.13 -7.92 -8.35
C GLY C 312 -49.10 -9.08 -8.42
N ARG C 313 -48.81 -9.99 -9.34
CA ARG C 313 -49.71 -11.10 -9.60
C ARG C 313 -49.77 -12.09 -8.43
N ILE C 314 -48.68 -12.25 -7.66
CA ILE C 314 -48.59 -13.28 -6.63
C ILE C 314 -48.91 -12.67 -5.26
N ILE C 315 -49.76 -13.36 -4.48
CA ILE C 315 -49.95 -13.07 -3.07
C ILE C 315 -49.60 -14.32 -2.26
N HIS C 316 -48.66 -14.19 -1.34
CA HIS C 316 -48.20 -15.26 -0.46
C HIS C 316 -49.11 -15.30 0.77
N ILE C 317 -49.48 -16.50 1.19
CA ILE C 317 -50.28 -16.68 2.41
C ILE C 317 -49.50 -17.37 3.52
N GLY C 318 -48.23 -17.66 3.32
CA GLY C 318 -47.51 -18.56 4.20
C GLY C 318 -48.06 -19.98 4.06
N GLY C 319 -49.17 -20.25 4.73
CA GLY C 319 -49.75 -21.58 4.68
C GLY C 319 -48.95 -22.68 5.36
N ASP C 320 -47.94 -22.38 6.17
CA ASP C 320 -47.22 -23.43 6.89
C ASP C 320 -48.08 -24.00 8.01
N GLU C 321 -47.63 -25.13 8.55
CA GLU C 321 -48.52 -25.95 9.39
C GLU C 321 -48.92 -25.22 10.65
N VAL C 322 -50.22 -25.24 10.95
CA VAL C 322 -50.74 -24.82 12.23
C VAL C 322 -50.20 -25.76 13.33
N ARG C 323 -50.10 -25.24 14.56
CA ARG C 323 -49.79 -26.04 15.74
C ARG C 323 -51.09 -26.73 16.18
N TYR C 324 -51.38 -27.86 15.53
CA TYR C 324 -52.70 -28.49 15.68
C TYR C 324 -53.00 -28.83 17.14
N ASP C 325 -52.04 -29.48 17.82
CA ASP C 325 -52.32 -29.96 19.18
C ASP C 325 -52.62 -28.82 20.13
N LYS C 326 -52.00 -27.65 19.91
CA LYS C 326 -52.22 -26.51 20.79
C LYS C 326 -53.44 -25.68 20.39
N GLN C 327 -53.78 -25.65 19.11
CA GLN C 327 -54.79 -24.72 18.61
C GLN C 327 -56.13 -25.38 18.32
N TRP C 328 -56.12 -26.59 17.77
CA TRP C 328 -57.33 -27.19 17.23
C TRP C 328 -57.73 -28.52 17.88
N LYS C 329 -56.78 -29.35 18.30
CA LYS C 329 -57.13 -30.66 18.87
C LYS C 329 -58.01 -30.48 20.11
N GLY C 330 -59.11 -31.24 20.17
CA GLY C 330 -60.00 -31.15 21.31
C GLY C 330 -60.81 -29.86 21.41
N VAL C 331 -60.79 -29.00 20.40
CA VAL C 331 -61.70 -27.85 20.35
C VAL C 331 -63.02 -28.32 19.76
N PRO C 332 -64.14 -28.17 20.49
CA PRO C 332 -65.42 -28.74 20.01
C PRO C 332 -65.80 -28.35 18.59
N GLU C 333 -65.61 -27.07 18.21
CA GLU C 333 -65.97 -26.64 16.86
C GLU C 333 -65.12 -27.35 15.81
N ILE C 334 -63.84 -27.57 16.10
CA ILE C 334 -62.96 -28.28 15.16
C ILE C 334 -63.38 -29.75 15.05
N GLU C 335 -63.54 -30.42 16.18
CA GLU C 335 -63.83 -31.84 16.15
C GLU C 335 -65.19 -32.12 15.52
N GLU C 336 -66.20 -31.27 15.82
CA GLU C 336 -67.49 -31.44 15.16
C GLU C 336 -67.37 -31.19 13.66
N PHE C 337 -66.61 -30.18 13.25
CA PHE C 337 -66.43 -29.86 11.83
C PHE C 337 -65.78 -31.00 11.07
N MET C 338 -64.79 -31.65 11.68
CA MET C 338 -64.16 -32.82 11.07
C MET C 338 -65.16 -33.97 10.91
N LYS C 339 -65.97 -34.25 11.94
CA LYS C 339 -66.99 -35.28 11.83
C LYS C 339 -67.99 -34.95 10.73
N LYS C 340 -68.51 -33.71 10.75
CA LYS C 340 -69.48 -33.30 9.74
C LYS C 340 -68.93 -33.46 8.33
N ASN C 341 -67.69 -33.08 8.09
CA ASN C 341 -67.14 -33.08 6.74
C ASN C 341 -66.31 -34.33 6.42
N GLY C 342 -66.23 -35.28 7.33
CA GLY C 342 -65.45 -36.48 7.09
C GLY C 342 -63.95 -36.24 7.00
N MET C 343 -63.43 -35.21 7.67
N MET C 343 -63.43 -35.22 7.67
CA MET C 343 -62.00 -34.97 7.66
CA MET C 343 -62.00 -34.95 7.67
C MET C 343 -61.33 -35.79 8.76
C MET C 343 -61.33 -35.77 8.76
N LYS C 344 -60.28 -36.51 8.38
CA LYS C 344 -59.64 -37.42 9.32
C LYS C 344 -58.52 -36.79 10.13
N SER C 345 -57.84 -35.77 9.62
CA SER C 345 -56.71 -35.18 10.34
C SER C 345 -56.88 -33.67 10.45
N TYR C 346 -56.21 -33.09 11.45
CA TYR C 346 -56.16 -31.63 11.54
C TYR C 346 -55.50 -31.03 10.32
N ALA C 347 -54.53 -31.72 9.72
CA ALA C 347 -53.88 -31.17 8.53
C ALA C 347 -54.84 -31.12 7.34
N ASP C 348 -55.83 -32.02 7.29
CA ASP C 348 -56.86 -31.95 6.24
C ASP C 348 -57.75 -30.72 6.40
N VAL C 349 -58.07 -30.37 7.64
CA VAL C 349 -58.75 -29.11 7.93
C VAL C 349 -57.95 -27.93 7.39
N GLN C 350 -56.64 -27.90 7.69
CA GLN C 350 -55.80 -26.80 7.18
C GLN C 350 -55.79 -26.78 5.65
N MET C 351 -55.68 -27.97 5.03
CA MET C 351 -55.64 -28.04 3.57
C MET C 351 -56.95 -27.58 2.96
N HIS C 352 -58.08 -27.95 3.56
CA HIS C 352 -59.35 -27.39 3.11
C HIS C 352 -59.31 -25.86 3.16
N PHE C 353 -58.76 -25.30 4.24
CA PHE C 353 -58.69 -23.83 4.37
C PHE C 353 -57.79 -23.22 3.30
N THR C 354 -56.60 -23.79 3.08
CA THR C 354 -55.70 -23.13 2.13
C THR C 354 -56.17 -23.34 0.70
N ASN C 355 -56.78 -24.50 0.40
CA ASN C 355 -57.40 -24.70 -0.91
C ASN C 355 -58.46 -23.64 -1.17
N ARG C 356 -59.38 -23.43 -0.22
CA ARG C 356 -60.40 -22.40 -0.41
C ARG C 356 -59.76 -21.04 -0.63
N MET C 357 -58.79 -20.67 0.21
CA MET C 357 -58.10 -19.39 0.03
C MET C 357 -57.47 -19.28 -1.34
N SER C 358 -56.99 -20.38 -1.92
CA SER C 358 -56.43 -20.30 -3.26
C SER C 358 -57.49 -19.91 -4.27
N GLY C 359 -58.72 -20.38 -4.09
CA GLY C 359 -59.80 -20.04 -5.00
C GLY C 359 -60.30 -18.63 -4.78
N ILE C 360 -60.34 -18.20 -3.52
CA ILE C 360 -60.71 -16.84 -3.22
C ILE C 360 -59.72 -15.86 -3.82
N ILE C 361 -58.43 -16.19 -3.76
CA ILE C 361 -57.40 -15.32 -4.31
C ILE C 361 -57.43 -15.33 -5.84
N ALA C 362 -57.65 -16.52 -6.44
CA ALA C 362 -57.76 -16.60 -7.90
C ALA C 362 -58.92 -15.75 -8.41
N GLN C 363 -60.03 -15.69 -7.68
CA GLN C 363 -61.17 -14.89 -8.09
C GLN C 363 -60.85 -13.41 -8.15
N LYS C 364 -59.85 -12.95 -7.40
CA LYS C 364 -59.45 -11.55 -7.43
C LYS C 364 -58.41 -11.25 -8.51
N GLY C 365 -58.14 -12.17 -9.41
CA GLY C 365 -57.15 -11.95 -10.45
C GLY C 365 -55.72 -12.11 -9.98
N ARG C 366 -55.47 -13.03 -9.05
CA ARG C 366 -54.18 -13.18 -8.42
C ARG C 366 -53.87 -14.67 -8.32
N ARG C 367 -52.61 -14.99 -8.00
CA ARG C 367 -52.19 -16.38 -7.79
C ARG C 367 -51.67 -16.54 -6.37
N MET C 368 -52.13 -17.57 -5.68
CA MET C 368 -51.71 -17.81 -4.31
C MET C 368 -50.34 -18.47 -4.30
N MET C 369 -49.52 -18.07 -3.34
CA MET C 369 -48.23 -18.71 -3.10
C MET C 369 -48.20 -19.12 -1.66
N GLY C 370 -47.52 -20.22 -1.37
CA GLY C 370 -47.41 -20.67 0.00
C GLY C 370 -46.32 -21.69 0.16
N TRP C 371 -45.95 -21.92 1.43
CA TRP C 371 -44.98 -22.95 1.77
C TRP C 371 -45.51 -24.34 1.38
N ASN C 372 -44.63 -25.35 1.41
CA ASN C 372 -44.98 -26.63 0.80
C ASN C 372 -46.17 -27.31 1.45
N GLU C 373 -46.51 -26.96 2.70
CA GLU C 373 -47.70 -27.56 3.30
C GLU C 373 -48.99 -27.24 2.53
N ILE C 374 -49.01 -26.22 1.66
CA ILE C 374 -50.25 -25.98 0.92
C ILE C 374 -50.48 -27.00 -0.18
N TYR C 375 -49.46 -27.79 -0.53
CA TYR C 375 -49.57 -28.76 -1.60
C TYR C 375 -49.59 -30.18 -1.04
N GLY C 376 -50.62 -30.93 -1.41
CA GLY C 376 -50.71 -32.31 -1.01
C GLY C 376 -51.81 -33.01 -1.77
N HIS C 377 -52.32 -34.11 -1.18
CA HIS C 377 -53.42 -34.84 -1.76
C HIS C 377 -54.73 -34.07 -1.60
N ASP C 378 -55.76 -34.51 -2.33
CA ASP C 378 -57.06 -33.85 -2.29
C ASP C 378 -57.72 -34.04 -0.93
N VAL C 379 -58.57 -33.06 -0.56
CA VAL C 379 -59.36 -33.15 0.67
C VAL C 379 -60.81 -33.39 0.29
N ASN C 380 -61.13 -34.64 0.02
CA ASN C 380 -62.49 -35.10 -0.29
C ASN C 380 -62.94 -36.00 0.85
N GLY C 381 -63.54 -35.41 1.88
CA GLY C 381 -64.12 -36.20 2.93
C GLY C 381 -65.41 -36.86 2.51
N ASP C 382 -65.95 -37.68 3.40
CA ASP C 382 -67.25 -38.32 3.22
C ASP C 382 -68.28 -37.50 3.99
N GLY C 383 -68.98 -36.62 3.26
CA GLY C 383 -69.98 -35.76 3.87
C GLY C 383 -69.44 -34.44 4.39
N GLY C 388 -66.17 -26.96 -1.75
CA GLY C 388 -65.14 -27.90 -2.13
C GLY C 388 -63.76 -27.49 -1.65
N ALA C 389 -62.74 -28.25 -2.04
CA ALA C 389 -61.35 -27.92 -1.69
C ALA C 389 -60.42 -28.71 -2.62
N LYS C 390 -60.05 -28.09 -3.73
CA LYS C 390 -58.86 -28.46 -4.47
C LYS C 390 -57.99 -27.22 -4.64
N LEU C 391 -56.68 -27.43 -4.67
CA LEU C 391 -55.75 -26.33 -4.82
C LEU C 391 -55.83 -25.73 -6.22
N ASP C 392 -56.00 -24.41 -6.30
CA ASP C 392 -55.93 -23.72 -7.58
C ASP C 392 -54.67 -24.14 -8.33
N THR C 393 -54.84 -24.51 -9.60
CA THR C 393 -53.72 -25.07 -10.35
C THR C 393 -52.63 -24.05 -10.62
N ASN C 394 -52.92 -22.76 -10.52
CA ASN C 394 -51.91 -21.76 -10.74
C ASN C 394 -51.21 -21.32 -9.46
N ALA C 395 -51.49 -21.96 -8.33
CA ALA C 395 -50.76 -21.66 -7.10
C ALA C 395 -49.26 -21.96 -7.27
N VAL C 396 -48.43 -21.16 -6.59
CA VAL C 396 -46.98 -21.35 -6.56
C VAL C 396 -46.60 -21.95 -5.22
N ILE C 397 -45.68 -22.92 -5.23
CA ILE C 397 -45.30 -23.65 -4.02
C ILE C 397 -43.85 -23.33 -3.69
N GLN C 398 -43.61 -22.89 -2.47
CA GLN C 398 -42.27 -22.55 -2.00
C GLN C 398 -41.82 -23.62 -1.00
N PHE C 399 -40.67 -24.23 -1.24
CA PHE C 399 -40.20 -25.36 -0.44
C PHE C 399 -39.15 -24.89 0.57
N TRP C 400 -39.51 -24.88 1.86
CA TRP C 400 -38.53 -24.84 2.93
C TRP C 400 -37.99 -26.23 3.25
N LYS C 401 -38.73 -27.27 2.89
CA LYS C 401 -38.42 -28.65 3.21
C LYS C 401 -37.74 -29.33 2.03
N GLY C 402 -36.68 -30.09 2.31
CA GLY C 402 -35.94 -30.81 1.30
C GLY C 402 -36.61 -32.11 0.89
N ASN C 403 -37.70 -32.01 0.13
CA ASN C 403 -38.52 -33.15 -0.28
C ASN C 403 -38.65 -33.14 -1.81
N THR C 404 -37.77 -33.88 -2.50
CA THR C 404 -37.74 -33.82 -3.95
C THR C 404 -38.98 -34.49 -4.56
N SER C 405 -39.40 -35.62 -4.00
CA SER C 405 -40.57 -36.30 -4.57
C SER C 405 -41.79 -35.40 -4.53
N LEU C 406 -41.96 -34.64 -3.44
CA LEU C 406 -43.10 -33.72 -3.34
C LEU C 406 -43.02 -32.60 -4.39
N ALA C 407 -41.82 -32.04 -4.60
CA ALA C 407 -41.67 -31.01 -5.63
C ALA C 407 -41.95 -31.58 -7.01
N LYS C 408 -41.46 -32.79 -7.29
CA LYS C 408 -41.75 -33.43 -8.57
C LYS C 408 -43.25 -33.56 -8.76
N ASN C 409 -43.94 -34.10 -7.75
CA ASN C 409 -45.39 -34.20 -7.82
C ASN C 409 -46.05 -32.84 -8.02
N ALA C 410 -45.55 -31.80 -7.31
CA ALA C 410 -46.12 -30.47 -7.48
C ALA C 410 -45.94 -29.98 -8.92
N ILE C 411 -44.79 -30.27 -9.52
CA ILE C 411 -44.55 -29.87 -10.90
C ILE C 411 -45.45 -30.66 -11.84
N ARG C 412 -45.54 -31.98 -11.62
CA ARG C 412 -46.42 -32.81 -12.43
C ARG C 412 -47.87 -32.34 -12.37
N ASP C 413 -48.29 -31.81 -11.23
CA ASP C 413 -49.62 -31.23 -11.10
C ASP C 413 -49.69 -29.80 -11.61
N GLY C 414 -48.65 -29.33 -12.30
CA GLY C 414 -48.70 -28.05 -12.98
C GLY C 414 -48.27 -26.83 -12.18
N HIS C 415 -47.58 -26.99 -11.06
CA HIS C 415 -47.19 -25.86 -10.22
C HIS C 415 -45.76 -25.42 -10.50
N ASP C 416 -45.55 -24.11 -10.62
CA ASP C 416 -44.22 -23.55 -10.48
C ASP C 416 -43.77 -23.69 -9.04
N VAL C 417 -42.48 -23.97 -8.86
CA VAL C 417 -41.97 -24.17 -7.52
C VAL C 417 -40.75 -23.29 -7.31
N ILE C 418 -40.55 -22.89 -6.06
CA ILE C 418 -39.42 -22.10 -5.61
C ILE C 418 -38.72 -22.91 -4.53
N ASN C 419 -37.40 -23.01 -4.60
CA ASN C 419 -36.63 -23.77 -3.61
C ASN C 419 -36.08 -22.80 -2.58
N SER C 420 -36.47 -22.98 -1.32
CA SER C 420 -35.96 -22.20 -0.20
C SER C 420 -35.55 -23.13 0.94
N LEU C 421 -34.87 -24.22 0.61
CA LEU C 421 -34.40 -25.18 1.60
C LEU C 421 -33.87 -24.46 2.82
N HIS C 422 -34.51 -24.68 3.98
CA HIS C 422 -34.25 -23.82 5.12
C HIS C 422 -32.84 -23.97 5.68
N THR C 423 -32.27 -25.18 5.64
CA THR C 423 -30.92 -25.33 6.15
C THR C 423 -29.88 -24.72 5.23
N SER C 424 -30.27 -24.22 4.06
CA SER C 424 -29.35 -23.49 3.20
C SER C 424 -29.71 -22.02 3.01
N THR C 425 -30.96 -21.60 3.22
CA THR C 425 -31.39 -20.28 2.79
C THR C 425 -31.95 -19.39 3.91
N TYR C 426 -31.95 -19.83 5.16
CA TYR C 426 -32.55 -19.03 6.24
C TYR C 426 -31.47 -18.12 6.83
N LEU C 427 -31.51 -16.82 6.44
CA LEU C 427 -30.46 -15.87 6.81
C LEU C 427 -30.50 -15.46 8.28
N ASP C 428 -31.55 -15.82 9.01
CA ASP C 428 -31.49 -15.64 10.45
C ASP C 428 -30.63 -16.70 11.13
N TYR C 429 -30.20 -17.75 10.42
CA TYR C 429 -29.34 -18.75 11.03
C TYR C 429 -27.91 -18.22 11.14
N SER C 430 -27.16 -18.83 12.07
CA SER C 430 -25.77 -18.46 12.30
C SER C 430 -24.90 -18.80 11.09
N TYR C 431 -23.72 -18.18 11.06
CA TYR C 431 -22.73 -18.49 10.04
C TYR C 431 -22.11 -19.88 10.23
N GLY C 432 -22.13 -20.43 11.44
CA GLY C 432 -21.77 -21.82 11.60
C GLY C 432 -22.76 -22.75 10.94
N SER C 433 -24.05 -22.46 11.11
CA SER C 433 -25.08 -23.32 10.52
C SER C 433 -25.15 -23.15 9.00
N ILE C 434 -25.02 -21.91 8.50
CA ILE C 434 -24.98 -21.66 7.06
C ILE C 434 -23.78 -20.77 6.74
N PRO C 435 -22.61 -21.34 6.52
CA PRO C 435 -21.47 -20.53 6.08
C PRO C 435 -21.73 -19.94 4.69
N LEU C 436 -20.93 -18.92 4.37
CA LEU C 436 -21.04 -18.24 3.08
C LEU C 436 -20.93 -19.25 1.94
N GLN C 437 -20.02 -20.21 2.08
CA GLN C 437 -19.83 -21.25 1.07
C GLN C 437 -21.11 -22.07 0.86
N LYS C 438 -21.81 -22.40 1.94
CA LYS C 438 -23.04 -23.18 1.80
C LYS C 438 -24.12 -22.38 1.10
N ALA C 439 -24.22 -21.08 1.39
CA ALA C 439 -25.13 -20.23 0.61
C ALA C 439 -24.73 -20.23 -0.86
N TYR C 440 -23.44 -20.07 -1.15
CA TYR C 440 -22.98 -19.99 -2.54
C TYR C 440 -23.19 -21.32 -3.27
N GLY C 441 -22.97 -22.44 -2.59
CA GLY C 441 -23.14 -23.73 -3.22
C GLY C 441 -24.57 -24.21 -3.39
N PHE C 442 -25.55 -23.45 -2.93
CA PHE C 442 -26.93 -23.91 -2.98
C PHE C 442 -27.37 -24.10 -4.43
N GLU C 443 -28.07 -25.20 -4.69
CA GLU C 443 -28.58 -25.50 -6.03
C GLU C 443 -30.10 -25.56 -5.96
N PRO C 444 -30.82 -24.60 -6.54
CA PRO C 444 -32.29 -24.62 -6.44
C PRO C 444 -32.96 -25.81 -7.13
N VAL C 445 -32.36 -26.38 -8.18
CA VAL C 445 -32.93 -27.59 -8.77
C VAL C 445 -32.76 -28.72 -7.75
N PHE C 446 -33.89 -29.16 -7.17
CA PHE C 446 -33.89 -30.17 -6.12
C PHE C 446 -33.03 -31.36 -6.53
N PRO C 447 -32.22 -31.91 -5.63
CA PRO C 447 -31.33 -33.04 -5.98
C PRO C 447 -32.12 -34.26 -6.45
N GLY C 448 -31.76 -34.76 -7.63
CA GLY C 448 -32.39 -35.93 -8.19
C GLY C 448 -33.54 -35.66 -9.12
N LEU C 449 -33.97 -34.41 -9.27
CA LEU C 449 -35.09 -34.10 -10.14
C LEU C 449 -34.70 -34.27 -11.60
N GLU C 450 -35.48 -35.06 -12.33
CA GLU C 450 -35.19 -35.33 -13.74
C GLU C 450 -35.30 -34.06 -14.58
N LYS C 451 -34.43 -33.97 -15.60
CA LYS C 451 -34.37 -32.80 -16.48
C LYS C 451 -35.75 -32.36 -16.95
N GLN C 452 -36.65 -33.33 -17.14
CA GLN C 452 -38.01 -33.07 -17.62
C GLN C 452 -38.71 -31.99 -16.81
N TYR C 453 -38.37 -31.85 -15.53
CA TYR C 453 -39.10 -31.00 -14.59
C TYR C 453 -38.37 -29.71 -14.23
N HIS C 454 -37.17 -29.48 -14.76
CA HIS C 454 -36.35 -28.37 -14.29
C HIS C 454 -36.93 -27.01 -14.70
N SER C 455 -37.52 -26.93 -15.89
CA SER C 455 -38.07 -25.65 -16.34
C SER C 455 -39.10 -25.08 -15.36
N ARG C 456 -39.68 -25.92 -14.50
CA ARG C 456 -40.69 -25.49 -13.53
C ARG C 456 -40.11 -25.06 -12.19
N VAL C 457 -38.82 -25.29 -11.94
CA VAL C 457 -38.14 -24.72 -10.78
C VAL C 457 -37.77 -23.29 -11.15
N LYS C 458 -38.55 -22.32 -10.67
CA LYS C 458 -38.42 -20.97 -11.19
C LYS C 458 -37.31 -20.16 -10.52
N GLY C 459 -36.79 -20.60 -9.38
CA GLY C 459 -35.76 -19.83 -8.70
C GLY C 459 -35.74 -20.16 -7.22
N LEU C 460 -35.37 -19.15 -6.43
CA LEU C 460 -35.06 -19.36 -5.01
C LEU C 460 -35.48 -18.14 -4.21
N GLY C 461 -35.61 -18.34 -2.91
CA GLY C 461 -35.78 -17.22 -2.00
C GLY C 461 -34.91 -17.40 -0.77
N ALA C 462 -34.29 -16.32 -0.31
CA ALA C 462 -33.55 -16.29 0.96
C ALA C 462 -34.35 -15.49 1.99
N GLN C 463 -34.42 -16.01 3.22
CA GLN C 463 -35.39 -15.55 4.20
C GLN C 463 -34.65 -14.88 5.36
N VAL C 464 -34.99 -13.63 5.63
CA VAL C 464 -34.48 -12.93 6.82
C VAL C 464 -35.61 -12.90 7.84
N TRP C 465 -35.69 -13.96 8.65
CA TRP C 465 -36.62 -13.95 9.78
C TRP C 465 -36.07 -13.08 10.89
N THR C 466 -36.94 -12.37 11.63
CA THR C 466 -36.44 -11.31 12.49
C THR C 466 -36.88 -11.45 13.94
N GLU C 467 -37.09 -12.68 14.43
CA GLU C 467 -37.25 -12.89 15.87
C GLU C 467 -36.13 -12.21 16.67
N TRP C 468 -34.88 -12.41 16.25
CA TRP C 468 -33.71 -11.99 17.03
C TRP C 468 -32.94 -10.87 16.34
N ILE C 469 -33.65 -10.04 15.59
CA ILE C 469 -33.08 -8.95 14.81
C ILE C 469 -33.96 -7.73 15.10
N SER C 470 -33.42 -6.77 15.85
CA SER C 470 -34.19 -5.63 16.32
C SER C 470 -33.70 -4.29 15.79
N THR C 471 -32.63 -4.27 14.99
CA THR C 471 -32.13 -3.03 14.43
C THR C 471 -31.80 -3.26 12.96
N PRO C 472 -31.85 -2.21 12.15
CA PRO C 472 -31.46 -2.40 10.74
C PRO C 472 -30.03 -2.87 10.59
N GLU C 473 -29.14 -2.52 11.52
CA GLU C 473 -27.75 -2.95 11.41
C GLU C 473 -27.59 -4.43 11.75
N ARG C 474 -28.37 -4.96 12.71
CA ARG C 474 -28.37 -6.40 12.89
C ARG C 474 -28.97 -7.10 11.67
N LEU C 475 -29.95 -6.46 11.03
CA LEU C 475 -30.52 -7.03 9.79
C LEU C 475 -29.44 -7.20 8.73
N HIS C 476 -28.61 -6.16 8.55
CA HIS C 476 -27.49 -6.24 7.61
C HIS C 476 -26.51 -7.35 7.99
N TYR C 477 -26.17 -7.45 9.27
CA TYR C 477 -25.19 -8.46 9.70
C TYR C 477 -25.65 -9.87 9.33
N GLN C 478 -26.93 -10.16 9.52
CA GLN C 478 -27.42 -11.49 9.21
C GLN C 478 -27.66 -11.68 7.72
N ALA C 479 -28.09 -10.63 7.01
CA ALA C 479 -28.52 -10.78 5.62
C ALA C 479 -27.37 -10.71 4.63
N PHE C 480 -26.35 -9.91 4.93
CA PHE C 480 -25.20 -9.76 4.05
C PHE C 480 -23.92 -10.21 4.76
N PRO C 481 -23.03 -10.93 4.07
CA PRO C 481 -22.98 -11.11 2.61
C PRO C 481 -23.70 -12.31 2.00
N ARG C 482 -24.45 -13.12 2.75
CA ARG C 482 -25.01 -14.31 2.13
C ARG C 482 -26.03 -13.98 1.05
N ALA C 483 -26.79 -12.89 1.22
CA ALA C 483 -27.68 -12.47 0.14
C ALA C 483 -26.91 -12.26 -1.16
N CYS C 484 -25.69 -11.72 -1.07
CA CYS C 484 -24.85 -11.56 -2.27
C CYS C 484 -24.61 -12.89 -2.96
N ALA C 485 -24.33 -13.95 -2.19
CA ALA C 485 -24.18 -15.28 -2.77
C ALA C 485 -25.49 -15.74 -3.42
N PHE C 486 -26.62 -15.53 -2.75
CA PHE C 486 -27.88 -15.98 -3.31
C PHE C 486 -28.22 -15.22 -4.58
N ALA C 487 -27.89 -13.93 -4.62
CA ALA C 487 -28.08 -13.18 -5.86
C ALA C 487 -27.32 -13.84 -7.01
N GLU C 488 -26.11 -14.34 -6.73
CA GLU C 488 -25.33 -14.98 -7.78
C GLU C 488 -25.89 -16.35 -8.14
N VAL C 489 -26.34 -17.12 -7.14
CA VAL C 489 -27.02 -18.38 -7.43
C VAL C 489 -28.23 -18.13 -8.33
N GLY C 490 -28.98 -17.06 -8.05
CA GLY C 490 -30.16 -16.79 -8.82
C GLY C 490 -29.87 -16.48 -10.27
N TRP C 491 -28.77 -15.78 -10.53
CA TRP C 491 -28.49 -15.16 -11.83
C TRP C 491 -27.46 -15.94 -12.66
N THR C 492 -26.32 -16.30 -12.06
CA THR C 492 -25.16 -16.78 -12.82
C THR C 492 -25.37 -18.22 -13.29
N PRO C 493 -25.01 -18.53 -14.53
CA PRO C 493 -25.19 -19.90 -15.04
C PRO C 493 -24.40 -20.88 -14.20
N ALA C 494 -24.98 -22.07 -14.00
CA ALA C 494 -24.42 -23.06 -13.08
C ALA C 494 -22.96 -23.35 -13.37
N GLY C 495 -22.61 -23.50 -14.66
CA GLY C 495 -21.26 -23.88 -15.01
C GLY C 495 -20.21 -22.81 -14.73
N LYS C 496 -20.62 -21.55 -14.60
CA LYS C 496 -19.68 -20.46 -14.37
C LYS C 496 -19.57 -20.08 -12.89
N LYS C 497 -20.20 -20.85 -12.00
CA LYS C 497 -20.06 -20.60 -10.58
C LYS C 497 -18.68 -21.05 -10.11
N ASP C 498 -18.10 -20.30 -9.17
CA ASP C 498 -16.76 -20.55 -8.67
C ASP C 498 -16.52 -19.78 -7.38
N PHE C 499 -16.41 -20.49 -6.25
CA PHE C 499 -16.45 -19.81 -4.96
C PHE C 499 -15.20 -18.99 -4.67
N PRO C 500 -13.98 -19.48 -4.92
CA PRO C 500 -12.80 -18.61 -4.73
C PRO C 500 -12.89 -17.30 -5.49
N ASP C 501 -13.28 -17.36 -6.77
CA ASP C 501 -13.41 -16.12 -7.54
C ASP C 501 -14.55 -15.26 -7.01
N PHE C 502 -15.61 -15.88 -6.48
CA PHE C 502 -16.68 -15.12 -5.85
C PHE C 502 -16.18 -14.34 -4.65
N LYS C 503 -15.35 -14.98 -3.82
CA LYS C 503 -14.79 -14.32 -2.63
C LYS C 503 -14.01 -13.07 -3.00
N LYS C 504 -13.19 -13.15 -4.05
CA LYS C 504 -12.41 -11.99 -4.45
C LYS C 504 -13.33 -10.87 -4.92
N ARG C 505 -14.31 -11.19 -5.77
CA ARG C 505 -15.27 -10.18 -6.22
C ARG C 505 -16.05 -9.60 -5.05
N LEU C 506 -16.38 -10.44 -4.06
CA LEU C 506 -17.15 -9.99 -2.91
C LEU C 506 -16.36 -8.98 -2.09
N LYS C 507 -15.04 -9.15 -1.99
CA LYS C 507 -14.22 -8.18 -1.27
C LYS C 507 -14.32 -6.81 -1.93
N ALA C 508 -14.26 -6.77 -3.26
CA ALA C 508 -14.48 -5.50 -3.96
C ALA C 508 -15.90 -4.98 -3.74
N TYR C 509 -16.90 -5.86 -3.85
CA TYR C 509 -18.28 -5.40 -3.66
C TYR C 509 -18.50 -4.81 -2.27
N SER C 510 -17.73 -5.26 -1.27
CA SER C 510 -17.91 -4.78 0.10
C SER C 510 -17.61 -3.29 0.23
N GLU C 511 -16.74 -2.75 -0.63
CA GLU C 511 -16.49 -1.30 -0.60
C GLU C 511 -17.77 -0.54 -0.85
N ARG C 512 -18.54 -0.96 -1.86
CA ARG C 512 -19.83 -0.35 -2.13
C ARG C 512 -20.77 -0.49 -0.94
N MET C 513 -20.84 -1.69 -0.35
CA MET C 513 -21.73 -1.89 0.80
C MET C 513 -21.36 -0.95 1.94
N ASP C 514 -20.05 -0.78 2.20
CA ASP C 514 -19.62 0.17 3.23
C ASP C 514 -20.17 1.56 2.97
N LEU C 515 -20.09 2.03 1.72
CA LEU C 515 -20.51 3.39 1.39
C LEU C 515 -22.03 3.53 1.37
N MET C 516 -22.75 2.46 1.11
CA MET C 516 -24.20 2.50 1.16
C MET C 516 -24.75 2.22 2.56
N GLY C 517 -23.87 1.97 3.53
CA GLY C 517 -24.26 1.85 4.91
C GLY C 517 -24.74 0.47 5.35
N ILE C 518 -24.35 -0.58 4.63
CA ILE C 518 -24.81 -1.94 4.90
C ILE C 518 -23.80 -2.60 5.84
N LYS C 519 -24.22 -2.87 7.08
CA LYS C 519 -23.33 -3.41 8.11
C LYS C 519 -23.21 -4.94 7.98
N PHE C 520 -22.63 -5.37 6.86
CA PHE C 520 -22.45 -6.79 6.61
C PHE C 520 -21.49 -7.41 7.63
N ALA C 521 -21.41 -8.74 7.60
CA ALA C 521 -20.51 -9.49 8.47
C ALA C 521 -19.09 -9.45 7.89
N ARG C 522 -18.20 -8.70 8.56
CA ARG C 522 -16.93 -8.37 7.94
C ARG C 522 -16.01 -9.58 7.81
N ASN C 523 -15.85 -10.36 8.88
CA ASN C 523 -14.86 -11.45 8.82
C ASN C 523 -15.30 -12.58 7.89
N VAL C 524 -16.60 -12.70 7.63
CA VAL C 524 -17.09 -13.68 6.66
C VAL C 524 -16.53 -13.41 5.27
N ILE C 525 -16.27 -12.15 4.94
CA ILE C 525 -15.75 -11.80 3.62
C ILE C 525 -14.23 -11.82 3.60
N SER C 526 -13.57 -11.17 4.57
CA SER C 526 -12.14 -10.95 4.47
C SER C 526 -11.34 -12.22 4.74
N GLN C 527 -11.89 -13.18 5.48
CA GLN C 527 -11.13 -14.36 5.86
C GLN C 527 -11.71 -15.61 5.21
N ILE C 528 -10.87 -16.66 5.17
CA ILE C 528 -11.32 -17.98 4.75
C ILE C 528 -12.23 -18.57 5.82
N ASP C 529 -12.87 -19.69 5.50
CA ASP C 529 -13.65 -20.44 6.46
C ASP C 529 -13.22 -21.90 6.35
N LYS C 530 -13.25 -22.61 7.49
CA LYS C 530 -12.79 -23.99 7.55
C LYS C 530 -13.60 -24.94 6.66
N SER C 531 -14.79 -24.54 6.25
CA SER C 531 -15.65 -25.39 5.41
C SER C 531 -15.46 -25.10 3.92
N ASP C 532 -14.48 -24.26 3.57
CA ASP C 532 -14.28 -23.80 2.20
C ASP C 532 -13.48 -24.76 1.33
N PHE C 533 -12.96 -25.86 1.87
CA PHE C 533 -11.97 -26.67 1.18
C PHE C 533 -12.50 -28.03 0.73
N PHE C 534 -13.82 -28.16 0.58
CA PHE C 534 -14.40 -29.46 0.25
C PHE C 534 -13.98 -29.94 -1.13
N ASN C 535 -13.90 -29.04 -2.10
CA ASN C 535 -13.49 -29.38 -3.45
C ASN C 535 -12.02 -29.08 -3.73
N THR C 536 -11.24 -28.78 -2.69
CA THR C 536 -9.83 -28.44 -2.87
C THR C 536 -8.95 -29.69 -2.81
N PRO C 537 -7.97 -29.82 -3.70
CA PRO C 537 -7.10 -31.01 -3.67
C PRO C 537 -6.39 -31.19 -2.34
N ARG C 538 -6.41 -32.41 -1.81
CA ARG C 538 -5.74 -32.75 -0.57
C ARG C 538 -4.41 -33.44 -0.91
N ILE C 539 -3.32 -32.94 -0.34
CA ILE C 539 -2.00 -33.49 -0.60
C ILE C 539 -1.41 -34.22 0.59
N GLY C 540 -2.11 -34.24 1.71
CA GLY C 540 -1.62 -35.00 2.85
C GLY C 540 -2.41 -34.66 4.09
N THR C 541 -2.07 -35.37 5.16
CA THR C 541 -2.66 -35.14 6.46
C THR C 541 -1.54 -35.10 7.49
N TRP C 542 -1.90 -34.74 8.72
CA TRP C 542 -1.03 -34.92 9.88
C TRP C 542 -1.81 -35.64 10.97
N THR C 543 -1.16 -36.63 11.58
CA THR C 543 -1.71 -37.45 12.65
C THR C 543 -0.81 -37.31 13.86
N PRO C 544 -1.22 -37.76 15.05
CA PRO C 544 -0.28 -37.75 16.18
C PRO C 544 1.03 -38.44 15.88
N ALA C 545 1.00 -39.51 15.07
CA ALA C 545 2.23 -40.20 14.70
C ALA C 545 3.15 -39.30 13.88
N THR C 546 2.60 -38.59 12.87
CA THR C 546 3.46 -37.78 12.02
C THR C 546 3.95 -36.52 12.71
N LEU C 547 3.47 -36.23 13.91
CA LEU C 547 3.99 -35.13 14.71
C LEU C 547 5.21 -35.54 15.54
N THR C 548 5.80 -36.70 15.24
CA THR C 548 7.03 -37.10 15.93
C THR C 548 8.24 -36.35 15.41
N ARG C 549 8.21 -35.88 14.17
CA ARG C 549 9.21 -34.95 13.67
C ARG C 549 8.52 -33.72 13.09
N GLU C 550 9.29 -32.63 12.95
CA GLU C 550 8.74 -31.34 12.53
C GLU C 550 8.88 -31.09 11.04
N GLU C 551 9.41 -32.04 10.28
CA GLU C 551 9.56 -31.92 8.84
C GLU C 551 8.63 -32.93 8.16
N HIS C 552 7.82 -32.45 7.24
CA HIS C 552 6.86 -33.29 6.55
C HIS C 552 6.94 -33.02 5.05
N SER C 553 6.83 -34.09 4.25
CA SER C 553 6.91 -33.98 2.81
C SER C 553 5.62 -34.48 2.18
N PHE C 554 5.15 -33.76 1.17
CA PHE C 554 3.94 -34.11 0.43
C PHE C 554 4.21 -33.98 -1.06
N ASP C 555 3.97 -35.05 -1.82
CA ASP C 555 4.17 -35.00 -3.26
C ASP C 555 3.13 -34.12 -3.92
N VAL C 556 3.57 -33.24 -4.84
CA VAL C 556 2.63 -32.42 -5.59
C VAL C 556 2.97 -32.48 -7.07
N THR C 557 3.72 -33.52 -7.48
CA THR C 557 4.18 -33.65 -8.86
C THR C 557 3.01 -33.57 -9.84
N LYS C 558 1.95 -34.35 -9.61
CA LYS C 558 0.82 -34.36 -10.55
C LYS C 558 0.06 -33.05 -10.58
N LEU C 559 0.24 -32.18 -9.59
CA LEU C 559 -0.59 -30.98 -9.46
C LEU C 559 0.09 -29.70 -9.92
N VAL C 560 1.41 -29.71 -10.15
CA VAL C 560 2.12 -28.52 -10.61
C VAL C 560 2.11 -28.55 -12.14
N LYS C 561 1.24 -27.75 -12.75
CA LYS C 561 1.07 -27.77 -14.20
C LYS C 561 1.38 -26.44 -14.87
N ALA C 562 1.53 -25.37 -14.11
CA ALA C 562 1.88 -24.08 -14.69
C ALA C 562 2.58 -23.24 -13.63
N SER C 563 3.32 -22.25 -14.09
CA SER C 563 3.97 -21.32 -13.19
C SER C 563 2.93 -20.51 -12.43
N GLY C 564 3.36 -19.93 -11.32
CA GLY C 564 2.49 -19.04 -10.59
C GLY C 564 2.35 -19.42 -9.14
N LYS C 565 1.45 -18.72 -8.46
CA LYS C 565 1.29 -18.84 -7.03
C LYS C 565 0.40 -20.03 -6.69
N HIS C 566 0.87 -20.86 -5.78
CA HIS C 566 0.15 -22.03 -5.29
C HIS C 566 -0.02 -21.85 -3.80
N THR C 567 -1.22 -22.10 -3.30
CA THR C 567 -1.50 -21.84 -1.90
C THR C 567 -1.65 -23.17 -1.18
N VAL C 568 -0.85 -23.34 -0.12
CA VAL C 568 -0.94 -24.49 0.77
C VAL C 568 -1.68 -24.07 2.03
N THR C 569 -2.71 -24.84 2.38
CA THR C 569 -3.50 -24.58 3.58
C THR C 569 -3.33 -25.76 4.52
N LEU C 570 -2.97 -25.49 5.78
CA LEU C 570 -2.88 -26.53 6.80
C LEU C 570 -4.06 -26.38 7.75
N LEU C 571 -5.03 -27.29 7.65
CA LEU C 571 -6.36 -27.11 8.22
C LEU C 571 -6.59 -28.16 9.31
N TYR C 572 -6.65 -27.71 10.55
CA TYR C 572 -6.95 -28.59 11.67
C TYR C 572 -8.33 -29.23 11.50
N ASP C 573 -8.40 -30.54 11.78
CA ASP C 573 -9.66 -31.28 11.78
C ASP C 573 -10.14 -31.58 13.20
N LYS C 574 -9.32 -32.28 13.99
CA LYS C 574 -9.70 -32.70 15.33
C LYS C 574 -8.46 -32.93 16.18
N GLY C 575 -8.68 -33.20 17.45
CA GLY C 575 -7.61 -33.35 18.42
C GLY C 575 -7.66 -32.23 19.45
N ALA C 576 -6.92 -32.47 20.53
CA ALA C 576 -6.90 -31.53 21.64
C ALA C 576 -5.91 -30.38 21.46
N HIS C 577 -4.93 -30.54 20.58
CA HIS C 577 -3.91 -29.53 20.38
C HIS C 577 -3.92 -29.02 18.95
N ALA C 578 -3.48 -27.78 18.77
CA ALA C 578 -3.28 -27.21 17.46
C ALA C 578 -1.89 -27.60 16.97
N ILE C 579 -1.53 -27.12 15.78
CA ILE C 579 -0.16 -27.16 15.32
C ILE C 579 0.33 -25.73 15.14
N GLU C 580 1.60 -25.51 15.46
CA GLU C 580 2.29 -24.27 15.13
C GLU C 580 3.18 -24.52 13.92
N ILE C 581 3.07 -23.67 12.91
CA ILE C 581 3.70 -23.87 11.61
C ILE C 581 4.79 -22.84 11.43
N GLU C 582 5.99 -23.31 11.07
CA GLU C 582 7.13 -22.43 10.85
C GLU C 582 7.25 -21.99 9.39
N SER C 583 7.23 -22.93 8.46
CA SER C 583 7.51 -22.61 7.06
C SER C 583 6.90 -23.68 6.17
N VAL C 584 6.70 -23.30 4.91
CA VAL C 584 6.30 -24.22 3.86
C VAL C 584 7.14 -23.88 2.63
N ALA C 585 7.71 -24.89 1.99
CA ALA C 585 8.57 -24.68 0.85
C ALA C 585 8.15 -25.60 -0.29
N LEU C 586 8.50 -25.20 -1.51
CA LEU C 586 8.31 -26.00 -2.70
C LEU C 586 9.68 -26.44 -3.22
N TYR C 587 9.80 -27.73 -3.51
CA TYR C 587 11.03 -28.31 -4.05
C TYR C 587 10.79 -28.82 -5.47
N GLU C 588 11.76 -28.57 -6.33
CA GLU C 588 11.79 -29.17 -7.66
C GLU C 588 12.89 -30.24 -7.63
N ASN C 589 12.50 -31.48 -7.90
CA ASN C 589 13.40 -32.62 -7.66
C ASN C 589 13.89 -32.49 -6.22
N SER C 590 15.19 -32.50 -5.96
CA SER C 590 15.72 -32.45 -4.60
C SER C 590 16.20 -31.05 -4.19
N ARG C 591 15.79 -29.98 -4.88
CA ARG C 591 16.28 -28.64 -4.56
C ARG C 591 15.12 -27.66 -4.37
N GLU C 592 15.31 -26.75 -3.42
CA GLU C 592 14.30 -25.76 -3.07
C GLU C 592 14.18 -24.71 -4.16
N VAL C 593 12.94 -24.31 -4.47
CA VAL C 593 12.75 -23.23 -5.45
C VAL C 593 11.86 -22.12 -4.92
N SER C 594 11.22 -22.33 -3.78
CA SER C 594 10.39 -21.27 -3.21
C SER C 594 10.12 -21.60 -1.76
N ARG C 595 9.94 -20.56 -0.95
CA ARG C 595 9.78 -20.76 0.48
C ARG C 595 8.95 -19.64 1.07
N ASP C 596 7.98 -20.00 1.94
CA ASP C 596 7.15 -19.06 2.68
C ASP C 596 7.37 -19.36 4.17
N ALA C 597 8.07 -18.44 4.85
CA ALA C 597 8.32 -18.56 6.29
C ALA C 597 7.51 -17.50 7.02
N HIS C 598 6.51 -17.94 7.79
CA HIS C 598 5.76 -17.08 8.69
C HIS C 598 5.09 -17.96 9.73
N ALA C 599 4.69 -17.34 10.84
CA ALA C 599 4.09 -18.09 11.94
C ALA C 599 2.62 -18.34 11.66
N GLY C 600 2.21 -19.61 11.76
CA GLY C 600 0.81 -19.95 11.66
C GLY C 600 0.42 -20.91 12.77
N ARG C 601 -0.86 -20.89 13.10
CA ARG C 601 -1.41 -21.77 14.13
C ARG C 601 -2.75 -22.29 13.65
N SER C 602 -2.88 -23.62 13.60
CA SER C 602 -4.08 -24.26 13.05
C SER C 602 -4.69 -25.14 14.14
N GLY C 603 -5.70 -24.62 14.82
CA GLY C 603 -6.44 -25.35 15.83
C GLY C 603 -7.92 -25.16 15.65
N ALA C 604 -8.64 -25.14 16.77
CA ALA C 604 -10.07 -24.84 16.71
C ALA C 604 -10.30 -23.47 16.07
N HIS C 605 -9.48 -22.49 16.43
CA HIS C 605 -9.36 -21.23 15.70
C HIS C 605 -8.08 -21.26 14.88
N LYS C 606 -8.06 -20.51 13.77
CA LYS C 606 -7.02 -20.64 12.75
C LYS C 606 -6.46 -19.27 12.37
N GLU C 607 -5.14 -19.16 12.39
CA GLU C 607 -4.42 -17.90 12.15
C GLU C 607 -3.31 -18.14 11.15
N ASN C 608 -3.37 -17.44 10.01
CA ASN C 608 -2.25 -17.42 9.05
C ASN C 608 -1.86 -18.82 8.60
N ILE C 609 -2.86 -19.67 8.32
CA ILE C 609 -2.62 -21.07 8.03
C ILE C 609 -2.40 -21.33 6.54
N GLN C 610 -2.32 -20.25 5.75
CA GLN C 610 -2.14 -20.35 4.32
C GLN C 610 -0.76 -19.83 3.93
N TYR C 611 -0.09 -20.57 3.05
CA TYR C 611 1.29 -20.33 2.67
C TYR C 611 1.37 -20.28 1.16
N ILE C 612 2.09 -19.29 0.63
CA ILE C 612 2.09 -19.01 -0.80
C ILE C 612 3.44 -19.40 -1.37
N LEU C 613 3.43 -20.23 -2.40
CA LEU C 613 4.63 -20.78 -3.01
C LEU C 613 4.65 -20.38 -4.48
N ASN C 614 5.78 -19.88 -4.95
CA ASN C 614 5.95 -19.51 -6.34
C ASN C 614 6.43 -20.74 -7.11
N ALA C 615 5.58 -21.25 -7.97
CA ALA C 615 6.08 -22.39 -8.71
C ALA C 615 6.64 -21.94 -10.05
N PRO C 616 7.72 -22.55 -10.49
CA PRO C 616 8.19 -22.33 -11.85
C PRO C 616 7.27 -23.01 -12.85
N ALA C 617 7.34 -22.55 -14.10
CA ALA C 617 6.85 -23.38 -15.18
C ALA C 617 7.41 -24.79 -14.97
N PRO C 618 6.57 -25.83 -14.97
CA PRO C 618 7.04 -27.15 -14.54
C PRO C 618 8.09 -27.73 -15.48
N ARG C 619 9.05 -28.41 -14.89
CA ARG C 619 10.06 -29.15 -15.64
C ARG C 619 9.49 -30.54 -15.91
N GLN C 620 9.34 -30.88 -17.19
CA GLN C 620 8.82 -32.19 -17.52
C GLN C 620 9.70 -33.29 -16.92
N GLY C 621 9.06 -34.31 -16.34
CA GLY C 621 9.76 -35.43 -15.75
C GLY C 621 10.34 -35.18 -14.38
N ALA C 622 10.22 -33.97 -13.83
CA ALA C 622 10.68 -33.71 -12.48
C ALA C 622 9.61 -34.09 -11.47
N THR C 623 10.01 -34.23 -10.22
CA THR C 623 9.06 -34.31 -9.13
C THR C 623 8.93 -32.93 -8.50
N TYR C 624 7.80 -32.72 -7.81
CA TYR C 624 7.58 -31.51 -7.04
C TYR C 624 7.10 -31.95 -5.67
N THR C 625 7.59 -31.27 -4.63
CA THR C 625 7.37 -31.69 -3.25
C THR C 625 7.12 -30.45 -2.40
N VAL C 626 6.07 -30.48 -1.61
CA VAL C 626 5.84 -29.44 -0.61
C VAL C 626 6.44 -29.92 0.70
N LYS C 627 7.21 -29.06 1.35
CA LYS C 627 7.77 -29.38 2.67
C LYS C 627 7.24 -28.35 3.65
N ALA C 628 6.76 -28.83 4.78
CA ALA C 628 6.11 -28.00 5.78
C ALA C 628 6.71 -28.31 7.14
N ASN C 629 7.08 -27.26 7.88
CA ASN C 629 7.67 -27.39 9.21
C ASN C 629 6.61 -27.00 10.23
N PHE C 630 6.08 -27.99 10.95
CA PHE C 630 5.12 -27.70 11.99
C PHE C 630 5.26 -28.74 13.10
N LYS C 631 4.81 -28.35 14.29
CA LYS C 631 4.82 -29.20 15.47
C LYS C 631 3.53 -28.97 16.24
N GLY C 632 3.20 -29.94 17.09
CA GLY C 632 2.06 -29.78 17.97
C GLY C 632 2.29 -28.68 18.99
N ALA C 633 1.23 -27.95 19.32
CA ALA C 633 1.29 -26.88 20.31
C ALA C 633 0.89 -27.46 21.67
N GLY C 634 1.88 -27.67 22.54
CA GLY C 634 1.64 -28.18 23.87
C GLY C 634 1.38 -29.68 23.95
N GLY C 635 1.20 -30.35 22.82
CA GLY C 635 0.93 -31.77 22.81
C GLY C 635 1.06 -32.29 21.39
N ARG C 636 0.82 -33.58 21.23
CA ARG C 636 0.90 -34.20 19.92
C ARG C 636 -0.44 -34.76 19.43
N ASP C 637 -1.52 -34.59 20.21
CA ASP C 637 -2.84 -35.06 19.82
C ASP C 637 -3.50 -34.05 18.88
N SER C 638 -3.21 -34.19 17.58
CA SER C 638 -3.75 -33.28 16.58
C SER C 638 -3.91 -34.02 15.26
N HIS C 639 -5.01 -33.74 14.57
CA HIS C 639 -5.26 -34.26 13.23
C HIS C 639 -5.63 -33.09 12.31
N GLY C 640 -5.15 -33.15 11.08
CA GLY C 640 -5.49 -32.10 10.12
C GLY C 640 -5.15 -32.52 8.71
N THR C 641 -5.62 -31.71 7.76
CA THR C 641 -5.50 -31.97 6.33
C THR C 641 -4.74 -30.82 5.67
N VAL C 642 -3.91 -31.14 4.69
CA VAL C 642 -3.12 -30.14 3.97
C VAL C 642 -3.67 -30.07 2.55
N TYR C 643 -4.14 -28.89 2.16
CA TYR C 643 -4.71 -28.64 0.85
C TYR C 643 -3.75 -27.83 -0.02
N PHE C 644 -3.94 -27.93 -1.33
CA PHE C 644 -3.06 -27.32 -2.32
C PHE C 644 -3.92 -26.73 -3.42
N GLU C 645 -3.83 -25.41 -3.62
CA GLU C 645 -4.64 -24.71 -4.61
C GLU C 645 -3.74 -24.13 -5.68
N THR C 646 -4.13 -24.30 -6.94
CA THR C 646 -3.40 -23.79 -8.09
C THR C 646 -3.88 -22.39 -8.44
N PRO C 647 -3.13 -21.67 -9.31
CA PRO C 647 -3.55 -20.32 -9.73
C PRO C 647 -4.95 -20.26 -10.36
#